data_4JUR
#
_entry.id   4JUR
#
_cell.length_a   88.951
_cell.length_b   89.125
_cell.length_c   271.948
_cell.angle_alpha   90.00
_cell.angle_beta   90.00
_cell.angle_gamma   90.00
#
_symmetry.space_group_name_H-M   'P 21 21 21'
#
loop_
_entity.id
_entity.type
_entity.pdbx_description
1 polymer 'Putative cytoplasmic protein'
2 polymer 'Uncharacterized protein'
3 water water
#
loop_
_entity_poly.entity_id
_entity_poly.type
_entity_poly.pdbx_seq_one_letter_code
_entity_poly.pdbx_strand_id
1 'polypeptide(L)'
;H(MSE)AS(MSE)TGGQQ(MSE)GRGS(MSE)NRPSFNEAWLAFRKVNHSVADVGSIIGGNVGKNITGGYFQNACPIR
(MSE)SYVLNATGFPIARNSPYAKVSGADNKFYIYRVND(MSE)IDYLTHT(MSE)GKPDLIVNNPKQSDFIGKKGIIVV
KGHGWSNARGHVTLWNGSICSDQCHLLNDPDNGPFVPEVGTLWILP
;
A,B,C,D,E,F,G,H
2 'polypeptide(L)'
;QTLPDISTFSQQQIFENWVQNRCIGKIADSKSLKEDADASAAAWLEASNLPAENFEKADEVIVSLLKQKVGGTEPGHYQI
LKCTLIANSDAIRPLKSSKHHHHHH
;
I,J,K,L,M,N,O,P
#
# COMPACT_ATOMS: atom_id res chain seq x y z
N ASN A 17 -34.70 -67.26 -33.25
CA ASN A 17 -33.97 -66.14 -32.63
C ASN A 17 -33.05 -66.52 -31.46
N ARG A 18 -33.49 -67.49 -30.66
CA ARG A 18 -32.74 -67.95 -29.49
C ARG A 18 -32.50 -69.45 -29.59
N PRO A 19 -31.36 -69.93 -29.07
CA PRO A 19 -31.09 -71.37 -28.97
C PRO A 19 -32.05 -72.03 -28.01
N SER A 20 -31.99 -73.35 -27.92
CA SER A 20 -32.88 -74.08 -27.03
C SER A 20 -32.12 -74.35 -25.75
N PHE A 21 -32.81 -74.61 -24.65
CA PHE A 21 -32.11 -74.76 -23.39
C PHE A 21 -31.20 -75.97 -23.28
N ASN A 22 -31.66 -77.15 -23.64
CA ASN A 22 -30.85 -78.36 -23.46
C ASN A 22 -29.54 -78.36 -24.24
N GLU A 23 -29.61 -77.86 -25.48
CA GLU A 23 -28.44 -77.65 -26.32
C GLU A 23 -27.44 -76.77 -25.61
N ALA A 24 -27.91 -75.58 -25.25
CA ALA A 24 -27.10 -74.59 -24.57
C ALA A 24 -26.40 -75.18 -23.34
N TRP A 25 -27.18 -75.81 -22.47
CA TRP A 25 -26.64 -76.43 -21.26
C TRP A 25 -25.55 -77.47 -21.57
N LEU A 26 -25.70 -78.17 -22.69
CA LEU A 26 -24.68 -79.13 -23.12
C LEU A 26 -23.38 -78.51 -23.64
N ALA A 27 -23.53 -77.51 -24.50
CA ALA A 27 -22.37 -76.79 -25.04
C ALA A 27 -21.60 -76.18 -23.86
N PHE A 28 -22.34 -75.62 -22.93
CA PHE A 28 -21.72 -75.07 -21.75
C PHE A 28 -20.94 -76.13 -21.01
N ARG A 29 -21.54 -77.31 -20.80
CA ARG A 29 -20.81 -78.44 -20.22
C ARG A 29 -19.48 -78.66 -20.92
N LYS A 30 -19.46 -78.53 -22.25
CA LYS A 30 -18.20 -78.68 -23.00
C LYS A 30 -17.15 -77.62 -22.63
N VAL A 31 -17.57 -76.37 -22.43
CA VAL A 31 -16.57 -75.40 -21.97
C VAL A 31 -16.53 -75.11 -20.46
N ASN A 32 -17.26 -75.87 -19.64
CA ASN A 32 -17.25 -75.62 -18.20
C ASN A 32 -15.99 -76.14 -17.52
N HIS A 33 -14.84 -75.65 -17.97
CA HIS A 33 -13.55 -76.03 -17.38
C HIS A 33 -12.65 -74.80 -17.20
N SER A 34 -11.42 -75.04 -16.73
CA SER A 34 -10.46 -73.96 -16.49
C SER A 34 -10.27 -73.15 -17.77
N VAL A 35 -9.78 -71.93 -17.62
CA VAL A 35 -9.61 -71.04 -18.76
C VAL A 35 -8.51 -71.56 -19.68
N ALA A 36 -7.47 -72.16 -19.11
CA ALA A 36 -6.45 -72.86 -19.90
C ALA A 36 -7.04 -73.96 -20.83
N ASP A 37 -7.94 -74.77 -20.27
CA ASP A 37 -8.67 -75.76 -21.06
C ASP A 37 -9.51 -75.14 -22.14
N VAL A 38 -10.24 -74.08 -21.78
CA VAL A 38 -11.09 -73.37 -22.72
C VAL A 38 -10.25 -72.94 -23.94
N GLY A 39 -9.05 -72.43 -23.64
CA GLY A 39 -8.08 -72.08 -24.67
C GLY A 39 -7.63 -73.23 -25.55
N SER A 40 -7.31 -74.38 -24.94
CA SER A 40 -6.97 -75.59 -25.73
C SER A 40 -8.09 -75.95 -26.68
N ILE A 41 -9.32 -75.88 -26.16
CA ILE A 41 -10.48 -76.38 -26.84
C ILE A 41 -10.77 -75.51 -28.03
N ILE A 42 -10.86 -74.21 -27.80
CA ILE A 42 -11.21 -73.31 -28.89
C ILE A 42 -10.01 -73.05 -29.80
N GLY A 43 -8.83 -72.92 -29.21
CA GLY A 43 -7.62 -72.68 -29.98
C GLY A 43 -7.75 -71.45 -30.86
N GLY A 44 -6.90 -71.35 -31.89
CA GLY A 44 -6.86 -70.15 -32.71
C GLY A 44 -6.40 -68.92 -31.93
N ASN A 45 -6.95 -67.75 -32.28
CA ASN A 45 -6.57 -66.54 -31.55
C ASN A 45 -7.08 -66.52 -30.13
N VAL A 46 -8.25 -67.09 -29.90
CA VAL A 46 -8.73 -67.24 -28.54
C VAL A 46 -7.68 -67.97 -27.71
N GLY A 47 -7.22 -69.09 -28.24
CA GLY A 47 -6.20 -69.89 -27.59
C GLY A 47 -4.92 -69.09 -27.37
N LYS A 48 -4.45 -68.43 -28.42
CA LYS A 48 -3.23 -67.64 -28.35
C LYS A 48 -3.30 -66.55 -27.26
N ASN A 49 -4.43 -65.87 -27.16
CA ASN A 49 -4.60 -64.83 -26.15
C ASN A 49 -4.69 -65.38 -24.74
N ILE A 50 -5.32 -66.55 -24.60
CA ILE A 50 -5.38 -67.24 -23.32
C ILE A 50 -3.96 -67.69 -22.87
N THR A 51 -3.19 -68.26 -23.78
CA THR A 51 -1.86 -68.74 -23.46
C THR A 51 -0.92 -67.59 -23.11
N GLY A 52 -1.06 -66.49 -23.83
CA GLY A 52 -0.23 -65.34 -23.58
C GLY A 52 -0.61 -64.61 -22.29
N GLY A 53 -1.65 -65.06 -21.62
CA GLY A 53 -2.08 -64.40 -20.40
C GLY A 53 -2.94 -63.16 -20.60
N TYR A 54 -3.27 -62.81 -21.83
CA TYR A 54 -4.10 -61.61 -22.10
C TYR A 54 -5.55 -61.76 -21.64
N PHE A 55 -6.15 -62.93 -21.85
CA PHE A 55 -7.49 -63.18 -21.33
C PHE A 55 -7.38 -64.07 -20.11
N GLN A 56 -8.00 -63.65 -19.01
CA GLN A 56 -8.02 -64.48 -17.83
C GLN A 56 -9.45 -64.88 -17.46
N ASN A 57 -10.39 -63.98 -17.71
CA ASN A 57 -11.80 -64.27 -17.48
C ASN A 57 -12.46 -64.94 -18.69
N ALA A 58 -12.79 -66.22 -18.54
CA ALA A 58 -13.28 -67.01 -19.66
C ALA A 58 -14.79 -67.04 -19.75
N CYS A 59 -15.46 -66.39 -18.82
CA CYS A 59 -16.93 -66.35 -18.79
C CYS A 59 -17.58 -65.91 -20.13
N PRO A 60 -17.14 -64.76 -20.68
CA PRO A 60 -17.73 -64.39 -21.96
C PRO A 60 -17.25 -65.28 -23.11
N ILE A 61 -16.08 -65.87 -22.98
CA ILE A 61 -15.65 -66.84 -23.99
C ILE A 61 -16.58 -68.05 -24.03
N ARG A 62 -16.96 -68.56 -22.86
CA ARG A 62 -17.84 -69.71 -22.73
C ARG A 62 -19.22 -69.37 -23.27
N SER A 64 -19.89 -67.17 -25.46
CA SER A 64 -19.65 -67.08 -26.90
C SER A 64 -19.65 -68.48 -27.55
N TYR A 65 -19.01 -69.42 -26.87
CA TYR A 65 -18.92 -70.78 -27.37
C TYR A 65 -20.29 -71.42 -27.39
N VAL A 66 -21.06 -71.20 -26.34
CA VAL A 66 -22.41 -71.73 -26.26
C VAL A 66 -23.25 -71.21 -27.43
N LEU A 67 -23.15 -69.92 -27.74
CA LEU A 67 -23.89 -69.36 -28.88
C LEU A 67 -23.41 -69.87 -30.24
N ASN A 68 -22.11 -70.08 -30.36
CA ASN A 68 -21.51 -70.59 -31.60
C ASN A 68 -21.79 -72.07 -31.83
N ALA A 69 -22.11 -72.79 -30.76
CA ALA A 69 -22.27 -74.25 -30.85
C ALA A 69 -23.73 -74.67 -30.95
N THR A 70 -24.63 -73.69 -30.82
CA THR A 70 -26.05 -73.98 -30.83
C THR A 70 -26.75 -73.28 -31.99
N GLY A 71 -25.98 -72.95 -33.02
CA GLY A 71 -26.53 -72.36 -34.23
C GLY A 71 -26.98 -70.91 -34.15
N PHE A 72 -26.36 -70.13 -33.27
CA PHE A 72 -26.63 -68.69 -33.22
C PHE A 72 -25.31 -67.94 -33.09
N PRO A 73 -24.54 -67.95 -34.18
CA PRO A 73 -23.14 -67.57 -34.17
C PRO A 73 -23.04 -66.07 -34.01
N ILE A 74 -21.99 -65.62 -33.35
CA ILE A 74 -21.71 -64.19 -33.23
C ILE A 74 -21.25 -63.75 -34.61
N ALA A 75 -21.98 -62.77 -35.17
CA ALA A 75 -21.69 -62.28 -36.51
C ALA A 75 -20.31 -61.65 -36.61
N ARG A 76 -19.66 -61.81 -37.76
CA ARG A 76 -18.29 -61.30 -38.00
C ARG A 76 -18.19 -59.79 -37.89
N ASN A 77 -19.30 -59.13 -38.19
CA ASN A 77 -19.31 -57.67 -38.23
C ASN A 77 -20.05 -57.06 -37.03
N SER A 78 -20.24 -57.87 -35.99
CA SER A 78 -20.95 -57.41 -34.79
C SER A 78 -20.12 -56.37 -34.05
N PRO A 79 -20.77 -55.29 -33.58
CA PRO A 79 -20.08 -54.10 -33.03
C PRO A 79 -19.50 -54.34 -31.64
N TYR A 80 -18.87 -55.49 -31.44
CA TYR A 80 -18.29 -55.86 -30.16
C TYR A 80 -16.91 -56.44 -30.37
N ALA A 81 -16.02 -56.23 -29.41
CA ALA A 81 -14.66 -56.75 -29.54
C ALA A 81 -14.69 -58.26 -29.54
N LYS A 82 -14.15 -58.87 -30.60
CA LYS A 82 -14.09 -60.33 -30.67
C LYS A 82 -12.83 -60.81 -31.37
N VAL A 83 -12.37 -62.02 -31.02
CA VAL A 83 -11.29 -62.64 -31.77
C VAL A 83 -11.76 -63.99 -32.27
N SER A 84 -11.00 -64.63 -33.15
CA SER A 84 -11.45 -65.88 -33.76
C SER A 84 -10.82 -67.11 -33.14
N GLY A 85 -11.53 -68.23 -33.25
CA GLY A 85 -11.03 -69.52 -32.78
C GLY A 85 -10.55 -70.34 -33.95
N ALA A 86 -10.09 -71.57 -33.68
CA ALA A 86 -9.74 -72.50 -34.76
C ALA A 86 -10.90 -72.64 -35.75
N ASP A 87 -12.08 -72.91 -35.21
CA ASP A 87 -13.32 -73.02 -35.98
C ASP A 87 -13.69 -71.82 -36.84
N ASN A 88 -12.84 -70.79 -36.86
CA ASN A 88 -13.08 -69.55 -37.59
C ASN A 88 -14.33 -68.79 -37.17
N LYS A 89 -14.91 -69.19 -36.04
CA LYS A 89 -16.06 -68.50 -35.46
C LYS A 89 -15.54 -67.43 -34.49
N PHE A 90 -16.43 -66.62 -33.95
CA PHE A 90 -16.02 -65.42 -33.23
C PHE A 90 -16.42 -65.40 -31.78
N TYR A 91 -15.47 -64.99 -30.95
CA TYR A 91 -15.60 -65.00 -29.50
C TYR A 91 -15.38 -63.60 -28.91
N ILE A 92 -16.43 -63.12 -28.27
CA ILE A 92 -16.43 -61.87 -27.53
C ILE A 92 -15.69 -62.12 -26.22
N TYR A 93 -14.69 -61.29 -25.91
CA TYR A 93 -13.82 -61.54 -24.76
C TYR A 93 -14.02 -60.58 -23.57
N ARG A 94 -14.95 -59.64 -23.69
CA ARG A 94 -15.19 -58.71 -22.58
C ARG A 94 -16.58 -58.93 -22.03
N VAL A 95 -16.69 -58.94 -20.71
CA VAL A 95 -17.96 -59.19 -20.05
C VAL A 95 -18.98 -58.12 -20.41
N ASN A 96 -18.55 -56.87 -20.35
CA ASN A 96 -19.38 -55.75 -20.71
C ASN A 96 -19.96 -55.85 -22.14
N ASP A 97 -19.08 -56.15 -23.12
CA ASP A 97 -19.49 -56.44 -24.49
C ASP A 97 -20.41 -57.67 -24.59
N ILE A 99 -22.56 -58.81 -22.27
CA ILE A 99 -23.83 -58.37 -21.71
C ILE A 99 -24.57 -57.46 -22.68
N ASP A 100 -23.89 -56.45 -23.23
CA ASP A 100 -24.51 -55.60 -24.26
C ASP A 100 -25.02 -56.44 -25.45
N TYR A 101 -24.20 -57.41 -25.87
CA TYR A 101 -24.56 -58.27 -27.00
C TYR A 101 -25.87 -59.01 -26.75
N LEU A 102 -26.08 -59.52 -25.55
CA LEU A 102 -27.33 -60.22 -25.28
C LEU A 102 -28.56 -59.35 -25.56
N THR A 103 -28.53 -58.08 -25.15
CA THR A 103 -29.68 -57.21 -25.34
C THR A 103 -29.82 -56.70 -26.78
N HIS A 104 -28.69 -56.45 -27.44
CA HIS A 104 -28.71 -56.08 -28.84
C HIS A 104 -29.20 -57.19 -29.76
N THR A 105 -28.93 -58.44 -29.36
CA THR A 105 -29.14 -59.60 -30.25
C THR A 105 -30.38 -60.45 -29.90
N GLY A 107 -33.09 -58.97 -27.79
CA GLY A 107 -34.17 -58.09 -27.42
C GLY A 107 -34.44 -58.01 -25.93
N LYS A 108 -35.60 -57.48 -25.57
CA LYS A 108 -35.96 -57.29 -24.17
C LYS A 108 -35.95 -58.60 -23.38
N PRO A 109 -35.32 -58.59 -22.20
CA PRO A 109 -35.31 -59.79 -21.36
C PRO A 109 -36.72 -60.12 -20.89
N ASP A 110 -36.87 -61.26 -20.25
CA ASP A 110 -38.17 -61.63 -19.69
C ASP A 110 -38.24 -61.29 -18.23
N LEU A 111 -37.07 -61.12 -17.62
CA LEU A 111 -37.10 -60.81 -16.20
C LEU A 111 -35.98 -59.87 -15.82
N ILE A 112 -36.30 -58.85 -15.02
CA ILE A 112 -35.29 -58.00 -14.41
C ILE A 112 -35.60 -57.90 -12.90
N VAL A 113 -34.59 -58.10 -12.05
CA VAL A 113 -34.83 -58.19 -10.62
C VAL A 113 -33.76 -57.46 -9.80
N ASN A 114 -34.18 -56.53 -8.98
CA ASN A 114 -33.21 -55.87 -8.11
C ASN A 114 -32.96 -56.73 -6.88
N ASN A 115 -31.73 -56.69 -6.35
CA ASN A 115 -31.31 -57.60 -5.29
C ASN A 115 -31.70 -59.09 -5.51
N PRO A 116 -31.16 -59.70 -6.57
CA PRO A 116 -31.61 -61.02 -7.02
C PRO A 116 -31.12 -62.19 -6.17
N LYS A 117 -32.03 -63.12 -5.87
CA LYS A 117 -31.71 -64.38 -5.23
C LYS A 117 -32.40 -65.47 -6.04
N GLN A 118 -31.98 -66.72 -5.85
CA GLN A 118 -32.49 -67.84 -6.65
C GLN A 118 -34.00 -67.94 -6.76
N SER A 119 -34.69 -67.78 -5.63
CA SER A 119 -36.13 -67.92 -5.57
C SER A 119 -36.85 -67.02 -6.58
N ASP A 120 -36.23 -65.90 -6.94
CA ASP A 120 -36.82 -64.93 -7.87
C ASP A 120 -36.88 -65.43 -9.30
N PHE A 121 -36.09 -66.45 -9.61
CA PHE A 121 -36.00 -66.93 -10.98
C PHE A 121 -36.59 -68.32 -11.10
N ILE A 122 -37.36 -68.71 -10.10
CA ILE A 122 -37.88 -70.06 -10.03
C ILE A 122 -38.89 -70.34 -11.14
N GLY A 123 -38.86 -71.58 -11.67
CA GLY A 123 -39.79 -72.01 -12.71
C GLY A 123 -39.52 -71.48 -14.12
N LYS A 124 -38.42 -70.75 -14.26
CA LYS A 124 -38.03 -70.24 -15.58
C LYS A 124 -36.63 -70.75 -15.89
N LYS A 125 -36.19 -70.64 -17.15
CA LYS A 125 -34.87 -71.16 -17.52
C LYS A 125 -34.24 -70.44 -18.72
N GLY A 126 -32.92 -70.28 -18.70
CA GLY A 126 -32.22 -69.70 -19.83
C GLY A 126 -30.94 -68.95 -19.47
N ILE A 127 -30.65 -67.90 -20.22
CA ILE A 127 -29.45 -67.13 -19.98
C ILE A 127 -29.72 -66.12 -18.89
N ILE A 128 -28.95 -66.18 -17.82
CA ILE A 128 -29.07 -65.20 -16.74
C ILE A 128 -27.81 -64.32 -16.68
N VAL A 129 -28.04 -63.04 -16.40
CA VAL A 129 -26.98 -62.04 -16.19
C VAL A 129 -27.10 -61.42 -14.81
N VAL A 130 -26.02 -61.44 -14.05
CA VAL A 130 -25.99 -60.78 -12.76
C VAL A 130 -24.96 -59.66 -12.78
N LYS A 131 -25.42 -58.43 -12.63
CA LYS A 131 -24.52 -57.27 -12.58
C LYS A 131 -24.39 -56.81 -11.15
N GLY A 132 -23.28 -56.15 -10.83
CA GLY A 132 -23.03 -55.69 -9.47
C GLY A 132 -21.60 -55.22 -9.25
N HIS A 133 -21.26 -54.86 -8.01
CA HIS A 133 -19.94 -54.25 -7.75
C HIS A 133 -19.07 -55.13 -6.86
N GLY A 134 -17.77 -54.94 -6.90
CA GLY A 134 -16.84 -55.68 -6.06
C GLY A 134 -15.76 -56.42 -6.85
N TRP A 135 -16.05 -56.72 -8.12
CA TRP A 135 -15.07 -57.31 -9.02
C TRP A 135 -14.46 -56.20 -9.86
N SER A 136 -13.15 -55.99 -9.73
CA SER A 136 -12.50 -54.92 -10.46
C SER A 136 -12.29 -55.23 -11.93
N ASN A 137 -12.46 -56.50 -12.31
CA ASN A 137 -12.31 -56.90 -13.72
C ASN A 137 -13.62 -57.24 -14.43
N ALA A 138 -14.74 -57.15 -13.72
CA ALA A 138 -15.99 -57.62 -14.29
C ALA A 138 -17.18 -56.94 -13.68
N ARG A 139 -18.01 -56.35 -14.54
CA ARG A 139 -19.25 -55.71 -14.16
C ARG A 139 -20.26 -56.76 -13.64
N GLY A 140 -20.02 -58.00 -13.99
CA GLY A 140 -20.88 -59.07 -13.52
C GLY A 140 -20.59 -60.38 -14.20
N HIS A 141 -21.60 -61.24 -14.20
CA HIS A 141 -21.45 -62.63 -14.56
C HIS A 141 -22.57 -63.06 -15.51
N VAL A 142 -22.24 -63.89 -16.49
CA VAL A 142 -23.20 -64.40 -17.45
C VAL A 142 -23.15 -65.91 -17.42
N THR A 143 -24.29 -66.57 -17.22
CA THR A 143 -24.28 -68.02 -17.16
C THR A 143 -25.66 -68.61 -17.51
N LEU A 144 -25.79 -69.93 -17.52
CA LEU A 144 -27.11 -70.53 -17.73
C LEU A 144 -27.79 -70.93 -16.42
N TRP A 145 -29.11 -70.82 -16.39
CA TRP A 145 -29.91 -71.12 -15.21
C TRP A 145 -31.03 -72.08 -15.60
N ASN A 146 -31.12 -73.21 -14.89
CA ASN A 146 -32.09 -74.26 -15.21
C ASN A 146 -33.33 -74.25 -14.34
N GLY A 147 -33.54 -73.17 -13.59
CA GLY A 147 -34.65 -73.10 -12.67
C GLY A 147 -34.30 -73.54 -11.26
N SER A 148 -33.09 -74.05 -11.04
CA SER A 148 -32.66 -74.44 -9.69
C SER A 148 -31.20 -74.11 -9.45
N ILE A 149 -30.37 -74.36 -10.47
CA ILE A 149 -28.94 -74.12 -10.35
C ILE A 149 -28.42 -73.49 -11.62
N CYS A 150 -27.18 -72.99 -11.56
CA CYS A 150 -26.53 -72.47 -12.75
C CYS A 150 -25.54 -73.47 -13.31
N SER A 151 -25.21 -73.33 -14.58
CA SER A 151 -24.26 -74.24 -15.21
C SER A 151 -22.85 -74.11 -14.62
N ASP A 152 -22.54 -72.94 -14.04
CA ASP A 152 -21.35 -72.80 -13.17
C ASP A 152 -21.71 -72.27 -11.77
N GLN A 153 -21.54 -70.98 -11.51
CA GLN A 153 -22.03 -70.39 -10.27
C GLN A 153 -22.95 -69.21 -10.63
N CYS A 154 -24.00 -69.02 -9.87
CA CYS A 154 -24.96 -67.98 -10.21
C CYS A 154 -24.50 -66.62 -9.78
N HIS A 155 -23.77 -66.57 -8.67
CA HIS A 155 -23.40 -65.31 -8.02
C HIS A 155 -24.59 -64.42 -7.71
N LEU A 156 -25.71 -65.04 -7.34
CA LEU A 156 -26.87 -64.32 -6.83
C LEU A 156 -26.61 -64.00 -5.36
N LEU A 157 -27.60 -63.48 -4.66
CA LEU A 157 -27.39 -63.09 -3.27
C LEU A 157 -26.94 -64.27 -2.42
N ASN A 158 -25.85 -64.07 -1.69
CA ASN A 158 -25.29 -65.06 -0.75
C ASN A 158 -24.50 -66.22 -1.35
N ASP A 159 -24.23 -66.19 -2.66
CA ASP A 159 -23.43 -67.23 -3.27
C ASP A 159 -22.10 -67.27 -2.53
N PRO A 160 -21.69 -68.47 -2.09
CA PRO A 160 -20.44 -68.68 -1.35
C PRO A 160 -19.19 -68.40 -2.17
N ASP A 161 -19.34 -68.20 -3.48
CA ASP A 161 -18.21 -67.87 -4.34
C ASP A 161 -18.20 -66.40 -4.76
N ASN A 162 -18.99 -65.57 -4.09
CA ASN A 162 -19.08 -64.17 -4.49
C ASN A 162 -17.80 -63.42 -4.16
N GLY A 163 -17.28 -63.65 -2.97
CA GLY A 163 -16.11 -62.91 -2.56
C GLY A 163 -16.60 -61.52 -2.25
N PRO A 164 -15.94 -60.50 -2.81
CA PRO A 164 -16.36 -59.10 -2.69
C PRO A 164 -17.51 -58.71 -3.64
N PHE A 165 -17.95 -59.61 -4.51
CA PHE A 165 -19.05 -59.32 -5.44
C PHE A 165 -20.44 -59.24 -4.79
N VAL A 166 -21.00 -58.04 -4.78
CA VAL A 166 -22.39 -57.79 -4.38
C VAL A 166 -23.27 -57.61 -5.64
N PRO A 167 -24.16 -58.58 -5.89
CA PRO A 167 -25.04 -58.57 -7.07
C PRO A 167 -26.18 -57.59 -6.87
N GLU A 168 -26.39 -56.69 -7.82
CA GLU A 168 -27.42 -55.65 -7.71
C GLU A 168 -28.64 -55.93 -8.58
N VAL A 169 -28.43 -56.38 -9.79
CA VAL A 169 -29.57 -56.72 -10.63
C VAL A 169 -29.33 -58.07 -11.31
N GLY A 170 -30.38 -58.88 -11.41
CA GLY A 170 -30.29 -60.09 -12.18
C GLY A 170 -31.28 -59.99 -13.32
N THR A 171 -30.86 -60.36 -14.52
CA THR A 171 -31.81 -60.36 -15.62
C THR A 171 -31.76 -61.66 -16.41
N LEU A 172 -32.93 -62.10 -16.87
CA LEU A 172 -33.09 -63.41 -17.48
C LEU A 172 -33.81 -63.35 -18.83
N TRP A 173 -33.16 -63.93 -19.84
CA TRP A 173 -33.80 -64.24 -21.10
C TRP A 173 -34.09 -65.74 -21.10
N ILE A 174 -35.37 -66.07 -21.17
CA ILE A 174 -35.80 -67.44 -21.21
C ILE A 174 -35.34 -68.12 -22.51
N LEU A 175 -34.83 -69.33 -22.36
CA LEU A 175 -34.53 -70.17 -23.49
C LEU A 175 -35.59 -71.27 -23.53
N PRO A 176 -36.08 -71.60 -24.73
CA PRO A 176 -37.05 -72.68 -24.94
C PRO A 176 -36.41 -74.09 -24.83
N ASN B 17 -44.24 -48.99 -9.51
CA ASN B 17 -45.24 -49.06 -10.56
C ASN B 17 -45.25 -47.76 -11.38
N ARG B 18 -46.30 -47.56 -12.19
CA ARG B 18 -46.32 -46.51 -13.22
C ARG B 18 -47.53 -45.58 -13.18
N PRO B 19 -47.31 -44.29 -13.50
CA PRO B 19 -48.43 -43.33 -13.59
C PRO B 19 -49.36 -43.60 -14.77
N SER B 20 -50.59 -43.10 -14.69
CA SER B 20 -51.56 -43.23 -15.78
C SER B 20 -51.12 -42.32 -16.91
N PHE B 21 -51.23 -42.81 -18.14
CA PHE B 21 -50.69 -42.06 -19.26
C PHE B 21 -51.23 -40.64 -19.38
N ASN B 22 -52.53 -40.48 -19.12
CA ASN B 22 -53.16 -39.17 -19.30
C ASN B 22 -52.66 -38.15 -18.27
N GLU B 23 -52.43 -38.63 -17.05
CA GLU B 23 -51.95 -37.77 -16.00
C GLU B 23 -50.53 -37.31 -16.33
N ALA B 24 -49.72 -38.24 -16.83
CA ALA B 24 -48.35 -37.92 -17.25
C ALA B 24 -48.32 -36.93 -18.40
N TRP B 25 -49.19 -37.11 -19.40
CA TRP B 25 -49.25 -36.20 -20.53
C TRP B 25 -49.61 -34.78 -20.03
N LEU B 26 -50.59 -34.72 -19.13
CA LEU B 26 -51.02 -33.45 -18.57
C LEU B 26 -49.91 -32.77 -17.79
N ALA B 27 -49.26 -33.52 -16.92
CA ALA B 27 -48.17 -32.99 -16.11
C ALA B 27 -47.02 -32.49 -16.99
N PHE B 28 -46.64 -33.26 -17.99
CA PHE B 28 -45.61 -32.84 -18.91
C PHE B 28 -45.99 -31.53 -19.59
N ARG B 29 -47.28 -31.36 -19.89
CA ARG B 29 -47.75 -30.11 -20.51
C ARG B 29 -47.27 -28.87 -19.74
N LYS B 30 -47.26 -28.98 -18.40
CA LYS B 30 -46.90 -27.87 -17.50
C LYS B 30 -45.43 -27.43 -17.62
N VAL B 31 -44.57 -28.37 -17.98
CA VAL B 31 -43.16 -28.08 -18.13
C VAL B 31 -42.67 -28.25 -19.56
N ASN B 32 -43.58 -28.26 -20.53
CA ASN B 32 -43.11 -28.26 -21.91
C ASN B 32 -42.76 -26.85 -22.35
N HIS B 33 -41.64 -26.34 -21.84
CA HIS B 33 -41.22 -24.99 -22.14
C HIS B 33 -39.71 -24.90 -22.17
N SER B 34 -39.18 -23.73 -22.48
CA SER B 34 -37.73 -23.51 -22.52
C SER B 34 -37.16 -23.78 -21.15
N VAL B 35 -35.88 -24.13 -21.12
CA VAL B 35 -35.22 -24.47 -19.86
C VAL B 35 -35.31 -23.34 -18.82
N ALA B 36 -35.16 -22.09 -19.24
CA ALA B 36 -35.32 -20.96 -18.31
C ALA B 36 -36.72 -20.93 -17.68
N ASP B 37 -37.73 -21.21 -18.50
CA ASP B 37 -39.11 -21.32 -18.01
C ASP B 37 -39.29 -22.49 -17.04
N VAL B 38 -38.68 -23.64 -17.36
CA VAL B 38 -38.75 -24.81 -16.48
C VAL B 38 -38.08 -24.51 -15.14
N GLY B 39 -37.02 -23.71 -15.19
CA GLY B 39 -36.30 -23.28 -14.00
C GLY B 39 -37.19 -22.39 -13.14
N SER B 40 -37.92 -21.49 -13.79
CA SER B 40 -38.86 -20.66 -13.04
C SER B 40 -39.96 -21.48 -12.40
N ILE B 41 -40.46 -22.46 -13.14
CA ILE B 41 -41.60 -23.23 -12.69
C ILE B 41 -41.23 -24.13 -11.50
N ILE B 42 -39.99 -24.66 -11.50
CA ILE B 42 -39.58 -25.55 -10.42
C ILE B 42 -38.89 -24.88 -9.21
N GLY B 43 -38.06 -23.86 -9.46
CA GLY B 43 -37.35 -23.15 -8.41
C GLY B 43 -36.42 -24.01 -7.57
N GLY B 44 -36.06 -23.53 -6.37
CA GLY B 44 -35.20 -24.28 -5.49
C GLY B 44 -33.85 -24.45 -6.15
N ASN B 45 -33.14 -25.53 -5.84
CA ASN B 45 -31.83 -25.74 -6.46
C ASN B 45 -31.86 -26.07 -7.96
N VAL B 46 -32.97 -26.60 -8.44
CA VAL B 46 -33.12 -26.79 -9.87
C VAL B 46 -33.07 -25.40 -10.51
N GLY B 47 -33.85 -24.49 -9.94
CA GLY B 47 -33.92 -23.13 -10.44
C GLY B 47 -32.58 -22.42 -10.36
N LYS B 48 -31.95 -22.50 -9.20
CA LYS B 48 -30.66 -21.88 -8.98
C LYS B 48 -29.66 -22.37 -10.02
N ASN B 49 -29.63 -23.69 -10.22
CA ASN B 49 -28.70 -24.29 -11.18
C ASN B 49 -28.98 -23.93 -12.64
N ILE B 50 -30.25 -23.80 -13.01
CA ILE B 50 -30.58 -23.39 -14.38
C ILE B 50 -30.23 -21.92 -14.59
N THR B 51 -30.59 -21.07 -13.62
CA THR B 51 -30.26 -19.64 -13.65
C THR B 51 -28.77 -19.45 -13.89
N GLY B 52 -27.96 -20.24 -13.18
CA GLY B 52 -26.51 -20.22 -13.33
C GLY B 52 -25.96 -20.75 -14.65
N GLY B 53 -26.78 -21.44 -15.43
CA GLY B 53 -26.30 -21.98 -16.70
C GLY B 53 -25.63 -23.35 -16.61
N TYR B 54 -25.67 -23.95 -15.42
CA TYR B 54 -25.11 -25.28 -15.20
C TYR B 54 -25.94 -26.34 -15.91
N PHE B 55 -27.27 -26.29 -15.71
CA PHE B 55 -28.19 -27.15 -16.45
C PHE B 55 -28.66 -26.46 -17.74
N GLN B 56 -28.44 -27.08 -18.88
CA GLN B 56 -28.89 -26.58 -20.18
C GLN B 56 -30.00 -27.48 -20.70
N ASN B 57 -29.84 -28.78 -20.49
CA ASN B 57 -30.78 -29.79 -20.98
C ASN B 57 -31.93 -30.02 -19.98
N ALA B 58 -33.15 -29.67 -20.39
CA ALA B 58 -34.32 -29.79 -19.52
C ALA B 58 -34.99 -31.15 -19.57
N CYS B 59 -34.64 -31.98 -20.56
CA CYS B 59 -35.29 -33.29 -20.73
C CYS B 59 -35.39 -34.17 -19.45
N PRO B 60 -34.24 -34.48 -18.79
CA PRO B 60 -34.36 -35.29 -17.58
C PRO B 60 -35.04 -34.52 -16.45
N ILE B 61 -34.90 -33.18 -16.42
CA ILE B 61 -35.61 -32.32 -15.47
C ILE B 61 -37.13 -32.42 -15.61
N ARG B 62 -37.60 -32.30 -16.85
CA ARG B 62 -39.02 -32.45 -17.18
C ARG B 62 -39.55 -33.81 -16.77
N SER B 64 -38.38 -35.84 -14.57
CA SER B 64 -38.42 -35.85 -13.11
C SER B 64 -39.68 -35.10 -12.63
N TYR B 65 -40.01 -34.00 -13.29
CA TYR B 65 -41.22 -33.26 -12.95
C TYR B 65 -42.47 -34.14 -13.10
N VAL B 66 -42.61 -34.75 -14.26
CA VAL B 66 -43.72 -35.65 -14.55
C VAL B 66 -43.88 -36.76 -13.50
N LEU B 67 -42.79 -37.49 -13.23
CA LEU B 67 -42.81 -38.53 -12.21
C LEU B 67 -43.19 -37.98 -10.83
N ASN B 68 -42.74 -36.78 -10.52
CA ASN B 68 -43.01 -36.19 -9.21
C ASN B 68 -44.44 -35.67 -9.04
N ALA B 69 -45.10 -35.34 -10.15
CA ALA B 69 -46.42 -34.74 -10.10
C ALA B 69 -47.50 -35.80 -10.14
N THR B 70 -47.14 -36.99 -10.61
CA THR B 70 -48.13 -38.03 -10.85
C THR B 70 -48.04 -39.21 -9.88
N GLY B 71 -47.50 -38.98 -8.69
CA GLY B 71 -47.63 -39.96 -7.63
C GLY B 71 -46.53 -41.00 -7.53
N PHE B 72 -45.51 -40.89 -8.38
CA PHE B 72 -44.34 -41.75 -8.27
C PHE B 72 -43.07 -40.92 -8.15
N PRO B 73 -42.98 -40.09 -7.09
CA PRO B 73 -41.84 -39.19 -6.93
C PRO B 73 -40.51 -39.90 -6.75
N ILE B 74 -39.47 -39.32 -7.34
CA ILE B 74 -38.10 -39.77 -7.13
C ILE B 74 -37.73 -39.66 -5.66
N ALA B 75 -37.28 -40.78 -5.09
CA ALA B 75 -36.85 -40.82 -3.69
C ALA B 75 -35.48 -40.17 -3.48
N ARG B 76 -35.34 -39.50 -2.33
CA ARG B 76 -34.11 -38.86 -1.89
C ARG B 76 -32.86 -39.75 -2.00
N ASN B 77 -33.04 -41.07 -1.96
CA ASN B 77 -31.93 -41.98 -1.80
C ASN B 77 -31.55 -42.89 -2.97
N SER B 78 -32.19 -42.72 -4.12
CA SER B 78 -31.78 -43.51 -5.28
C SER B 78 -30.41 -43.04 -5.77
N PRO B 79 -29.55 -43.98 -6.20
CA PRO B 79 -28.14 -43.67 -6.50
C PRO B 79 -27.99 -42.87 -7.80
N TYR B 80 -28.67 -41.74 -7.90
CA TYR B 80 -28.64 -40.94 -9.12
C TYR B 80 -28.44 -39.50 -8.73
N ALA B 81 -27.68 -38.76 -9.53
CA ALA B 81 -27.40 -37.35 -9.26
C ALA B 81 -28.71 -36.58 -9.33
N LYS B 82 -29.11 -36.02 -8.20
CA LYS B 82 -30.29 -35.17 -8.25
C LYS B 82 -30.17 -33.94 -7.41
N VAL B 83 -31.10 -33.03 -7.64
CA VAL B 83 -31.08 -31.74 -6.99
C VAL B 83 -32.48 -31.35 -6.50
N SER B 84 -32.52 -30.66 -5.37
CA SER B 84 -33.76 -30.26 -4.75
C SER B 84 -34.50 -29.20 -5.58
N GLY B 85 -35.82 -29.29 -5.63
CA GLY B 85 -36.63 -28.23 -6.21
C GLY B 85 -37.34 -27.49 -5.09
N ALA B 86 -38.08 -26.43 -5.42
CA ALA B 86 -38.77 -25.65 -4.39
C ALA B 86 -39.81 -26.48 -3.63
N ASP B 87 -40.48 -27.36 -4.36
CA ASP B 87 -41.48 -28.26 -3.79
C ASP B 87 -40.86 -29.28 -2.84
N ASN B 88 -39.55 -29.20 -2.68
CA ASN B 88 -38.76 -30.13 -1.89
C ASN B 88 -38.64 -31.55 -2.45
N LYS B 89 -39.18 -31.74 -3.65
CA LYS B 89 -39.04 -33.00 -4.38
C LYS B 89 -37.66 -33.02 -5.02
N PHE B 90 -37.27 -34.16 -5.58
CA PHE B 90 -35.94 -34.25 -6.18
C PHE B 90 -36.00 -34.43 -7.69
N TYR B 91 -35.02 -33.86 -8.37
CA TYR B 91 -35.06 -33.81 -9.83
C TYR B 91 -33.74 -34.30 -10.37
N ILE B 92 -33.79 -35.23 -11.32
CA ILE B 92 -32.58 -35.80 -11.87
C ILE B 92 -32.14 -34.91 -13.03
N TYR B 93 -30.85 -34.63 -13.12
CA TYR B 93 -30.41 -33.68 -14.13
C TYR B 93 -29.50 -34.20 -15.23
N ARG B 94 -29.19 -35.49 -15.22
CA ARG B 94 -28.39 -36.08 -16.29
C ARG B 94 -29.26 -37.05 -17.08
N VAL B 95 -29.04 -37.12 -18.40
CA VAL B 95 -29.81 -38.06 -19.19
C VAL B 95 -29.43 -39.50 -18.90
N ASN B 96 -28.14 -39.78 -18.74
CA ASN B 96 -27.69 -41.14 -18.44
C ASN B 96 -28.41 -41.70 -17.21
N ASP B 97 -28.43 -40.89 -16.16
CA ASP B 97 -29.09 -41.24 -14.91
C ASP B 97 -30.61 -41.40 -15.07
N ILE B 99 -32.27 -42.26 -17.78
CA ILE B 99 -32.48 -43.48 -18.54
C ILE B 99 -32.29 -44.70 -17.66
N ASP B 100 -31.26 -44.69 -16.82
CA ASP B 100 -31.00 -45.83 -15.94
C ASP B 100 -32.04 -45.94 -14.81
N TYR B 101 -32.44 -44.80 -14.30
CA TYR B 101 -33.47 -44.72 -13.29
C TYR B 101 -34.75 -45.40 -13.79
N LEU B 102 -35.11 -45.16 -15.05
CA LEU B 102 -36.29 -45.83 -15.61
C LEU B 102 -36.27 -47.37 -15.46
N THR B 103 -35.14 -47.98 -15.76
CA THR B 103 -35.05 -49.45 -15.73
C THR B 103 -34.97 -49.94 -14.30
N HIS B 104 -34.28 -49.18 -13.46
CA HIS B 104 -34.16 -49.57 -12.07
C HIS B 104 -35.48 -49.44 -11.33
N THR B 105 -36.36 -48.58 -11.82
CA THR B 105 -37.54 -48.19 -11.07
C THR B 105 -38.81 -48.89 -11.53
N GLY B 107 -38.81 -51.48 -14.02
CA GLY B 107 -38.56 -52.85 -14.43
C GLY B 107 -38.37 -52.98 -15.92
N LYS B 108 -38.61 -54.18 -16.44
CA LYS B 108 -38.42 -54.44 -17.85
C LYS B 108 -39.46 -53.70 -18.68
N PRO B 109 -39.01 -53.15 -19.83
CA PRO B 109 -39.81 -52.39 -20.77
C PRO B 109 -40.69 -53.29 -21.61
N ASP B 110 -41.74 -52.73 -22.18
CA ASP B 110 -42.67 -53.51 -22.97
C ASP B 110 -42.21 -53.64 -24.41
N LEU B 111 -41.43 -52.66 -24.87
CA LEU B 111 -40.90 -52.76 -26.23
C LEU B 111 -39.46 -52.30 -26.27
N ILE B 112 -38.63 -53.03 -27.02
CA ILE B 112 -37.30 -52.58 -27.38
C ILE B 112 -37.14 -52.80 -28.88
N VAL B 113 -36.69 -51.78 -29.58
CA VAL B 113 -36.68 -51.76 -31.05
C VAL B 113 -35.43 -51.11 -31.62
N ASN B 114 -34.63 -51.85 -32.39
CA ASN B 114 -33.46 -51.24 -33.02
C ASN B 114 -33.89 -50.39 -34.23
N ASN B 115 -33.16 -49.30 -34.49
CA ASN B 115 -33.51 -48.34 -35.53
C ASN B 115 -34.99 -47.91 -35.51
N PRO B 116 -35.47 -47.36 -34.38
CA PRO B 116 -36.89 -47.18 -34.11
C PRO B 116 -37.55 -46.13 -34.99
N LYS B 117 -38.74 -46.46 -35.49
CA LYS B 117 -39.60 -45.48 -36.14
C LYS B 117 -40.96 -45.55 -35.47
N GLN B 118 -41.80 -44.53 -35.69
CA GLN B 118 -43.14 -44.47 -35.10
C GLN B 118 -43.95 -45.75 -35.31
N SER B 119 -43.76 -46.38 -36.47
CA SER B 119 -44.53 -47.58 -36.83
C SER B 119 -44.34 -48.74 -35.85
N ASP B 120 -43.20 -48.77 -35.16
CA ASP B 120 -42.96 -49.82 -34.18
C ASP B 120 -43.61 -49.55 -32.83
N PHE B 121 -44.15 -48.36 -32.63
CA PHE B 121 -44.72 -48.02 -31.32
C PHE B 121 -46.20 -47.63 -31.41
N ILE B 122 -46.82 -47.96 -32.53
CA ILE B 122 -48.20 -47.58 -32.80
C ILE B 122 -49.17 -48.35 -31.88
N GLY B 123 -50.25 -47.68 -31.48
CA GLY B 123 -51.28 -48.29 -30.67
C GLY B 123 -50.82 -48.59 -29.27
N LYS B 124 -49.60 -48.17 -28.96
CA LYS B 124 -49.05 -48.31 -27.61
C LYS B 124 -48.71 -46.92 -27.11
N LYS B 125 -48.96 -46.66 -25.81
CA LYS B 125 -48.64 -45.37 -25.22
C LYS B 125 -47.83 -45.48 -23.91
N GLY B 126 -46.87 -44.59 -23.71
CA GLY B 126 -46.08 -44.59 -22.49
C GLY B 126 -44.86 -43.67 -22.46
N ILE B 127 -43.90 -44.02 -21.61
CA ILE B 127 -42.65 -43.30 -21.56
C ILE B 127 -41.73 -43.93 -22.59
N ILE B 128 -41.26 -43.12 -23.53
CA ILE B 128 -40.33 -43.58 -24.54
C ILE B 128 -38.90 -42.99 -24.34
N VAL B 129 -37.90 -43.83 -24.65
CA VAL B 129 -36.48 -43.47 -24.59
C VAL B 129 -35.83 -43.82 -25.93
N VAL B 130 -35.24 -42.86 -26.62
CA VAL B 130 -34.47 -43.19 -27.81
C VAL B 130 -32.97 -42.91 -27.60
N LYS B 131 -32.13 -43.92 -27.79
CA LYS B 131 -30.70 -43.78 -27.54
C LYS B 131 -29.98 -43.87 -28.88
N GLY B 132 -28.92 -43.09 -29.06
CA GLY B 132 -28.13 -43.15 -30.26
C GLY B 132 -26.93 -42.23 -30.15
N HIS B 133 -26.24 -42.05 -31.28
CA HIS B 133 -25.05 -41.23 -31.35
C HIS B 133 -25.32 -39.90 -32.06
N GLY B 134 -24.47 -38.93 -31.83
CA GLY B 134 -24.54 -37.68 -32.57
C GLY B 134 -24.63 -36.47 -31.68
N TRP B 135 -25.24 -36.61 -30.51
CA TRP B 135 -25.33 -35.53 -29.55
C TRP B 135 -24.16 -35.64 -28.58
N SER B 136 -23.34 -34.61 -28.50
CA SER B 136 -22.16 -34.70 -27.67
C SER B 136 -22.54 -34.54 -26.19
N ASN B 137 -23.74 -34.02 -25.94
CA ASN B 137 -24.18 -33.79 -24.57
C ASN B 137 -25.22 -34.78 -24.03
N ALA B 138 -25.66 -35.73 -24.85
CA ALA B 138 -26.71 -36.67 -24.44
C ALA B 138 -26.70 -37.98 -25.25
N ARG B 139 -26.82 -39.11 -24.58
CA ARG B 139 -26.78 -40.37 -25.29
C ARG B 139 -28.18 -40.74 -25.78
N GLY B 140 -29.12 -39.82 -25.60
CA GLY B 140 -30.47 -40.09 -26.02
C GLY B 140 -31.49 -39.11 -25.48
N HIS B 141 -32.75 -39.50 -25.56
CA HIS B 141 -33.83 -38.57 -25.30
C HIS B 141 -34.98 -39.32 -24.65
N VAL B 142 -35.62 -38.68 -23.68
CA VAL B 142 -36.69 -39.27 -22.91
C VAL B 142 -37.92 -38.38 -22.95
N THR B 143 -39.06 -38.95 -23.33
CA THR B 143 -40.29 -38.18 -23.46
C THR B 143 -41.54 -39.07 -23.37
N LEU B 144 -42.73 -38.48 -23.51
CA LEU B 144 -43.94 -39.32 -23.57
C LEU B 144 -44.36 -39.56 -25.01
N TRP B 145 -45.07 -40.65 -25.22
CA TRP B 145 -45.49 -41.08 -26.54
C TRP B 145 -46.94 -41.58 -26.47
N ASN B 146 -47.83 -40.94 -27.22
CA ASN B 146 -49.27 -41.23 -27.10
C ASN B 146 -49.84 -42.18 -28.16
N GLY B 147 -48.95 -42.95 -28.79
CA GLY B 147 -49.34 -43.88 -29.81
C GLY B 147 -49.22 -43.26 -31.18
N SER B 148 -48.90 -41.97 -31.21
CA SER B 148 -48.88 -41.22 -32.46
C SER B 148 -47.83 -40.10 -32.50
N ILE B 149 -47.88 -39.20 -31.50
CA ILE B 149 -46.86 -38.15 -31.35
C ILE B 149 -46.18 -38.20 -29.96
N CYS B 150 -45.26 -37.27 -29.75
CA CYS B 150 -44.57 -37.14 -28.48
C CYS B 150 -44.96 -35.86 -27.81
N SER B 151 -44.75 -35.80 -26.49
CA SER B 151 -45.17 -34.64 -25.73
C SER B 151 -44.28 -33.42 -26.00
N ASP B 152 -43.09 -33.66 -26.54
CA ASP B 152 -42.27 -32.56 -27.06
C ASP B 152 -41.73 -32.86 -28.45
N GLN B 153 -40.72 -33.73 -28.54
CA GLN B 153 -40.27 -34.24 -29.82
C GLN B 153 -39.79 -35.68 -29.64
N CYS B 154 -40.26 -36.58 -30.50
CA CYS B 154 -39.64 -37.89 -30.56
C CYS B 154 -38.38 -37.57 -31.31
N HIS B 155 -37.44 -38.47 -31.32
CA HIS B 155 -36.36 -38.30 -32.25
C HIS B 155 -36.19 -39.66 -32.82
N LEU B 156 -37.20 -40.07 -33.55
CA LEU B 156 -37.20 -41.38 -34.18
C LEU B 156 -36.44 -41.32 -35.49
N LEU B 157 -36.35 -42.45 -36.18
CA LEU B 157 -35.51 -42.56 -37.38
C LEU B 157 -35.91 -41.52 -38.44
N ASN B 158 -34.90 -40.92 -39.04
CA ASN B 158 -35.07 -39.95 -40.12
C ASN B 158 -36.01 -38.76 -39.90
N ASP B 159 -36.29 -38.43 -38.64
CA ASP B 159 -37.07 -37.23 -38.32
C ASP B 159 -36.25 -35.96 -38.61
N PRO B 160 -36.94 -34.92 -39.11
CA PRO B 160 -36.28 -33.70 -39.59
C PRO B 160 -35.38 -33.00 -38.56
N ASP B 161 -35.78 -32.98 -37.29
CA ASP B 161 -35.05 -32.18 -36.29
C ASP B 161 -34.00 -32.93 -35.45
N ASN B 162 -33.50 -34.04 -35.99
CA ASN B 162 -32.46 -34.80 -35.30
C ASN B 162 -31.10 -34.12 -35.37
N GLY B 163 -30.84 -33.48 -36.51
CA GLY B 163 -29.50 -33.01 -36.79
C GLY B 163 -28.61 -34.23 -36.79
N PRO B 164 -27.47 -34.14 -36.08
CA PRO B 164 -26.46 -35.20 -36.03
C PRO B 164 -26.90 -36.43 -35.23
N PHE B 165 -28.02 -36.34 -34.53
CA PHE B 165 -28.50 -37.51 -33.81
C PHE B 165 -29.02 -38.55 -34.79
N VAL B 166 -28.66 -39.80 -34.54
CA VAL B 166 -29.14 -40.92 -35.35
C VAL B 166 -29.55 -42.02 -34.38
N PRO B 167 -30.86 -42.11 -34.08
CA PRO B 167 -31.43 -43.05 -33.11
C PRO B 167 -31.13 -44.51 -33.46
N GLU B 168 -30.66 -45.27 -32.48
CA GLU B 168 -30.27 -46.67 -32.64
C GLU B 168 -31.22 -47.65 -31.93
N VAL B 169 -31.69 -47.27 -30.76
CA VAL B 169 -32.68 -48.10 -30.08
C VAL B 169 -33.81 -47.25 -29.50
N GLY B 170 -35.00 -47.82 -29.53
CA GLY B 170 -36.16 -47.19 -28.95
C GLY B 170 -36.67 -48.12 -27.87
N THR B 171 -36.98 -47.57 -26.72
CA THR B 171 -37.43 -48.38 -25.61
C THR B 171 -38.71 -47.79 -25.03
N LEU B 172 -39.75 -48.61 -24.94
CA LEU B 172 -41.04 -48.16 -24.44
C LEU B 172 -41.50 -48.91 -23.20
N TRP B 173 -41.80 -48.14 -22.15
CA TRP B 173 -42.59 -48.59 -21.02
C TRP B 173 -44.03 -48.10 -21.21
N ILE B 174 -44.96 -49.03 -21.36
CA ILE B 174 -46.37 -48.69 -21.43
C ILE B 174 -46.86 -48.12 -20.08
N LEU B 175 -47.54 -46.98 -20.13
CA LEU B 175 -48.24 -46.44 -18.98
C LEU B 175 -49.73 -46.77 -19.18
N PRO B 176 -50.46 -47.05 -18.09
CA PRO B 176 -51.93 -47.23 -18.16
C PRO B 176 -52.67 -45.89 -18.25
N ASN C 17 16.33 -2.72 -2.89
CA ASN C 17 15.04 -2.00 -3.12
C ASN C 17 14.18 -1.76 -1.86
N ARG C 18 13.26 -2.70 -1.62
CA ARG C 18 12.30 -2.65 -0.51
C ARG C 18 12.28 -4.01 0.15
N PRO C 19 11.86 -4.08 1.43
CA PRO C 19 11.73 -5.37 2.13
C PRO C 19 10.63 -6.21 1.51
N SER C 20 10.47 -7.44 1.97
CA SER C 20 9.48 -8.34 1.39
C SER C 20 8.21 -8.27 2.20
N PHE C 21 7.09 -8.69 1.64
CA PHE C 21 5.86 -8.55 2.39
C PHE C 21 5.82 -9.34 3.71
N ASN C 22 5.73 -10.67 3.65
CA ASN C 22 5.63 -11.52 4.85
C ASN C 22 6.56 -11.14 6.02
N GLU C 23 7.82 -10.81 5.71
CA GLU C 23 8.77 -10.32 6.70
C GLU C 23 8.28 -9.03 7.38
N ALA C 24 7.96 -8.05 6.56
CA ALA C 24 7.39 -6.80 7.05
C ALA C 24 6.16 -7.09 7.92
N TRP C 25 5.28 -7.95 7.44
CA TRP C 25 4.05 -8.29 8.14
C TRP C 25 4.28 -8.87 9.53
N LEU C 26 5.24 -9.80 9.65
CA LEU C 26 5.53 -10.39 10.97
C LEU C 26 6.28 -9.40 11.91
N ALA C 27 7.20 -8.63 11.33
CA ALA C 27 7.87 -7.57 12.09
C ALA C 27 6.83 -6.60 12.65
N PHE C 28 5.84 -6.25 11.84
CA PHE C 28 4.81 -5.34 12.29
C PHE C 28 4.02 -5.97 13.41
N ARG C 29 3.67 -7.25 13.23
CA ARG C 29 2.92 -7.93 14.26
C ARG C 29 3.65 -7.87 15.62
N LYS C 30 4.99 -7.83 15.60
CA LYS C 30 5.74 -7.68 16.86
C LYS C 30 5.54 -6.33 17.61
N VAL C 31 5.26 -5.26 16.87
CA VAL C 31 4.97 -3.99 17.54
C VAL C 31 3.52 -3.58 17.40
N ASN C 32 2.67 -4.51 16.96
CA ASN C 32 1.25 -4.22 16.86
C ASN C 32 0.56 -4.26 18.23
N HIS C 33 1.08 -3.46 19.16
CA HIS C 33 0.51 -3.36 20.50
C HIS C 33 0.40 -1.90 20.94
N SER C 34 -0.01 -1.69 22.18
CA SER C 34 -0.14 -0.36 22.76
C SER C 34 1.19 0.39 22.70
N VAL C 35 1.11 1.72 22.70
CA VAL C 35 2.27 2.59 22.69
C VAL C 35 3.23 2.26 23.82
N ALA C 36 2.71 2.10 25.04
CA ALA C 36 3.54 1.72 26.21
C ALA C 36 4.38 0.45 26.00
N ASP C 37 3.76 -0.59 25.44
CA ASP C 37 4.47 -1.81 25.06
C ASP C 37 5.54 -1.53 24.02
N VAL C 38 5.19 -0.72 23.02
CA VAL C 38 6.10 -0.40 21.94
C VAL C 38 7.36 0.25 22.52
N GLY C 39 7.14 1.15 23.48
CA GLY C 39 8.19 1.73 24.29
C GLY C 39 8.98 0.75 25.13
N SER C 40 8.37 -0.33 25.61
CA SER C 40 9.15 -1.35 26.32
C SER C 40 10.08 -2.09 25.37
N ILE C 41 9.55 -2.42 24.20
CA ILE C 41 10.23 -3.26 23.24
C ILE C 41 11.46 -2.55 22.76
N ILE C 42 11.26 -1.49 22.00
CA ILE C 42 12.38 -0.65 21.61
C ILE C 42 12.80 -0.02 22.92
N GLY C 43 14.08 0.15 23.16
CA GLY C 43 14.41 0.72 24.45
C GLY C 43 14.76 2.15 24.22
N GLY C 44 15.69 2.65 25.03
CA GLY C 44 16.43 3.86 24.74
C GLY C 44 15.60 5.12 24.69
N ASN C 45 15.97 6.04 23.82
CA ASN C 45 15.28 7.31 23.81
C ASN C 45 13.85 7.16 23.31
N VAL C 46 13.60 6.13 22.51
CA VAL C 46 12.22 5.83 22.12
C VAL C 46 11.38 5.54 23.34
N GLY C 47 11.82 4.56 24.13
CA GLY C 47 11.15 4.22 25.38
C GLY C 47 11.03 5.39 26.35
N LYS C 48 12.09 6.17 26.46
CA LYS C 48 12.13 7.32 27.35
C LYS C 48 11.08 8.37 26.97
N ASN C 49 10.97 8.64 25.67
CA ASN C 49 10.00 9.60 25.18
C ASN C 49 8.57 9.07 25.29
N ILE C 50 8.39 7.77 25.10
CA ILE C 50 7.09 7.18 25.29
C ILE C 50 6.66 7.26 26.77
N THR C 51 7.59 6.95 27.67
CA THR C 51 7.34 7.01 29.11
C THR C 51 7.13 8.43 29.60
N GLY C 52 7.92 9.36 29.09
CA GLY C 52 7.75 10.76 29.43
C GLY C 52 6.45 11.34 28.90
N GLY C 53 5.73 10.61 28.04
CA GLY C 53 4.51 11.13 27.47
C GLY C 53 4.74 12.05 26.27
N TYR C 54 5.98 12.18 25.85
CA TYR C 54 6.31 12.99 24.66
C TYR C 54 5.79 12.37 23.35
N PHE C 55 5.94 11.07 23.18
CA PHE C 55 5.37 10.44 21.99
C PHE C 55 4.12 9.71 22.41
N GLN C 56 3.04 9.92 21.66
CA GLN C 56 1.77 9.25 21.97
C GLN C 56 1.25 8.45 20.80
N ASN C 57 1.60 8.89 19.60
CA ASN C 57 1.25 8.18 18.39
C ASN C 57 2.38 7.26 17.94
N ALA C 58 2.21 5.96 18.11
CA ALA C 58 3.29 5.00 17.83
C ALA C 58 3.32 4.53 16.38
N CYS C 59 2.35 4.98 15.57
CA CYS C 59 2.28 4.57 14.17
C CYS C 59 3.59 4.75 13.36
N PRO C 60 4.19 5.95 13.38
CA PRO C 60 5.46 6.04 12.67
C PRO C 60 6.58 5.28 13.41
N ILE C 61 6.43 5.07 14.70
CA ILE C 61 7.44 4.29 15.41
C ILE C 61 7.38 2.80 15.05
N ARG C 62 6.15 2.28 14.90
CA ARG C 62 5.92 0.93 14.37
C ARG C 62 6.46 0.78 12.94
N SER C 64 8.79 2.52 11.56
CA SER C 64 10.22 2.62 11.76
C SER C 64 10.80 1.27 12.13
N TYR C 65 10.13 0.61 13.07
CA TYR C 65 10.56 -0.68 13.56
C TYR C 65 10.48 -1.75 12.48
N VAL C 66 9.43 -1.67 11.66
CA VAL C 66 9.28 -2.61 10.57
C VAL C 66 10.41 -2.45 9.56
N LEU C 67 10.82 -1.21 9.29
CA LEU C 67 11.96 -1.00 8.40
C LEU C 67 13.30 -1.44 9.00
N ASN C 68 13.49 -1.17 10.28
CA ASN C 68 14.72 -1.55 10.96
C ASN C 68 14.88 -3.05 11.17
N ALA C 69 13.79 -3.79 11.05
CA ALA C 69 13.80 -5.22 11.34
C ALA C 69 13.70 -6.03 10.06
N THR C 70 13.84 -5.36 8.92
CA THR C 70 13.73 -6.05 7.65
C THR C 70 14.85 -5.67 6.70
N GLY C 71 15.93 -5.14 7.26
CA GLY C 71 17.13 -4.87 6.49
C GLY C 71 17.06 -3.66 5.60
N PHE C 72 16.27 -2.67 6.01
CA PHE C 72 16.25 -1.39 5.31
C PHE C 72 16.22 -0.26 6.35
N PRO C 73 17.32 -0.13 7.10
CA PRO C 73 17.34 0.70 8.31
C PRO C 73 17.28 2.15 7.94
N ILE C 74 16.72 2.97 8.82
CA ILE C 74 16.70 4.41 8.64
C ILE C 74 18.09 4.90 8.98
N ALA C 75 18.77 5.49 8.00
CA ALA C 75 20.15 5.94 8.18
C ALA C 75 20.26 7.06 9.20
N ARG C 76 21.40 7.13 9.87
CA ARG C 76 21.66 8.13 10.92
C ARG C 76 21.54 9.54 10.39
N ASN C 77 21.88 9.72 9.12
CA ASN C 77 21.94 11.05 8.54
C ASN C 77 20.69 11.47 7.75
N SER C 78 19.63 10.66 7.83
CA SER C 78 18.41 10.90 7.05
C SER C 78 17.76 12.20 7.51
N PRO C 79 17.35 13.03 6.55
CA PRO C 79 16.83 14.39 6.79
C PRO C 79 15.48 14.41 7.50
N TYR C 80 15.34 13.61 8.55
CA TYR C 80 14.07 13.51 9.28
C TYR C 80 14.33 13.33 10.77
N ALA C 81 13.46 13.94 11.59
CA ALA C 81 13.57 13.82 13.03
C ALA C 81 13.45 12.37 13.51
N LYS C 82 14.47 11.91 14.23
CA LYS C 82 14.46 10.54 14.74
C LYS C 82 15.13 10.46 16.10
N VAL C 83 14.91 9.36 16.81
CA VAL C 83 15.64 9.11 18.04
C VAL C 83 16.06 7.64 18.05
N SER C 84 17.06 7.34 18.86
CA SER C 84 17.63 6.00 18.90
C SER C 84 16.87 5.06 19.79
N GLY C 85 16.91 3.78 19.44
CA GLY C 85 16.32 2.72 20.24
C GLY C 85 17.44 2.12 21.07
N ALA C 86 17.09 1.15 21.92
CA ALA C 86 18.11 0.39 22.64
C ALA C 86 19.14 -0.16 21.66
N ASP C 87 18.63 -0.88 20.65
CA ASP C 87 19.43 -1.43 19.54
C ASP C 87 20.31 -0.45 18.75
N ASN C 88 20.36 0.81 19.21
CA ASN C 88 21.09 1.88 18.53
C ASN C 88 20.65 2.13 17.09
N LYS C 89 19.39 1.79 16.81
CA LYS C 89 18.82 2.06 15.49
C LYS C 89 17.86 3.24 15.58
N PHE C 90 17.45 3.77 14.43
CA PHE C 90 16.75 5.06 14.42
C PHE C 90 15.29 5.00 14.08
N TYR C 91 14.51 5.77 14.86
CA TYR C 91 13.05 5.74 14.79
C TYR C 91 12.48 7.15 14.57
N ILE C 92 11.86 7.29 13.41
CA ILE C 92 11.15 8.50 13.01
C ILE C 92 9.88 8.58 13.84
N TYR C 93 9.64 9.72 14.50
CA TYR C 93 8.51 9.82 15.41
C TYR C 93 7.38 10.73 14.91
N ARG C 94 7.54 11.33 13.74
CA ARG C 94 6.46 12.16 13.22
C ARG C 94 5.85 11.54 11.98
N VAL C 95 4.52 11.53 11.95
CA VAL C 95 3.80 10.95 10.83
C VAL C 95 4.23 11.61 9.52
N ASN C 96 4.20 12.94 9.51
CA ASN C 96 4.59 13.75 8.34
C ASN C 96 6.00 13.39 7.80
N ASP C 97 6.96 13.26 8.72
CA ASP C 97 8.29 12.73 8.42
C ASP C 97 8.25 11.30 7.90
N ILE C 99 5.87 9.74 6.28
CA ILE C 99 5.29 9.78 4.95
C ILE C 99 6.29 10.34 3.95
N ASP C 100 6.90 11.48 4.26
CA ASP C 100 7.94 11.99 3.37
C ASP C 100 9.11 11.02 3.16
N TYR C 101 9.51 10.36 4.24
CA TYR C 101 10.57 9.36 4.20
C TYR C 101 10.25 8.26 3.22
N LEU C 102 9.00 7.82 3.16
CA LEU C 102 8.66 6.76 2.21
C LEU C 102 8.91 7.15 0.73
N THR C 103 8.54 8.37 0.32
CA THR C 103 8.70 8.79 -1.07
C THR C 103 10.15 9.14 -1.37
N HIS C 104 10.85 9.67 -0.37
CA HIS C 104 12.28 9.92 -0.50
C HIS C 104 13.08 8.63 -0.67
N THR C 105 12.86 7.67 0.23
CA THR C 105 13.69 6.46 0.32
C THR C 105 13.27 5.31 -0.61
N GLY C 107 10.73 4.59 -4.34
CA GLY C 107 10.46 5.41 -5.51
C GLY C 107 9.15 6.18 -5.46
N LYS C 108 8.66 6.52 -6.64
CA LYS C 108 7.27 6.85 -6.84
C LYS C 108 6.47 5.66 -6.36
N PRO C 109 5.27 5.92 -5.85
CA PRO C 109 4.39 4.80 -5.46
C PRO C 109 3.96 4.00 -6.68
N ASP C 110 3.22 2.93 -6.45
CA ASP C 110 2.64 2.15 -7.54
C ASP C 110 1.19 2.51 -7.63
N LEU C 111 0.64 3.10 -6.57
CA LEU C 111 -0.77 3.45 -6.64
C LEU C 111 -1.13 4.71 -5.87
N ILE C 112 -1.86 5.61 -6.52
CA ILE C 112 -2.42 6.78 -5.83
C ILE C 112 -3.92 6.90 -6.13
N VAL C 113 -4.72 6.95 -5.08
CA VAL C 113 -6.16 6.89 -5.23
C VAL C 113 -6.87 7.98 -4.44
N ASN C 114 -7.75 8.72 -5.10
CA ASN C 114 -8.53 9.72 -4.39
C ASN C 114 -9.78 9.06 -3.85
N ASN C 115 -10.22 9.49 -2.66
CA ASN C 115 -11.33 8.84 -1.96
C ASN C 115 -11.16 7.32 -1.85
N PRO C 116 -10.09 6.87 -1.16
CA PRO C 116 -9.72 5.45 -1.15
C PRO C 116 -10.66 4.54 -0.35
N LYS C 117 -11.03 3.42 -0.96
CA LYS C 117 -11.70 2.32 -0.27
C LYS C 117 -10.93 1.03 -0.52
N GLN C 118 -11.17 0.03 0.32
CA GLN C 118 -10.50 -1.27 0.21
C GLN C 118 -10.43 -1.81 -1.20
N SER C 119 -11.58 -1.82 -1.88
CA SER C 119 -11.69 -2.37 -3.24
C SER C 119 -10.70 -1.76 -4.23
N ASP C 120 -10.30 -0.51 -3.99
CA ASP C 120 -9.36 0.19 -4.86
C ASP C 120 -7.95 -0.40 -4.79
N PHE C 121 -7.66 -1.16 -3.75
CA PHE C 121 -6.31 -1.69 -3.56
C PHE C 121 -6.23 -3.20 -3.69
N ILE C 122 -7.34 -3.81 -4.10
CA ILE C 122 -7.44 -5.27 -4.18
C ILE C 122 -6.37 -5.92 -5.06
N GLY C 123 -5.99 -7.15 -4.74
CA GLY C 123 -4.95 -7.86 -5.48
C GLY C 123 -3.54 -7.27 -5.43
N LYS C 124 -3.27 -6.45 -4.42
CA LYS C 124 -1.94 -5.86 -4.21
C LYS C 124 -1.54 -5.91 -2.73
N LYS C 125 -0.23 -5.88 -2.46
CA LYS C 125 0.29 -5.97 -1.10
C LYS C 125 1.32 -4.89 -0.89
N GLY C 126 1.42 -4.37 0.34
CA GLY C 126 2.55 -3.53 0.70
C GLY C 126 2.31 -2.46 1.74
N ILE C 127 3.09 -1.39 1.68
CA ILE C 127 2.90 -0.24 2.55
C ILE C 127 1.86 0.68 1.96
N ILE C 128 0.82 0.96 2.75
CA ILE C 128 -0.23 1.88 2.35
C ILE C 128 -0.18 3.13 3.25
N VAL C 129 -0.38 4.30 2.62
CA VAL C 129 -0.51 5.59 3.32
C VAL C 129 -1.89 6.20 3.04
N VAL C 130 -2.62 6.52 4.10
CA VAL C 130 -3.89 7.18 3.96
C VAL C 130 -3.80 8.57 4.56
N LYS C 131 -3.95 9.60 3.72
CA LYS C 131 -3.91 11.01 4.17
C LYS C 131 -5.30 11.61 4.13
N GLY C 132 -5.57 12.57 5.00
CA GLY C 132 -6.89 13.19 5.09
C GLY C 132 -7.01 14.10 6.31
N HIS C 133 -8.20 14.61 6.57
CA HIS C 133 -8.36 15.63 7.62
C HIS C 133 -9.24 15.11 8.76
N GLY C 134 -9.18 15.75 9.93
CA GLY C 134 -10.03 15.36 11.03
C GLY C 134 -9.25 14.96 12.27
N TRP C 135 -8.01 14.49 12.08
CA TRP C 135 -7.10 14.23 13.19
C TRP C 135 -6.19 15.42 13.41
N SER C 136 -6.23 16.02 14.59
CA SER C 136 -5.48 17.23 14.80
C SER C 136 -3.99 16.98 15.10
N ASN C 137 -3.64 15.72 15.36
CA ASN C 137 -2.25 15.35 15.61
C ASN C 137 -1.60 14.54 14.47
N ALA C 138 -2.34 14.30 13.40
CA ALA C 138 -1.86 13.42 12.33
C ALA C 138 -2.47 13.75 10.96
N ARG C 139 -1.59 13.92 9.99
CA ARG C 139 -1.93 14.18 8.61
C ARG C 139 -2.56 12.92 8.01
N GLY C 140 -2.17 11.77 8.57
CA GLY C 140 -2.71 10.52 8.12
C GLY C 140 -2.19 9.30 8.87
N HIS C 141 -2.22 8.18 8.17
CA HIS C 141 -1.98 6.88 8.78
C HIS C 141 -1.08 6.05 7.84
N VAL C 142 -0.10 5.37 8.41
CA VAL C 142 0.76 4.48 7.63
C VAL C 142 0.66 3.07 8.17
N THR C 143 0.37 2.10 7.30
CA THR C 143 0.26 0.73 7.74
C THR C 143 0.50 -0.29 6.61
N LEU C 144 0.42 -1.58 6.95
CA LEU C 144 0.58 -2.61 5.94
C LEU C 144 -0.78 -3.12 5.46
N TRP C 145 -0.86 -3.35 4.15
CA TRP C 145 -2.07 -3.86 3.51
C TRP C 145 -1.74 -5.16 2.76
N ASN C 146 -2.52 -6.21 3.03
CA ASN C 146 -2.23 -7.55 2.47
C ASN C 146 -3.13 -7.96 1.32
N GLY C 147 -3.95 -7.02 0.84
CA GLY C 147 -4.85 -7.31 -0.26
C GLY C 147 -6.30 -7.40 0.17
N SER C 148 -6.56 -7.40 1.47
CA SER C 148 -7.94 -7.41 1.94
C SER C 148 -8.06 -6.78 3.31
N ILE C 149 -6.94 -6.78 4.01
CA ILE C 149 -6.94 -6.49 5.44
C ILE C 149 -5.67 -5.72 5.75
N CYS C 150 -5.72 -4.91 6.80
CA CYS C 150 -4.55 -4.15 7.21
C CYS C 150 -3.90 -4.73 8.47
N SER C 151 -2.60 -4.44 8.63
CA SER C 151 -1.82 -4.70 9.85
C SER C 151 -2.58 -4.34 11.13
N ASP C 152 -2.93 -3.06 11.24
CA ASP C 152 -3.76 -2.57 12.33
C ASP C 152 -5.12 -2.15 11.77
N GLN C 153 -5.32 -0.88 11.49
CA GLN C 153 -6.54 -0.44 10.83
C GLN C 153 -6.19 0.36 9.56
N CYS C 154 -7.00 0.21 8.52
CA CYS C 154 -6.66 0.84 7.24
C CYS C 154 -7.00 2.31 7.24
N HIS C 155 -8.06 2.66 7.95
CA HIS C 155 -8.61 4.01 7.96
C HIS C 155 -8.98 4.54 6.58
N LEU C 156 -9.43 3.64 5.71
CA LEU C 156 -9.98 4.02 4.42
C LEU C 156 -11.45 4.41 4.59
N LEU C 157 -12.14 4.65 3.49
CA LEU C 157 -13.51 5.15 3.52
C LEU C 157 -14.45 4.27 4.34
N ASN C 158 -15.20 4.91 5.23
CA ASN C 158 -16.17 4.22 6.10
C ASN C 158 -15.62 3.28 7.18
N ASP C 159 -14.30 3.22 7.36
CA ASP C 159 -13.71 2.43 8.46
C ASP C 159 -14.39 2.82 9.76
N PRO C 160 -14.78 1.83 10.56
CA PRO C 160 -15.47 2.07 11.84
C PRO C 160 -14.59 2.75 12.89
N ASP C 161 -13.27 2.75 12.71
CA ASP C 161 -12.39 3.40 13.66
C ASP C 161 -11.90 4.79 13.19
N ASN C 162 -12.61 5.43 12.28
CA ASN C 162 -12.13 6.70 11.75
C ASN C 162 -12.30 7.83 12.74
N GLY C 163 -13.42 7.81 13.44
CA GLY C 163 -13.77 8.94 14.27
C GLY C 163 -14.05 10.07 13.30
N PRO C 164 -13.45 11.24 13.53
CA PRO C 164 -13.59 12.41 12.66
C PRO C 164 -12.65 12.38 11.44
N PHE C 165 -11.82 11.34 11.29
CA PHE C 165 -10.93 11.25 10.14
C PHE C 165 -11.62 10.97 8.80
N VAL C 166 -11.59 11.95 7.92
CA VAL C 166 -12.02 11.78 6.54
C VAL C 166 -10.81 11.54 5.64
N PRO C 167 -10.67 10.30 5.14
CA PRO C 167 -9.53 9.92 4.28
C PRO C 167 -9.74 10.50 2.89
N GLU C 168 -8.69 11.01 2.28
CA GLU C 168 -8.80 11.69 0.98
C GLU C 168 -7.90 11.08 -0.08
N VAL C 169 -6.70 10.66 0.32
CA VAL C 169 -5.77 10.02 -0.61
C VAL C 169 -5.27 8.73 0.00
N GLY C 170 -5.11 7.72 -0.82
CA GLY C 170 -4.50 6.49 -0.38
C GLY C 170 -3.41 6.17 -1.37
N THR C 171 -2.21 5.90 -0.86
CA THR C 171 -1.13 5.51 -1.76
C THR C 171 -0.43 4.22 -1.32
N LEU C 172 -0.12 3.39 -2.32
CA LEU C 172 0.46 2.08 -2.08
C LEU C 172 1.80 1.91 -2.78
N TRP C 173 2.78 1.48 -1.99
CA TRP C 173 4.05 1.01 -2.49
C TRP C 173 4.04 -0.49 -2.34
N ILE C 174 3.92 -1.22 -3.45
CA ILE C 174 3.95 -2.67 -3.44
C ILE C 174 5.22 -3.23 -2.77
N LEU C 175 5.02 -4.23 -1.92
CA LEU C 175 6.13 -5.02 -1.37
C LEU C 175 6.10 -6.39 -2.04
N PRO C 176 7.27 -6.95 -2.37
CA PRO C 176 7.35 -8.28 -2.99
C PRO C 176 7.39 -9.43 -1.96
N ASN D 17 -12.55 68.89 43.77
CA ASN D 17 -12.85 68.92 45.20
C ASN D 17 -12.99 67.50 45.76
N ARG D 18 -13.15 67.38 47.08
CA ARG D 18 -13.02 66.09 47.78
C ARG D 18 -14.10 65.88 48.82
N PRO D 19 -14.55 64.62 48.98
CA PRO D 19 -15.61 64.27 49.94
C PRO D 19 -15.15 64.31 51.38
N SER D 20 -16.08 64.48 52.30
CA SER D 20 -15.74 64.50 53.71
C SER D 20 -15.30 63.11 54.10
N PHE D 21 -14.23 63.02 54.89
CA PHE D 21 -13.66 61.73 55.23
C PHE D 21 -14.65 60.81 55.93
N ASN D 22 -15.50 61.38 56.76
CA ASN D 22 -16.42 60.58 57.57
C ASN D 22 -17.44 59.80 56.76
N GLU D 23 -18.06 60.48 55.80
CA GLU D 23 -19.03 59.83 54.94
C GLU D 23 -18.34 58.89 53.96
N ALA D 24 -17.10 59.21 53.59
CA ALA D 24 -16.34 58.32 52.73
C ALA D 24 -16.17 57.01 53.49
N TRP D 25 -15.84 57.14 54.77
CA TRP D 25 -15.54 56.00 55.64
C TRP D 25 -16.75 55.13 55.98
N LEU D 26 -17.91 55.77 56.14
CA LEU D 26 -19.17 55.02 56.35
C LEU D 26 -19.65 54.35 55.07
N ALA D 27 -19.57 55.08 53.96
CA ALA D 27 -19.85 54.54 52.63
C ALA D 27 -19.02 53.29 52.33
N PHE D 28 -17.71 53.37 52.53
CA PHE D 28 -16.82 52.22 52.30
C PHE D 28 -17.30 50.97 53.05
N ARG D 29 -17.84 51.17 54.26
CA ARG D 29 -18.24 50.05 55.09
C ARG D 29 -19.39 49.24 54.47
N LYS D 30 -20.28 49.91 53.74
CA LYS D 30 -21.48 49.26 53.19
C LYS D 30 -21.07 48.32 52.06
N VAL D 31 -19.82 48.48 51.64
CA VAL D 31 -19.34 47.83 50.44
C VAL D 31 -18.09 46.95 50.73
N ASN D 32 -17.59 47.03 51.96
CA ASN D 32 -16.42 46.26 52.40
C ASN D 32 -16.71 44.77 52.58
N HIS D 33 -16.94 44.07 51.46
CA HIS D 33 -17.29 42.66 51.50
C HIS D 33 -16.64 41.92 50.33
N SER D 34 -16.89 40.63 50.23
CA SER D 34 -16.42 39.86 49.08
C SER D 34 -16.99 40.42 47.78
N VAL D 35 -16.27 40.17 46.69
CA VAL D 35 -16.67 40.59 45.37
C VAL D 35 -18.12 40.23 45.03
N ALA D 36 -18.51 38.98 45.30
CA ALA D 36 -19.87 38.50 45.04
C ALA D 36 -20.89 39.43 45.66
N ASP D 37 -20.63 39.79 46.93
CA ASP D 37 -21.52 40.61 47.72
C ASP D 37 -21.59 42.02 47.14
N VAL D 38 -20.43 42.65 46.95
CA VAL D 38 -20.40 44.01 46.38
C VAL D 38 -21.07 44.06 45.00
N GLY D 39 -21.04 42.92 44.30
CA GLY D 39 -21.82 42.73 43.09
C GLY D 39 -23.32 42.76 43.32
N SER D 40 -23.81 41.97 44.27
CA SER D 40 -25.24 42.06 44.60
C SER D 40 -25.69 43.46 45.06
N ILE D 41 -24.83 44.14 45.81
CA ILE D 41 -25.16 45.46 46.37
C ILE D 41 -25.28 46.56 45.29
N ILE D 42 -24.25 46.68 44.47
CA ILE D 42 -24.32 47.60 43.34
C ILE D 42 -25.19 46.94 42.29
N GLY D 43 -25.86 47.72 41.46
CA GLY D 43 -26.87 47.11 40.64
C GLY D 43 -26.45 46.37 39.37
N GLY D 44 -26.90 46.91 38.24
CA GLY D 44 -26.93 46.26 36.95
C GLY D 44 -25.66 45.72 36.35
N ASN D 45 -24.99 46.51 35.52
CA ASN D 45 -23.87 45.97 34.75
C ASN D 45 -22.63 45.63 35.59
N VAL D 46 -22.45 46.34 36.70
CA VAL D 46 -21.43 45.96 37.67
C VAL D 46 -21.74 44.57 38.24
N GLY D 47 -23.00 44.34 38.60
CA GLY D 47 -23.43 43.05 39.11
C GLY D 47 -23.34 41.96 38.05
N LYS D 48 -23.70 42.28 36.82
CA LYS D 48 -23.67 41.33 35.71
C LYS D 48 -22.23 40.87 35.46
N ASN D 49 -21.33 41.84 35.44
CA ASN D 49 -19.90 41.55 35.31
C ASN D 49 -19.35 40.73 36.49
N ILE D 50 -19.77 41.05 37.71
CA ILE D 50 -19.34 40.24 38.85
C ILE D 50 -19.81 38.80 38.75
N THR D 51 -21.13 38.61 38.62
CA THR D 51 -21.66 37.25 38.63
C THR D 51 -21.18 36.50 37.39
N GLY D 52 -20.68 37.25 36.41
CA GLY D 52 -20.03 36.65 35.25
C GLY D 52 -18.64 36.12 35.58
N GLY D 53 -17.98 36.75 36.56
CA GLY D 53 -16.63 36.35 36.91
C GLY D 53 -15.61 37.18 36.15
N TYR D 54 -16.10 38.12 35.36
CA TYR D 54 -15.23 39.00 34.59
C TYR D 54 -14.45 39.89 35.56
N PHE D 55 -15.14 40.45 36.53
CA PHE D 55 -14.48 41.28 37.54
C PHE D 55 -14.17 40.42 38.74
N GLN D 56 -12.95 40.48 39.26
CA GLN D 56 -12.59 39.68 40.42
C GLN D 56 -12.06 40.53 41.56
N ASN D 57 -11.65 41.75 41.24
CA ASN D 57 -11.03 42.63 42.22
C ASN D 57 -11.90 43.85 42.50
N ALA D 58 -12.56 43.86 43.66
CA ALA D 58 -13.52 44.93 43.94
C ALA D 58 -12.89 46.25 44.38
N CYS D 59 -11.59 46.26 44.62
CA CYS D 59 -10.90 47.48 45.09
C CYS D 59 -11.34 48.77 44.37
N PRO D 60 -11.23 48.83 43.01
CA PRO D 60 -11.63 50.07 42.33
C PRO D 60 -13.15 50.24 42.32
N ILE D 61 -13.89 49.14 42.35
CA ILE D 61 -15.34 49.20 42.38
C ILE D 61 -15.84 49.78 43.71
N ARG D 62 -15.18 49.38 44.80
CA ARG D 62 -15.48 49.92 46.12
C ARG D 62 -15.18 51.40 46.14
N SER D 64 -14.90 53.60 43.70
CA SER D 64 -15.82 54.37 42.91
C SER D 64 -17.19 54.40 43.60
N TYR D 65 -17.52 53.36 44.37
CA TYR D 65 -18.78 53.38 45.12
C TYR D 65 -18.75 54.47 46.20
N VAL D 66 -17.65 54.56 46.93
CA VAL D 66 -17.46 55.62 47.89
C VAL D 66 -17.61 57.01 47.24
N LEU D 67 -16.86 57.26 46.16
CA LEU D 67 -17.00 58.54 45.46
C LEU D 67 -18.43 58.82 45.01
N ASN D 68 -19.07 57.86 44.34
CA ASN D 68 -20.45 58.01 43.90
C ASN D 68 -21.43 58.34 45.03
N ALA D 69 -21.16 57.81 46.22
CA ALA D 69 -22.10 57.97 47.32
C ALA D 69 -21.81 59.16 48.20
N THR D 70 -20.67 59.82 48.00
CA THR D 70 -20.38 61.00 48.80
C THR D 70 -20.50 62.33 48.07
N GLY D 71 -21.14 62.32 46.91
CA GLY D 71 -21.37 63.54 46.15
C GLY D 71 -20.23 63.95 45.22
N PHE D 72 -19.39 63.00 44.86
CA PHE D 72 -18.34 63.24 43.87
C PHE D 72 -18.29 62.15 42.80
N PRO D 73 -19.41 61.93 42.12
CA PRO D 73 -19.53 60.74 41.26
C PRO D 73 -18.59 60.79 40.06
N ILE D 74 -18.31 59.63 39.51
CA ILE D 74 -17.47 59.54 38.32
C ILE D 74 -18.32 59.92 37.11
N ALA D 75 -17.88 60.98 36.42
CA ALA D 75 -18.58 61.44 35.21
C ALA D 75 -18.55 60.39 34.09
N ARG D 76 -19.67 60.20 33.40
CA ARG D 76 -19.73 59.28 32.26
C ARG D 76 -18.62 59.54 31.23
N ASN D 77 -18.30 60.81 31.06
CA ASN D 77 -17.34 61.27 30.07
C ASN D 77 -15.89 61.05 30.49
N SER D 78 -15.69 60.47 31.67
CA SER D 78 -14.34 60.23 32.16
C SER D 78 -13.53 59.35 31.21
N PRO D 79 -12.24 59.69 31.01
CA PRO D 79 -11.42 58.93 30.08
C PRO D 79 -10.85 57.69 30.76
N TYR D 80 -11.71 56.97 31.49
CA TYR D 80 -11.33 55.76 32.21
C TYR D 80 -12.42 54.74 32.01
N ALA D 81 -12.03 53.48 31.87
CA ALA D 81 -12.98 52.43 31.55
C ALA D 81 -13.91 52.16 32.73
N LYS D 82 -15.22 52.24 32.48
CA LYS D 82 -16.18 52.00 33.54
C LYS D 82 -17.51 51.50 33.05
N VAL D 83 -18.32 51.05 34.03
CA VAL D 83 -19.66 50.52 33.77
C VAL D 83 -20.66 50.99 34.85
N SER D 84 -21.94 50.79 34.61
CA SER D 84 -22.98 51.34 35.47
C SER D 84 -23.51 50.32 36.47
N GLY D 85 -24.03 50.84 37.59
CA GLY D 85 -24.80 50.03 38.54
C GLY D 85 -26.28 50.26 38.34
N ALA D 86 -27.13 49.82 39.28
CA ALA D 86 -28.57 50.11 39.18
C ALA D 86 -28.84 51.60 39.41
N ASP D 87 -28.06 52.21 40.29
CA ASP D 87 -28.13 53.67 40.47
C ASP D 87 -27.84 54.44 39.18
N ASN D 88 -27.34 53.77 38.15
CA ASN D 88 -26.91 54.41 36.90
C ASN D 88 -25.78 55.43 37.12
N LYS D 89 -25.00 55.17 38.17
CA LYS D 89 -23.75 55.88 38.39
C LYS D 89 -22.64 54.97 37.87
N PHE D 90 -21.47 55.55 37.63
CA PHE D 90 -20.43 54.76 36.97
C PHE D 90 -19.29 54.34 37.90
N TYR D 91 -18.81 53.12 37.69
CA TYR D 91 -17.88 52.45 38.56
C TYR D 91 -16.74 51.96 37.69
N ILE D 92 -15.52 52.26 38.12
CA ILE D 92 -14.33 51.94 37.35
C ILE D 92 -13.83 50.58 37.77
N TYR D 93 -13.51 49.72 36.81
CA TYR D 93 -13.21 48.33 37.14
C TYR D 93 -11.74 47.94 37.02
N ARG D 94 -10.89 48.92 36.76
CA ARG D 94 -9.46 48.65 36.72
C ARG D 94 -8.74 49.49 37.73
N VAL D 95 -7.87 48.87 38.51
CA VAL D 95 -7.19 49.58 39.55
C VAL D 95 -6.28 50.64 38.93
N ASN D 96 -5.68 50.31 37.80
CA ASN D 96 -4.78 51.28 37.15
C ASN D 96 -5.53 52.56 36.75
N ASP D 97 -6.73 52.39 36.20
CA ASP D 97 -7.58 53.51 35.88
C ASP D 97 -7.95 54.32 37.13
N ILE D 99 -6.37 54.65 39.95
CA ILE D 99 -5.21 55.38 40.40
C ILE D 99 -4.95 56.61 39.54
N ASP D 100 -5.09 56.44 38.23
CA ASP D 100 -4.94 57.56 37.32
C ASP D 100 -6.03 58.62 37.59
N TYR D 101 -7.26 58.15 37.73
CA TYR D 101 -8.44 58.95 38.02
C TYR D 101 -8.25 59.86 39.24
N LEU D 102 -7.73 59.31 40.34
CA LEU D 102 -7.48 60.14 41.51
C LEU D 102 -6.56 61.34 41.24
N THR D 103 -5.52 61.16 40.43
CA THR D 103 -4.66 62.31 40.11
C THR D 103 -5.32 63.25 39.10
N HIS D 104 -5.97 62.69 38.08
CA HIS D 104 -6.64 63.50 37.07
C HIS D 104 -7.77 64.36 37.64
N THR D 105 -8.39 63.89 38.71
CA THR D 105 -9.58 64.52 39.25
C THR D 105 -9.29 65.47 40.40
N GLY D 107 -6.26 67.16 42.84
CA GLY D 107 -4.99 67.67 42.35
C GLY D 107 -3.80 66.74 42.59
N LYS D 108 -2.65 67.39 42.70
CA LYS D 108 -1.46 66.78 43.27
C LYS D 108 -1.83 66.21 44.65
N PRO D 109 -1.16 65.12 45.04
CA PRO D 109 -1.50 64.57 46.35
C PRO D 109 -0.90 65.41 47.47
N ASP D 110 -1.24 65.07 48.70
CA ASP D 110 -0.70 65.78 49.84
C ASP D 110 0.59 65.14 50.31
N LEU D 111 0.69 63.81 50.19
CA LEU D 111 1.96 63.13 50.54
C LEU D 111 2.36 62.08 49.49
N ILE D 112 3.66 61.99 49.24
CA ILE D 112 4.24 60.92 48.42
C ILE D 112 5.49 60.38 49.11
N VAL D 113 5.43 59.13 49.55
CA VAL D 113 6.48 58.58 50.38
C VAL D 113 7.02 57.31 49.76
N ASN D 114 8.32 57.09 49.86
CA ASN D 114 8.93 56.04 49.06
C ASN D 114 9.02 54.62 49.64
N ASN D 115 9.08 54.44 50.94
CA ASN D 115 8.92 53.05 51.36
C ASN D 115 7.80 52.99 52.37
N PRO D 116 6.57 53.16 51.88
CA PRO D 116 5.41 53.66 52.63
C PRO D 116 5.15 52.84 53.87
N LYS D 117 5.37 53.45 55.04
CA LYS D 117 5.03 52.86 56.34
C LYS D 117 3.96 53.71 56.98
N GLN D 118 3.19 53.10 57.86
CA GLN D 118 2.15 53.76 58.64
C GLN D 118 2.65 55.07 59.24
N SER D 119 3.86 55.05 59.79
CA SER D 119 4.43 56.23 60.42
C SER D 119 4.47 57.45 59.49
N ASP D 120 4.54 57.20 58.19
CA ASP D 120 4.66 58.29 57.22
C ASP D 120 3.34 58.99 56.97
N PHE D 121 2.26 58.45 57.51
CA PHE D 121 0.93 59.01 57.30
C PHE D 121 0.20 59.20 58.61
N ILE D 122 0.94 59.10 59.71
CA ILE D 122 0.36 59.31 61.02
C ILE D 122 -0.13 60.77 61.09
N GLY D 123 -1.31 60.95 61.68
CA GLY D 123 -1.86 62.28 61.88
C GLY D 123 -2.54 62.89 60.66
N LYS D 124 -2.78 62.07 59.64
CA LYS D 124 -3.48 62.54 58.44
C LYS D 124 -4.52 61.55 57.98
N LYS D 125 -5.62 62.05 57.44
CA LYS D 125 -6.73 61.21 56.99
C LYS D 125 -6.95 61.41 55.50
N GLY D 126 -7.45 60.38 54.83
CA GLY D 126 -7.91 60.53 53.44
C GLY D 126 -7.80 59.29 52.56
N ILE D 127 -7.73 59.51 51.26
CA ILE D 127 -7.61 58.40 50.31
C ILE D 127 -6.16 58.02 50.10
N ILE D 128 -5.84 56.76 50.36
CA ILE D 128 -4.48 56.26 50.26
C ILE D 128 -4.29 55.24 49.14
N VAL D 129 -3.21 55.43 48.38
CA VAL D 129 -2.87 54.56 47.29
C VAL D 129 -1.48 54.03 47.56
N VAL D 130 -1.31 52.72 47.48
CA VAL D 130 0.00 52.14 47.68
C VAL D 130 0.36 51.33 46.44
N LYS D 131 1.44 51.71 45.77
CA LYS D 131 1.85 51.06 44.54
C LYS D 131 3.07 50.21 44.80
N GLY D 132 3.21 49.12 44.05
CA GLY D 132 4.39 48.26 44.19
C GLY D 132 4.27 47.00 43.33
N HIS D 133 5.23 46.09 43.48
CA HIS D 133 5.24 44.93 42.60
C HIS D 133 4.88 43.66 43.35
N GLY D 134 4.46 42.61 42.66
CA GLY D 134 4.32 41.31 43.29
C GLY D 134 2.96 40.68 43.09
N TRP D 135 1.97 41.52 42.82
CA TRP D 135 0.63 41.11 42.46
C TRP D 135 0.56 41.06 40.96
N SER D 136 0.05 39.97 40.42
CA SER D 136 -0.02 39.86 38.96
C SER D 136 -1.21 40.63 38.37
N ASN D 137 -2.18 40.95 39.24
CA ASN D 137 -3.45 41.52 38.77
C ASN D 137 -3.71 42.98 39.13
N ALA D 138 -2.75 43.64 39.76
CA ALA D 138 -2.94 45.04 40.16
C ALA D 138 -1.60 45.71 40.42
N ARG D 139 -1.45 46.94 39.95
CA ARG D 139 -0.20 47.67 40.20
C ARG D 139 -0.15 48.23 41.62
N GLY D 140 -1.29 48.15 42.31
CA GLY D 140 -1.36 48.66 43.66
C GLY D 140 -2.71 48.49 44.31
N HIS D 141 -2.91 49.23 45.38
CA HIS D 141 -4.10 49.13 46.21
C HIS D 141 -4.60 50.51 46.59
N VAL D 142 -5.91 50.69 46.56
CA VAL D 142 -6.54 51.97 46.85
C VAL D 142 -7.59 51.82 47.96
N THR D 143 -7.42 52.59 49.04
CA THR D 143 -8.34 52.48 50.17
C THR D 143 -8.41 53.77 51.03
N LEU D 144 -9.11 53.71 52.16
CA LEU D 144 -9.17 54.86 53.07
C LEU D 144 -8.18 54.70 54.23
N TRP D 145 -7.69 55.83 54.71
CA TRP D 145 -6.72 55.87 55.81
C TRP D 145 -7.16 56.92 56.87
N ASN D 146 -7.36 56.49 58.11
CA ASN D 146 -7.95 57.35 59.14
C ASN D 146 -6.97 57.95 60.14
N GLY D 147 -5.68 57.79 59.87
CA GLY D 147 -4.67 58.29 60.78
C GLY D 147 -3.99 57.16 61.55
N SER D 148 -4.61 55.98 61.57
CA SER D 148 -3.99 54.85 62.27
C SER D 148 -4.23 53.47 61.64
N ILE D 149 -5.40 53.26 61.06
CA ILE D 149 -5.67 52.03 60.30
C ILE D 149 -6.29 52.33 58.94
N CYS D 150 -6.53 51.28 58.15
CA CYS D 150 -7.26 51.47 56.90
C CYS D 150 -8.64 50.87 57.01
N SER D 151 -9.54 51.25 56.10
CA SER D 151 -10.89 50.71 56.09
C SER D 151 -11.01 49.26 55.62
N ASP D 152 -9.92 48.67 55.14
CA ASP D 152 -9.91 47.21 54.97
C ASP D 152 -8.52 46.64 55.26
N GLN D 153 -7.51 47.31 54.75
CA GLN D 153 -6.16 46.81 54.79
C GLN D 153 -5.28 47.80 54.05
N CYS D 154 -4.36 48.40 54.77
CA CYS D 154 -3.25 49.09 54.14
C CYS D 154 -2.38 47.96 53.65
N HIS D 155 -1.70 48.15 52.54
CA HIS D 155 -0.67 47.19 52.21
C HIS D 155 0.64 47.95 52.25
N LEU D 156 0.92 48.49 53.42
CA LEU D 156 2.15 49.23 53.67
C LEU D 156 3.28 48.27 54.02
N LEU D 157 4.50 48.77 53.98
CA LEU D 157 5.65 48.00 54.42
C LEU D 157 5.43 47.54 55.86
N ASN D 158 5.84 46.31 56.13
CA ASN D 158 5.70 45.68 57.45
C ASN D 158 4.35 45.06 57.75
N ASP D 159 3.35 45.28 56.89
CA ASP D 159 2.07 44.62 57.07
C ASP D 159 2.21 43.12 56.81
N PRO D 160 1.63 42.29 57.68
CA PRO D 160 1.98 40.87 57.70
C PRO D 160 1.21 40.11 56.63
N ASP D 161 0.47 40.85 55.82
CA ASP D 161 -0.56 40.28 54.96
C ASP D 161 -0.36 40.67 53.50
N ASN D 162 0.87 40.99 53.12
CA ASN D 162 1.13 41.45 51.76
C ASN D 162 1.31 40.29 50.80
N GLY D 163 1.63 39.12 51.35
CA GLY D 163 1.98 37.98 50.51
C GLY D 163 3.19 38.33 49.68
N PRO D 164 3.08 38.16 48.35
CA PRO D 164 4.11 38.54 47.39
C PRO D 164 4.25 40.07 47.17
N PHE D 165 3.27 40.86 47.62
CA PHE D 165 3.25 42.30 47.32
C PHE D 165 4.32 43.08 48.09
N VAL D 166 5.10 43.86 47.36
CA VAL D 166 6.11 44.72 47.96
C VAL D 166 5.82 46.16 47.56
N PRO D 167 5.29 46.93 48.52
CA PRO D 167 4.96 48.35 48.38
C PRO D 167 6.21 49.21 48.21
N GLU D 168 6.10 50.19 47.34
CA GLU D 168 7.22 50.98 46.88
C GLU D 168 6.93 52.47 46.93
N VAL D 169 5.67 52.85 46.83
CA VAL D 169 5.30 54.25 46.89
C VAL D 169 3.94 54.29 47.55
N GLY D 170 3.76 55.22 48.49
CA GLY D 170 2.47 55.45 49.10
C GLY D 170 2.10 56.90 48.87
N THR D 171 0.91 57.14 48.35
CA THR D 171 0.49 58.51 48.13
C THR D 171 -0.88 58.82 48.73
N LEU D 172 -0.98 60.00 49.35
CA LEU D 172 -2.14 60.36 50.13
C LEU D 172 -2.75 61.65 49.66
N TRP D 173 -4.05 61.57 49.37
CA TRP D 173 -4.91 62.73 49.21
C TRP D 173 -5.74 62.89 50.47
N ILE D 174 -5.56 64.00 51.16
CA ILE D 174 -6.24 64.24 52.43
C ILE D 174 -7.71 64.52 52.21
N LEU D 175 -8.56 63.92 53.02
CA LEU D 175 -9.97 64.25 52.96
C LEU D 175 -10.36 65.08 54.19
N PRO D 176 -11.13 66.13 53.97
CA PRO D 176 -11.54 67.03 55.05
C PRO D 176 -12.91 66.68 55.63
N ASN E 17 -8.01 12.17 -18.83
CA ASN E 17 -6.62 11.90 -18.48
C ASN E 17 -5.68 13.14 -18.56
N ARG E 18 -4.74 13.13 -19.53
CA ARG E 18 -3.78 14.23 -19.74
C ARG E 18 -3.62 14.61 -21.23
N PRO E 19 -3.21 15.86 -21.51
CA PRO E 19 -3.16 16.31 -22.92
C PRO E 19 -1.99 15.80 -23.76
N SER E 20 -2.16 15.81 -25.09
CA SER E 20 -1.11 15.43 -26.01
C SER E 20 0.07 16.37 -25.83
N PHE E 21 1.28 15.85 -25.89
CA PHE E 21 2.45 16.67 -25.66
C PHE E 21 2.58 17.84 -26.63
N ASN E 22 2.26 17.59 -27.90
CA ASN E 22 2.44 18.64 -28.91
C ASN E 22 1.56 19.87 -28.66
N GLU E 23 0.28 19.62 -28.39
CA GLU E 23 -0.68 20.69 -28.19
C GLU E 23 -0.31 21.52 -26.97
N ALA E 24 0.23 20.85 -25.95
CA ALA E 24 0.72 21.52 -24.75
C ALA E 24 1.94 22.37 -25.06
N TRP E 25 2.89 21.84 -25.83
CA TRP E 25 4.10 22.58 -26.17
C TRP E 25 3.78 23.87 -26.90
N LEU E 26 2.83 23.79 -27.84
CA LEU E 26 2.39 24.96 -28.59
C LEU E 26 1.61 25.96 -27.75
N ALA E 27 0.67 25.45 -26.97
CA ALA E 27 -0.11 26.28 -26.08
C ALA E 27 0.82 27.07 -25.16
N PHE E 28 1.82 26.39 -24.61
CA PHE E 28 2.79 27.03 -23.74
C PHE E 28 3.56 28.10 -24.49
N ARG E 29 3.94 27.78 -25.73
CA ARG E 29 4.60 28.76 -26.58
C ARG E 29 3.79 30.06 -26.62
N LYS E 30 2.46 29.94 -26.61
CA LYS E 30 1.58 31.12 -26.60
C LYS E 30 1.72 32.05 -25.35
N VAL E 31 2.19 31.51 -24.23
CA VAL E 31 2.33 32.31 -23.01
C VAL E 31 3.76 32.36 -22.49
N ASN E 32 4.71 31.94 -23.31
CA ASN E 32 6.10 32.08 -22.92
C ASN E 32 6.57 33.52 -23.10
N HIS E 33 6.23 34.36 -22.14
CA HIS E 33 6.52 35.77 -22.24
C HIS E 33 6.70 36.31 -20.83
N SER E 34 7.06 37.58 -20.73
CA SER E 34 7.19 38.25 -19.44
C SER E 34 5.83 38.21 -18.77
N VAL E 35 5.82 38.32 -17.44
CA VAL E 35 4.56 38.25 -16.71
C VAL E 35 3.54 39.30 -17.17
N ALA E 36 4.01 40.52 -17.45
CA ALA E 36 3.11 41.58 -17.94
C ALA E 36 2.42 41.19 -19.26
N ASP E 37 3.18 40.55 -20.15
CA ASP E 37 2.60 40.05 -21.39
C ASP E 37 1.55 38.97 -21.11
N VAL E 38 1.82 38.11 -20.13
CA VAL E 38 0.93 37.01 -19.82
C VAL E 38 -0.39 37.55 -19.28
N GLY E 39 -0.30 38.62 -18.49
CA GLY E 39 -1.48 39.22 -17.89
C GLY E 39 -2.29 39.90 -18.97
N SER E 40 -1.60 40.59 -19.87
CA SER E 40 -2.30 41.21 -20.97
C SER E 40 -2.98 40.17 -21.89
N ILE E 41 -2.35 39.01 -22.06
CA ILE E 41 -2.88 37.94 -22.90
C ILE E 41 -4.09 37.22 -22.29
N ILE E 42 -4.11 37.10 -20.96
CA ILE E 42 -5.21 36.41 -20.29
C ILE E 42 -6.35 37.32 -19.81
N GLY E 43 -6.01 38.51 -19.34
CA GLY E 43 -7.02 39.44 -18.86
C GLY E 43 -7.81 38.92 -17.66
N GLY E 44 -8.99 39.49 -17.45
CA GLY E 44 -9.82 39.10 -16.34
C GLY E 44 -9.15 39.38 -15.01
N ASN E 45 -9.51 38.65 -13.98
CA ASN E 45 -8.86 38.85 -12.69
C ASN E 45 -7.38 38.48 -12.70
N VAL E 46 -6.97 37.64 -13.63
CA VAL E 46 -5.56 37.34 -13.80
C VAL E 46 -4.83 38.61 -14.25
N GLY E 47 -5.41 39.28 -15.24
CA GLY E 47 -4.82 40.50 -15.75
C GLY E 47 -4.80 41.59 -14.69
N LYS E 48 -5.93 41.78 -14.03
CA LYS E 48 -6.04 42.78 -12.97
C LYS E 48 -4.96 42.57 -11.90
N ASN E 49 -4.88 41.35 -11.39
CA ASN E 49 -3.88 41.03 -10.36
C ASN E 49 -2.44 41.22 -10.83
N ILE E 50 -2.12 40.79 -12.05
CA ILE E 50 -0.79 41.05 -12.58
C ILE E 50 -0.50 42.57 -12.70
N THR E 51 -1.43 43.34 -13.27
CA THR E 51 -1.31 44.80 -13.38
C THR E 51 -1.04 45.45 -12.03
N GLY E 52 -1.74 44.96 -11.00
CA GLY E 52 -1.56 45.43 -9.64
C GLY E 52 -0.24 45.04 -8.99
N GLY E 53 0.46 44.06 -9.56
CA GLY E 53 1.73 43.65 -8.98
C GLY E 53 1.60 42.60 -7.87
N TYR E 54 0.41 42.02 -7.71
CA TYR E 54 0.20 40.98 -6.72
C TYR E 54 0.81 39.66 -7.21
N PHE E 55 0.51 39.30 -8.46
CA PHE E 55 1.13 38.14 -9.10
C PHE E 55 2.42 38.59 -9.80
N GLN E 56 3.53 37.90 -9.52
CA GLN E 56 4.81 38.23 -10.13
C GLN E 56 5.39 37.00 -10.81
N ASN E 57 5.18 35.83 -10.21
CA ASN E 57 5.60 34.57 -10.77
C ASN E 57 4.56 34.08 -11.77
N ALA E 58 4.95 34.00 -13.04
CA ALA E 58 4.01 33.62 -14.10
C ALA E 58 3.93 32.10 -14.33
N CYS E 59 4.89 31.35 -13.81
CA CYS E 59 4.92 29.87 -13.96
C CYS E 59 3.56 29.10 -13.74
N PRO E 60 2.94 29.21 -12.54
CA PRO E 60 1.69 28.47 -12.33
C PRO E 60 0.61 28.97 -13.27
N ILE E 61 0.61 30.28 -13.55
CA ILE E 61 -0.32 30.87 -14.51
C ILE E 61 -0.17 30.25 -15.91
N ARG E 62 1.06 30.14 -16.40
CA ARG E 62 1.33 29.55 -17.72
C ARG E 62 0.85 28.13 -17.78
N SER E 64 -1.50 26.74 -15.89
CA SER E 64 -2.96 26.83 -15.92
C SER E 64 -3.43 27.15 -17.34
N TYR E 65 -2.71 28.03 -18.03
CA TYR E 65 -3.05 28.38 -19.40
C TYR E 65 -3.00 27.12 -20.27
N VAL E 66 -1.91 26.37 -20.17
CA VAL E 66 -1.74 25.17 -20.99
C VAL E 66 -2.81 24.09 -20.74
N LEU E 67 -3.07 23.77 -19.47
CA LEU E 67 -4.13 22.83 -19.13
C LEU E 67 -5.49 23.32 -19.62
N ASN E 68 -5.71 24.64 -19.60
CA ASN E 68 -6.97 25.22 -20.07
C ASN E 68 -7.11 25.22 -21.59
N ALA E 69 -5.98 25.22 -22.28
CA ALA E 69 -5.96 25.40 -23.74
C ALA E 69 -6.00 24.06 -24.44
N THR E 70 -5.75 22.99 -23.70
CA THR E 70 -5.58 21.67 -24.31
C THR E 70 -6.57 20.63 -23.83
N GLY E 71 -7.76 21.07 -23.42
CA GLY E 71 -8.85 20.14 -23.18
C GLY E 71 -8.99 19.61 -21.77
N PHE E 72 -8.08 19.98 -20.88
CA PHE E 72 -8.17 19.56 -19.49
C PHE E 72 -8.19 20.75 -18.52
N PRO E 73 -9.18 21.65 -18.69
CA PRO E 73 -9.23 22.90 -17.92
C PRO E 73 -9.44 22.69 -16.42
N ILE E 74 -8.73 23.49 -15.64
CA ILE E 74 -8.88 23.51 -14.19
C ILE E 74 -10.32 23.77 -13.80
N ALA E 75 -10.89 22.83 -13.05
CA ALA E 75 -12.28 22.89 -12.60
C ALA E 75 -12.44 23.99 -11.56
N ARG E 76 -13.62 24.60 -11.56
CA ARG E 76 -13.93 25.68 -10.63
C ARG E 76 -13.96 25.16 -9.18
N ASN E 77 -14.16 23.87 -9.03
CA ASN E 77 -14.39 23.29 -7.70
C ASN E 77 -13.14 22.96 -6.90
N SER E 78 -12.03 22.66 -7.59
CA SER E 78 -10.82 22.14 -6.93
C SER E 78 -10.35 23.06 -5.82
N PRO E 79 -9.83 22.48 -4.72
CA PRO E 79 -9.48 23.23 -3.52
C PRO E 79 -8.10 23.83 -3.66
N TYR E 80 -7.94 24.70 -4.65
CA TYR E 80 -6.66 25.37 -4.87
C TYR E 80 -6.98 26.80 -5.16
N ALA E 81 -6.12 27.70 -4.69
CA ALA E 81 -6.37 29.12 -4.85
C ALA E 81 -6.30 29.44 -6.33
N LYS E 82 -7.39 29.93 -6.88
CA LYS E 82 -7.36 30.35 -8.27
C LYS E 82 -8.16 31.58 -8.53
N VAL E 83 -8.03 32.05 -9.77
CA VAL E 83 -8.58 33.32 -10.16
C VAL E 83 -9.05 33.29 -11.60
N SER E 84 -10.11 34.07 -11.86
CA SER E 84 -10.77 34.08 -13.16
C SER E 84 -9.97 34.82 -14.24
N GLY E 85 -9.91 34.24 -15.44
CA GLY E 85 -9.37 34.93 -16.60
C GLY E 85 -10.51 35.60 -17.38
N ALA E 86 -10.23 36.02 -18.61
CA ALA E 86 -11.26 36.67 -19.43
C ALA E 86 -12.06 35.63 -20.22
N ASP E 87 -11.42 34.49 -20.45
CA ASP E 87 -12.08 33.37 -21.10
C ASP E 87 -13.08 32.71 -20.13
N ASN E 88 -13.10 33.23 -18.91
CA ASN E 88 -13.90 32.67 -17.80
C ASN E 88 -13.39 31.35 -17.25
N LYS E 89 -12.16 31.02 -17.60
CA LYS E 89 -11.52 29.81 -17.14
C LYS E 89 -10.76 30.19 -15.88
N PHE E 90 -10.24 29.21 -15.16
CA PHE E 90 -9.57 29.49 -13.89
C PHE E 90 -8.06 29.25 -13.93
N TYR E 91 -7.32 30.02 -13.15
CA TYR E 91 -5.87 30.00 -13.23
C TYR E 91 -5.31 29.93 -11.84
N ILE E 92 -4.40 29.00 -11.63
CA ILE E 92 -3.83 28.81 -10.32
C ILE E 92 -2.61 29.71 -10.27
N TYR E 93 -2.43 30.39 -9.15
CA TYR E 93 -1.38 31.37 -9.09
C TYR E 93 -0.30 31.09 -8.08
N ARG E 94 -0.41 29.98 -7.36
CA ARG E 94 0.63 29.60 -6.41
C ARG E 94 1.34 28.36 -6.92
N VAL E 95 2.67 28.34 -6.83
CA VAL E 95 3.41 27.17 -7.28
C VAL E 95 3.07 25.96 -6.44
N ASN E 96 2.99 26.14 -5.12
CA ASN E 96 2.63 25.05 -4.22
C ASN E 96 1.35 24.34 -4.69
N ASP E 97 0.32 25.13 -4.98
CA ASP E 97 -0.95 24.60 -5.45
C ASP E 97 -0.85 23.95 -6.81
N ILE E 99 1.70 22.50 -8.16
CA ILE E 99 2.40 21.24 -7.98
C ILE E 99 1.48 20.17 -7.40
N ASP E 100 0.74 20.52 -6.34
CA ASP E 100 -0.18 19.55 -5.74
C ASP E 100 -1.34 19.16 -6.66
N TYR E 101 -1.80 20.16 -7.41
CA TYR E 101 -2.86 19.97 -8.39
C TYR E 101 -2.45 18.89 -9.39
N LEU E 102 -1.20 18.90 -9.81
CA LEU E 102 -0.75 17.86 -10.74
C LEU E 102 -0.96 16.43 -10.20
N THR E 103 -0.65 16.21 -8.93
CA THR E 103 -0.77 14.87 -8.36
C THR E 103 -2.23 14.52 -8.11
N HIS E 104 -3.03 15.53 -7.82
CA HIS E 104 -4.43 15.29 -7.52
C HIS E 104 -5.21 15.00 -8.80
N THR E 105 -4.76 15.58 -9.90
CA THR E 105 -5.53 15.52 -11.13
C THR E 105 -5.06 14.39 -12.02
N GLY E 107 -2.56 11.81 -11.07
CA GLY E 107 -2.23 10.56 -10.44
C GLY E 107 -0.74 10.41 -10.33
N LYS E 108 -0.28 9.18 -10.19
CA LYS E 108 1.13 8.92 -9.96
C LYS E 108 1.95 9.34 -11.15
N PRO E 109 3.10 9.97 -10.89
CA PRO E 109 4.05 10.43 -11.90
C PRO E 109 4.75 9.24 -12.55
N ASP E 110 5.33 9.46 -13.72
CA ASP E 110 6.01 8.37 -14.43
C ASP E 110 7.45 8.25 -14.01
N LEU E 111 8.04 9.35 -13.53
CA LEU E 111 9.41 9.31 -13.02
C LEU E 111 9.59 10.20 -11.81
N ILE E 112 10.35 9.73 -10.83
CA ILE E 112 10.76 10.55 -9.68
C ILE E 112 12.25 10.36 -9.39
N VAL E 113 13.00 11.44 -9.35
CA VAL E 113 14.46 11.36 -9.37
C VAL E 113 15.10 12.34 -8.41
N ASN E 114 15.86 11.84 -7.44
CA ASN E 114 16.57 12.75 -6.55
C ASN E 114 17.78 13.35 -7.28
N ASN E 115 18.07 14.62 -6.99
CA ASN E 115 19.13 15.36 -7.65
C ASN E 115 19.08 15.30 -9.20
N PRO E 116 17.94 15.73 -9.78
CA PRO E 116 17.58 15.52 -11.19
C PRO E 116 18.44 16.26 -12.18
N LYS E 117 18.86 15.54 -13.23
CA LYS E 117 19.51 16.12 -14.39
C LYS E 117 18.86 15.60 -15.67
N GLN E 118 19.16 16.25 -16.80
CA GLN E 118 18.56 15.88 -18.09
C GLN E 118 18.71 14.39 -18.40
N SER E 119 19.89 13.83 -18.12
CA SER E 119 20.13 12.40 -18.35
C SER E 119 19.07 11.48 -17.70
N ASP E 120 18.55 11.87 -16.55
CA ASP E 120 17.53 11.08 -15.89
C ASP E 120 16.19 11.14 -16.61
N PHE E 121 16.00 12.12 -17.48
CA PHE E 121 14.69 12.31 -18.12
C PHE E 121 14.71 12.17 -19.65
N ILE E 122 15.84 11.80 -20.23
CA ILE E 122 15.98 11.67 -21.69
C ILE E 122 14.96 10.73 -22.34
N GLY E 123 14.50 11.09 -23.54
CA GLY E 123 13.62 10.22 -24.30
C GLY E 123 12.22 10.08 -23.76
N LYS E 124 11.85 10.93 -22.81
CA LYS E 124 10.47 11.02 -22.33
C LYS E 124 10.03 12.47 -22.42
N LYS E 125 8.77 12.68 -22.80
CA LYS E 125 8.17 14.02 -22.94
C LYS E 125 7.05 14.22 -21.92
N GLY E 126 6.92 15.43 -21.38
CA GLY E 126 5.75 15.75 -20.58
C GLY E 126 5.88 16.94 -19.66
N ILE E 127 5.04 16.96 -18.64
CA ILE E 127 5.11 17.98 -17.61
C ILE E 127 6.17 17.60 -16.59
N ILE E 128 7.15 18.48 -16.41
CA ILE E 128 8.17 18.26 -15.41
C ILE E 128 8.06 19.28 -14.24
N VAL E 129 8.32 18.81 -13.04
CA VAL E 129 8.31 19.63 -11.83
C VAL E 129 9.65 19.46 -11.16
N VAL E 130 10.29 20.55 -10.79
CA VAL E 130 11.59 20.51 -10.15
C VAL E 130 11.48 21.20 -8.80
N LYS E 131 11.53 20.46 -7.70
CA LYS E 131 11.44 21.05 -6.38
C LYS E 131 12.83 21.11 -5.78
N GLY E 132 13.06 22.08 -4.90
CA GLY E 132 14.32 22.20 -4.18
C GLY E 132 14.31 23.48 -3.39
N HIS E 133 15.34 23.69 -2.59
CA HIS E 133 15.47 24.90 -1.79
C HIS E 133 16.24 25.99 -2.53
N GLY E 134 16.09 27.24 -2.09
CA GLY E 134 16.89 28.30 -2.68
C GLY E 134 16.09 29.53 -3.06
N TRP E 135 14.92 29.35 -3.65
CA TRP E 135 14.08 30.49 -3.97
C TRP E 135 13.19 30.76 -2.77
N SER E 136 12.97 32.02 -2.43
CA SER E 136 12.21 32.30 -1.24
C SER E 136 10.75 32.45 -1.63
N ASN E 137 10.51 32.66 -2.92
CA ASN E 137 9.15 32.78 -3.42
C ASN E 137 8.52 31.50 -4.00
N ALA E 138 9.27 30.39 -4.05
CA ALA E 138 8.77 29.16 -4.70
C ALA E 138 9.46 27.84 -4.34
N ARG E 139 8.66 26.89 -3.90
CA ARG E 139 9.06 25.51 -3.65
C ARG E 139 9.77 24.84 -4.85
N GLY E 140 9.51 25.36 -6.04
CA GLY E 140 10.07 24.78 -7.25
C GLY E 140 9.53 25.36 -8.55
N HIS E 141 9.69 24.59 -9.61
CA HIS E 141 9.42 25.09 -10.94
C HIS E 141 8.68 24.07 -11.79
N VAL E 142 7.64 24.52 -12.48
CA VAL E 142 6.81 23.64 -13.27
C VAL E 142 6.83 24.06 -14.72
N THR E 143 7.23 23.15 -15.60
CA THR E 143 7.36 23.45 -17.01
C THR E 143 7.08 22.24 -17.93
N LEU E 144 7.29 22.39 -19.23
CA LEU E 144 7.25 21.23 -20.13
C LEU E 144 8.65 20.81 -20.52
N TRP E 145 8.80 19.52 -20.77
CA TRP E 145 10.08 18.92 -21.06
C TRP E 145 9.91 18.01 -22.28
N ASN E 146 10.58 18.34 -23.39
CA ASN E 146 10.42 17.58 -24.62
C ASN E 146 11.43 16.45 -24.78
N GLY E 147 12.00 16.00 -23.67
CA GLY E 147 12.98 14.94 -23.72
C GLY E 147 14.37 15.47 -23.99
N SER E 148 14.49 16.78 -24.15
CA SER E 148 15.79 17.39 -24.40
C SER E 148 15.95 18.79 -23.79
N ILE E 149 14.96 19.67 -24.04
CA ILE E 149 14.90 21.01 -23.44
C ILE E 149 13.53 21.30 -22.81
N CYS E 150 13.43 22.43 -22.12
CA CYS E 150 12.17 22.87 -21.53
C CYS E 150 11.59 24.03 -22.30
N SER E 151 10.31 24.29 -22.09
CA SER E 151 9.61 25.30 -22.87
C SER E 151 9.98 26.71 -22.42
N ASP E 152 10.62 26.81 -21.26
CA ASP E 152 11.26 28.05 -20.87
C ASP E 152 12.65 27.81 -20.29
N GLN E 153 12.71 27.40 -19.03
CA GLN E 153 13.95 26.97 -18.40
C GLN E 153 13.67 25.75 -17.55
N CYS E 154 14.48 24.71 -17.68
CA CYS E 154 14.46 23.66 -16.70
C CYS E 154 15.36 24.29 -15.67
N HIS E 155 15.24 23.84 -14.43
CA HIS E 155 16.25 24.24 -13.49
C HIS E 155 16.73 22.95 -12.94
N LEU E 156 17.30 22.15 -13.82
CA LEU E 156 17.88 20.88 -13.44
C LEU E 156 19.21 21.13 -12.75
N LEU E 157 19.83 20.07 -12.25
CA LEU E 157 21.03 20.19 -11.44
C LEU E 157 22.12 20.98 -12.17
N ASN E 158 22.65 22.00 -11.48
CA ASN E 158 23.76 22.81 -11.98
C ASN E 158 23.53 23.61 -13.27
N ASP E 159 22.28 23.93 -13.57
CA ASP E 159 21.99 24.77 -14.71
C ASP E 159 22.31 26.23 -14.37
N PRO E 160 23.09 26.89 -15.25
CA PRO E 160 23.76 28.16 -14.97
C PRO E 160 22.83 29.26 -14.42
N ASP E 161 21.52 29.12 -14.63
CA ASP E 161 20.60 30.19 -14.28
C ASP E 161 19.75 29.93 -13.02
N ASN E 162 20.23 29.03 -12.17
CA ASN E 162 19.52 28.67 -10.95
C ASN E 162 19.68 29.73 -9.88
N GLY E 163 20.85 30.37 -9.87
CA GLY E 163 21.23 31.20 -8.74
C GLY E 163 21.26 30.31 -7.50
N PRO E 164 20.60 30.77 -6.42
CA PRO E 164 20.53 30.07 -5.14
C PRO E 164 19.71 28.78 -5.18
N PHE E 165 18.88 28.59 -6.20
CA PHE E 165 18.10 27.37 -6.29
C PHE E 165 19.02 26.17 -6.48
N VAL E 166 18.68 25.10 -5.79
CA VAL E 166 19.38 23.83 -5.91
C VAL E 166 18.30 22.76 -6.00
N PRO E 167 18.12 22.16 -7.19
CA PRO E 167 17.11 21.11 -7.43
C PRO E 167 17.37 19.90 -6.55
N GLU E 168 16.31 19.28 -6.03
CA GLU E 168 16.42 18.11 -5.16
C GLU E 168 15.61 16.93 -5.67
N VAL E 169 14.48 17.23 -6.29
CA VAL E 169 13.59 16.20 -6.79
C VAL E 169 13.11 16.63 -8.15
N GLY E 170 13.16 15.71 -9.11
CA GLY E 170 12.60 15.93 -10.43
C GLY E 170 11.48 14.95 -10.59
N THR E 171 10.31 15.46 -10.98
CA THR E 171 9.15 14.62 -11.15
C THR E 171 8.58 14.79 -12.56
N LEU E 172 8.32 13.66 -13.23
CA LEU E 172 7.78 13.68 -14.59
C LEU E 172 6.48 12.91 -14.77
N TRP E 173 5.50 13.60 -15.35
CA TRP E 173 4.28 13.03 -15.89
C TRP E 173 4.39 13.04 -17.42
N ILE E 174 4.48 11.86 -18.01
CA ILE E 174 4.52 11.71 -19.45
C ILE E 174 3.21 12.17 -20.11
N LEU E 175 3.34 13.00 -21.14
CA LEU E 175 2.19 13.36 -21.96
C LEU E 175 2.33 12.57 -23.27
N PRO E 176 1.20 12.11 -23.86
CA PRO E 176 1.23 11.48 -25.19
C PRO E 176 1.75 12.40 -26.29
N ASN F 17 36.65 -17.94 -29.11
CA ASN F 17 36.38 -16.65 -28.50
C ASN F 17 35.02 -16.07 -28.89
N ARG F 18 34.93 -14.73 -28.87
CA ARG F 18 33.67 -14.00 -28.98
C ARG F 18 33.73 -12.85 -29.99
N PRO F 19 32.58 -12.47 -30.57
CA PRO F 19 32.51 -11.35 -31.51
C PRO F 19 32.88 -10.03 -30.84
N SER F 20 33.37 -9.07 -31.63
CA SER F 20 33.74 -7.74 -31.12
C SER F 20 32.49 -6.92 -30.90
N PHE F 21 32.53 -6.03 -29.92
CA PHE F 21 31.31 -5.36 -29.52
C PHE F 21 30.63 -4.54 -30.61
N ASN F 22 31.35 -3.59 -31.20
CA ASN F 22 30.75 -2.69 -32.19
C ASN F 22 30.16 -3.39 -33.39
N GLU F 23 30.78 -4.50 -33.78
CA GLU F 23 30.23 -5.33 -34.84
C GLU F 23 28.90 -5.99 -34.42
N ALA F 24 28.89 -6.62 -33.25
CA ALA F 24 27.66 -7.15 -32.68
C ALA F 24 26.54 -6.10 -32.60
N TRP F 25 26.87 -4.95 -32.02
CA TRP F 25 25.93 -3.86 -31.84
C TRP F 25 25.35 -3.40 -33.18
N LEU F 26 26.22 -3.31 -34.17
CA LEU F 26 25.85 -2.91 -35.51
C LEU F 26 24.91 -3.92 -36.19
N ALA F 27 25.24 -5.20 -36.04
CA ALA F 27 24.37 -6.26 -36.55
C ALA F 27 22.98 -6.14 -35.91
N PHE F 28 22.95 -5.98 -34.58
CA PHE F 28 21.70 -5.85 -33.85
C PHE F 28 20.84 -4.71 -34.37
N ARG F 29 21.45 -3.57 -34.67
CA ARG F 29 20.68 -2.47 -35.28
C ARG F 29 19.80 -2.90 -36.46
N LYS F 30 20.31 -3.78 -37.31
CA LYS F 30 19.57 -4.21 -38.50
C LYS F 30 18.28 -4.98 -38.20
N VAL F 31 18.19 -5.54 -36.99
CA VAL F 31 17.03 -6.33 -36.57
C VAL F 31 16.31 -5.77 -35.35
N ASN F 32 16.59 -4.52 -34.99
CA ASN F 32 15.81 -3.89 -33.93
C ASN F 32 14.51 -3.29 -34.47
N HIS F 33 13.63 -4.15 -34.98
CA HIS F 33 12.35 -3.74 -35.52
C HIS F 33 11.30 -4.74 -35.07
N SER F 34 10.04 -4.48 -35.41
CA SER F 34 8.96 -5.34 -34.98
C SER F 34 9.25 -6.79 -35.39
N VAL F 35 8.57 -7.72 -34.72
CA VAL F 35 8.57 -9.11 -35.09
C VAL F 35 8.35 -9.31 -36.61
N ALA F 36 7.25 -8.75 -37.11
CA ALA F 36 6.90 -8.89 -38.52
C ALA F 36 8.04 -8.47 -39.45
N ASP F 37 8.73 -7.39 -39.08
CA ASP F 37 9.85 -6.87 -39.86
C ASP F 37 11.07 -7.79 -39.82
N VAL F 38 11.33 -8.39 -38.66
CA VAL F 38 12.37 -9.41 -38.56
C VAL F 38 12.04 -10.61 -39.44
N GLY F 39 10.76 -10.94 -39.52
CA GLY F 39 10.28 -11.95 -40.47
C GLY F 39 10.51 -11.61 -41.93
N SER F 40 10.23 -10.38 -42.32
CA SER F 40 10.51 -9.95 -43.69
C SER F 40 12.02 -9.89 -44.01
N ILE F 41 12.81 -9.41 -43.04
CA ILE F 41 14.26 -9.24 -43.16
C ILE F 41 15.02 -10.55 -43.31
N ILE F 42 14.81 -11.49 -42.39
CA ILE F 42 15.52 -12.76 -42.47
C ILE F 42 14.94 -13.72 -43.53
N GLY F 43 13.61 -13.81 -43.59
CA GLY F 43 12.95 -14.63 -44.59
C GLY F 43 13.14 -16.11 -44.32
N GLY F 44 12.99 -16.91 -45.37
CA GLY F 44 13.13 -18.34 -45.24
C GLY F 44 12.04 -18.92 -44.34
N ASN F 45 12.42 -19.96 -43.59
CA ASN F 45 11.50 -20.64 -42.68
C ASN F 45 11.27 -19.84 -41.40
N VAL F 46 12.23 -18.98 -41.06
CA VAL F 46 12.08 -18.07 -39.92
C VAL F 46 10.91 -17.13 -40.23
N GLY F 47 10.98 -16.52 -41.42
CA GLY F 47 9.89 -15.72 -41.94
C GLY F 47 8.61 -16.52 -41.95
N LYS F 48 8.59 -17.64 -42.69
CA LYS F 48 7.40 -18.50 -42.77
C LYS F 48 6.73 -18.74 -41.41
N ASN F 49 7.53 -19.00 -40.38
CA ASN F 49 6.97 -19.22 -39.06
C ASN F 49 6.43 -17.97 -38.44
N ILE F 50 7.04 -16.84 -38.76
CA ILE F 50 6.60 -15.59 -38.14
C ILE F 50 5.29 -15.11 -38.76
N THR F 51 5.20 -15.23 -40.08
CA THR F 51 3.98 -14.98 -40.84
C THR F 51 2.90 -15.91 -40.35
N GLY F 52 3.27 -17.18 -40.14
CA GLY F 52 2.34 -18.19 -39.65
C GLY F 52 1.75 -17.88 -38.29
N GLY F 53 2.47 -17.09 -37.49
CA GLY F 53 2.03 -16.76 -36.14
C GLY F 53 2.62 -17.70 -35.09
N TYR F 54 3.37 -18.69 -35.56
CA TYR F 54 4.00 -19.66 -34.69
C TYR F 54 5.02 -19.00 -33.75
N PHE F 55 5.92 -18.18 -34.31
CA PHE F 55 6.92 -17.48 -33.51
C PHE F 55 6.46 -16.06 -33.19
N GLN F 56 6.44 -15.69 -31.91
CA GLN F 56 6.04 -14.33 -31.59
C GLN F 56 7.12 -13.51 -30.89
N ASN F 57 8.09 -14.19 -30.30
CA ASN F 57 9.15 -13.52 -29.57
C ASN F 57 10.42 -13.48 -30.42
N ALA F 58 10.79 -12.29 -30.83
CA ALA F 58 11.90 -12.13 -31.75
C ALA F 58 13.23 -12.11 -31.02
N CYS F 59 13.20 -11.92 -29.70
CA CYS F 59 14.42 -11.78 -28.91
C CYS F 59 15.54 -12.84 -29.16
N PRO F 60 15.17 -14.15 -29.10
CA PRO F 60 16.22 -15.11 -29.41
C PRO F 60 16.60 -15.08 -30.87
N ILE F 61 15.66 -14.69 -31.74
CA ILE F 61 15.93 -14.63 -33.17
C ILE F 61 16.88 -13.47 -33.53
N ARG F 62 16.72 -12.34 -32.86
CA ARG F 62 17.63 -11.21 -33.03
C ARG F 62 18.99 -11.63 -32.57
N SER F 64 20.22 -14.65 -32.53
CA SER F 64 20.78 -15.55 -33.53
C SER F 64 21.30 -14.77 -34.74
N TYR F 65 20.60 -13.69 -35.11
CA TYR F 65 21.04 -12.86 -36.23
C TYR F 65 22.40 -12.29 -35.95
N VAL F 66 22.49 -11.56 -34.84
CA VAL F 66 23.75 -10.99 -34.38
C VAL F 66 24.89 -12.00 -34.39
N LEU F 67 24.68 -13.19 -33.83
CA LEU F 67 25.71 -14.22 -33.89
C LEU F 67 26.05 -14.64 -35.34
N ASN F 68 25.03 -14.76 -36.19
CA ASN F 68 25.26 -15.19 -37.58
C ASN F 68 25.93 -14.13 -38.45
N ALA F 69 25.99 -12.90 -37.96
CA ALA F 69 26.56 -11.82 -38.76
C ALA F 69 27.99 -11.46 -38.36
N THR F 70 28.35 -11.76 -37.12
CA THR F 70 29.65 -11.35 -36.59
C THR F 70 30.69 -12.48 -36.53
N GLY F 71 30.54 -13.49 -37.38
CA GLY F 71 31.56 -14.52 -37.53
C GLY F 71 31.50 -15.66 -36.55
N PHE F 72 30.38 -15.78 -35.84
CA PHE F 72 30.18 -16.88 -34.91
C PHE F 72 28.81 -17.52 -35.15
N PRO F 73 28.61 -18.09 -36.35
CA PRO F 73 27.30 -18.60 -36.76
C PRO F 73 26.90 -19.85 -35.99
N ILE F 74 25.60 -20.03 -35.76
CA ILE F 74 25.08 -21.21 -35.07
C ILE F 74 25.14 -22.38 -36.02
N ALA F 75 25.76 -23.47 -35.57
CA ALA F 75 25.97 -24.65 -36.40
C ALA F 75 24.67 -25.41 -36.70
N ARG F 76 24.54 -25.93 -37.92
CA ARG F 76 23.36 -26.71 -38.31
C ARG F 76 23.01 -27.82 -37.32
N ASN F 77 24.02 -28.41 -36.69
CA ASN F 77 23.80 -29.57 -35.84
C ASN F 77 23.95 -29.30 -34.35
N SER F 78 23.64 -28.07 -33.95
CA SER F 78 23.56 -27.71 -32.54
C SER F 78 22.40 -28.41 -31.84
N PRO F 79 22.63 -28.90 -30.62
CA PRO F 79 21.57 -29.51 -29.82
C PRO F 79 20.62 -28.44 -29.29
N TYR F 80 20.10 -27.61 -30.20
CA TYR F 80 19.13 -26.59 -29.83
C TYR F 80 18.12 -26.43 -30.98
N ALA F 81 16.86 -26.13 -30.65
CA ALA F 81 15.86 -25.95 -31.69
C ALA F 81 16.16 -24.72 -32.57
N LYS F 82 16.25 -24.93 -33.87
CA LYS F 82 16.58 -23.85 -34.78
C LYS F 82 15.84 -24.02 -36.11
N VAL F 83 15.92 -22.98 -36.93
CA VAL F 83 15.23 -22.95 -38.21
C VAL F 83 16.04 -22.05 -39.18
N SER F 84 16.09 -22.41 -40.45
CA SER F 84 16.90 -21.67 -41.41
C SER F 84 16.27 -20.35 -41.88
N GLY F 85 17.10 -19.44 -42.37
CA GLY F 85 16.63 -18.21 -43.00
C GLY F 85 16.93 -18.26 -44.49
N ALA F 86 16.60 -17.19 -45.20
CA ALA F 86 16.87 -17.14 -46.64
C ALA F 86 18.37 -17.00 -46.94
N ASP F 87 19.17 -16.86 -45.88
CA ASP F 87 20.62 -16.84 -45.99
C ASP F 87 21.22 -18.20 -45.64
N ASN F 88 20.35 -19.17 -45.35
CA ASN F 88 20.77 -20.54 -44.97
C ASN F 88 21.68 -20.60 -43.77
N LYS F 89 21.57 -19.61 -42.91
CA LYS F 89 22.19 -19.64 -41.62
C LYS F 89 21.08 -20.17 -40.72
N PHE F 90 21.37 -20.41 -39.45
CA PHE F 90 20.35 -21.01 -38.60
C PHE F 90 19.96 -20.08 -37.46
N TYR F 91 18.72 -20.22 -37.00
CA TYR F 91 18.16 -19.26 -36.06
C TYR F 91 17.43 -19.96 -34.91
N ILE F 92 17.90 -19.70 -33.69
CA ILE F 92 17.28 -20.29 -32.51
C ILE F 92 16.02 -19.54 -32.16
N TYR F 93 14.91 -20.25 -32.00
CA TYR F 93 13.62 -19.57 -31.75
C TYR F 93 13.16 -19.58 -30.31
N ARG F 94 13.81 -20.36 -29.47
CA ARG F 94 13.39 -20.43 -28.09
C ARG F 94 14.33 -19.64 -27.22
N VAL F 95 13.75 -18.88 -26.30
CA VAL F 95 14.52 -18.10 -25.35
C VAL F 95 15.40 -19.01 -24.50
N ASN F 96 14.80 -20.08 -23.98
CA ASN F 96 15.52 -21.05 -23.14
C ASN F 96 16.77 -21.64 -23.85
N ASP F 97 16.56 -22.11 -25.08
CA ASP F 97 17.63 -22.58 -25.93
C ASP F 97 18.71 -21.52 -26.20
N ILE F 99 19.59 -18.89 -24.30
CA ILE F 99 20.36 -18.71 -23.07
C ILE F 99 21.31 -19.88 -22.83
N ASP F 100 20.81 -21.11 -22.97
CA ASP F 100 21.69 -22.28 -22.80
C ASP F 100 22.84 -22.26 -23.81
N TYR F 101 22.52 -21.98 -25.05
CA TYR F 101 23.51 -21.92 -26.13
C TYR F 101 24.60 -20.92 -25.78
N LEU F 102 24.21 -19.82 -25.14
CA LEU F 102 25.18 -18.82 -24.73
C LEU F 102 26.10 -19.37 -23.66
N THR F 103 25.53 -19.99 -22.63
CA THR F 103 26.40 -20.47 -21.55
C THR F 103 27.31 -21.59 -22.01
N HIS F 104 26.87 -22.30 -23.05
CA HIS F 104 27.58 -23.47 -23.57
C HIS F 104 28.60 -23.08 -24.62
N THR F 105 28.45 -21.90 -25.21
CA THR F 105 29.34 -21.47 -26.28
C THR F 105 30.42 -20.49 -25.81
N GLY F 107 32.51 -18.44 -22.74
CA GLY F 107 33.13 -19.06 -21.60
C GLY F 107 32.19 -19.23 -20.42
N LYS F 108 32.78 -19.12 -19.23
CA LYS F 108 32.08 -18.72 -18.03
C LYS F 108 31.72 -17.25 -18.23
N PRO F 109 30.71 -16.77 -17.48
CA PRO F 109 30.36 -15.36 -17.56
C PRO F 109 31.38 -14.47 -16.87
N ASP F 110 31.49 -13.23 -17.32
CA ASP F 110 32.33 -12.24 -16.68
C ASP F 110 31.63 -11.64 -15.47
N LEU F 111 30.32 -11.74 -15.44
CA LEU F 111 29.58 -11.15 -14.31
C LEU F 111 28.27 -11.89 -14.09
N ILE F 112 27.92 -12.14 -12.82
CA ILE F 112 26.63 -12.66 -12.44
C ILE F 112 26.11 -11.95 -11.21
N VAL F 113 25.05 -11.15 -11.33
CA VAL F 113 24.49 -10.51 -10.14
C VAL F 113 23.01 -10.81 -9.88
N ASN F 114 22.68 -11.06 -8.61
CA ASN F 114 21.27 -11.13 -8.19
C ASN F 114 20.62 -9.74 -8.15
N ASN F 115 19.32 -9.71 -8.37
CA ASN F 115 18.57 -8.46 -8.49
C ASN F 115 19.30 -7.41 -9.33
N PRO F 116 19.49 -7.71 -10.62
CA PRO F 116 20.38 -6.89 -11.44
C PRO F 116 19.82 -5.49 -11.73
N LYS F 117 20.57 -4.45 -11.36
CA LYS F 117 20.21 -3.09 -11.73
C LYS F 117 21.15 -2.62 -12.82
N GLN F 118 20.85 -1.48 -13.44
CA GLN F 118 21.75 -0.90 -14.43
C GLN F 118 23.12 -0.65 -13.77
N SER F 119 23.08 -0.24 -12.49
CA SER F 119 24.24 0.16 -11.73
C SER F 119 25.28 -0.93 -11.43
N ASP F 120 24.91 -2.19 -11.65
CA ASP F 120 25.82 -3.34 -11.50
C ASP F 120 26.70 -3.55 -12.74
N PHE F 121 26.22 -3.07 -13.88
CA PHE F 121 26.81 -3.47 -15.16
C PHE F 121 27.59 -2.38 -15.86
N ILE F 122 27.50 -1.15 -15.33
CA ILE F 122 28.30 -0.03 -15.82
C ILE F 122 29.80 -0.32 -15.71
N GLY F 123 30.54 0.07 -16.74
CA GLY F 123 31.96 -0.20 -16.77
C GLY F 123 32.34 -1.28 -17.79
N LYS F 124 31.39 -2.15 -18.08
CA LYS F 124 31.63 -3.27 -19.00
C LYS F 124 30.58 -3.29 -20.10
N LYS F 125 30.90 -3.95 -21.21
CA LYS F 125 29.98 -4.02 -22.34
C LYS F 125 29.99 -5.41 -23.01
N GLY F 126 28.83 -5.88 -23.45
CA GLY F 126 28.76 -7.15 -24.15
C GLY F 126 27.36 -7.75 -24.18
N ILE F 127 27.28 -9.07 -24.13
CA ILE F 127 26.00 -9.76 -24.14
C ILE F 127 25.46 -9.92 -22.73
N ILE F 128 24.22 -9.49 -22.52
CA ILE F 128 23.58 -9.56 -21.21
C ILE F 128 22.31 -10.42 -21.26
N VAL F 129 22.10 -11.18 -20.20
CA VAL F 129 20.90 -12.01 -20.04
C VAL F 129 20.27 -11.66 -18.70
N VAL F 130 18.96 -11.39 -18.71
CA VAL F 130 18.23 -11.11 -17.48
C VAL F 130 17.17 -12.18 -17.29
N LYS F 131 17.35 -13.07 -16.32
CA LYS F 131 16.35 -14.10 -16.02
C LYS F 131 15.51 -13.66 -14.85
N GLY F 132 14.22 -13.94 -14.92
CA GLY F 132 13.34 -13.71 -13.80
C GLY F 132 11.98 -14.33 -14.02
N HIS F 133 11.06 -14.09 -13.09
CA HIS F 133 9.72 -14.67 -13.19
C HIS F 133 8.68 -13.61 -13.56
N GLY F 134 7.64 -13.98 -14.29
CA GLY F 134 6.55 -13.07 -14.54
C GLY F 134 6.04 -13.09 -15.96
N TRP F 135 6.93 -13.36 -16.91
CA TRP F 135 6.56 -13.51 -18.30
C TRP F 135 6.24 -14.97 -18.54
N SER F 136 5.02 -15.25 -18.93
CA SER F 136 4.59 -16.62 -19.04
C SER F 136 5.26 -17.31 -20.24
N ASN F 137 5.74 -16.51 -21.20
CA ASN F 137 6.28 -17.08 -22.42
C ASN F 137 7.79 -17.00 -22.53
N ALA F 138 8.44 -16.56 -21.46
CA ALA F 138 9.89 -16.37 -21.50
C ALA F 138 10.52 -16.31 -20.12
N ARG F 139 11.53 -17.14 -19.93
CA ARG F 139 12.30 -17.22 -18.69
C ARG F 139 13.15 -15.92 -18.47
N GLY F 140 13.38 -15.17 -19.54
CA GLY F 140 14.17 -13.96 -19.46
C GLY F 140 14.39 -13.25 -20.78
N HIS F 141 15.46 -12.45 -20.81
CA HIS F 141 15.69 -11.55 -21.93
C HIS F 141 17.18 -11.49 -22.29
N VAL F 142 17.48 -11.51 -23.58
CA VAL F 142 18.86 -11.48 -24.05
C VAL F 142 19.07 -10.27 -24.95
N THR F 143 20.07 -9.45 -24.63
CA THR F 143 20.30 -8.25 -25.41
C THR F 143 21.73 -7.74 -25.25
N LEU F 144 22.12 -6.75 -26.04
CA LEU F 144 23.48 -6.21 -25.92
C LEU F 144 23.45 -5.02 -25.00
N TRP F 145 24.55 -4.83 -24.29
CA TRP F 145 24.70 -3.76 -23.31
C TRP F 145 25.99 -3.04 -23.66
N ASN F 146 25.93 -1.72 -23.76
CA ASN F 146 27.08 -0.91 -24.19
C ASN F 146 27.84 -0.22 -23.06
N GLY F 147 27.31 -0.30 -21.84
CA GLY F 147 27.92 0.36 -20.71
C GLY F 147 26.94 1.28 -20.02
N SER F 148 25.90 1.68 -20.75
CA SER F 148 24.90 2.61 -20.22
C SER F 148 23.47 2.27 -20.60
N ILE F 149 23.28 1.76 -21.83
CA ILE F 149 21.96 1.29 -22.25
C ILE F 149 22.04 -0.03 -23.02
N CYS F 150 20.88 -0.59 -23.33
CA CYS F 150 20.81 -1.81 -24.11
C CYS F 150 20.39 -1.53 -25.54
N SER F 151 20.68 -2.47 -26.43
CA SER F 151 20.43 -2.25 -27.83
C SER F 151 18.94 -2.17 -28.14
N ASP F 152 18.12 -2.97 -27.45
CA ASP F 152 16.69 -2.75 -27.47
C ASP F 152 16.23 -2.17 -26.13
N GLN F 153 15.82 -3.03 -25.21
CA GLN F 153 15.51 -2.61 -23.85
C GLN F 153 16.19 -3.61 -22.93
N CYS F 154 16.83 -3.13 -21.88
CA CYS F 154 17.26 -4.03 -20.84
C CYS F 154 15.95 -4.33 -20.14
N HIS F 155 15.86 -5.40 -19.39
CA HIS F 155 14.69 -5.51 -18.53
C HIS F 155 15.21 -5.67 -17.12
N LEU F 156 15.96 -4.67 -16.70
CA LEU F 156 16.61 -4.70 -15.39
C LEU F 156 15.62 -4.29 -14.32
N LEU F 157 16.05 -4.30 -13.07
CA LEU F 157 15.17 -3.95 -11.96
C LEU F 157 14.54 -2.56 -12.16
N ASN F 158 13.23 -2.49 -11.93
CA ASN F 158 12.42 -1.27 -12.10
C ASN F 158 12.45 -0.58 -13.48
N ASP F 159 12.87 -1.32 -14.51
CA ASP F 159 12.70 -0.92 -15.90
C ASP F 159 11.21 -0.59 -16.14
N PRO F 160 10.94 0.54 -16.80
CA PRO F 160 9.57 0.97 -17.08
C PRO F 160 8.69 -0.11 -17.71
N ASP F 161 9.20 -0.82 -18.72
CA ASP F 161 8.35 -1.75 -19.48
C ASP F 161 8.52 -3.24 -19.14
N ASN F 162 8.80 -3.54 -17.88
CA ASN F 162 8.86 -4.93 -17.43
C ASN F 162 7.50 -5.65 -17.45
N GLY F 163 6.41 -4.88 -17.35
CA GLY F 163 5.11 -5.48 -17.16
C GLY F 163 5.09 -6.22 -15.82
N PRO F 164 4.75 -7.53 -15.85
CA PRO F 164 4.83 -8.37 -14.65
C PRO F 164 6.23 -8.99 -14.41
N PHE F 165 7.12 -8.87 -15.38
CA PHE F 165 8.44 -9.48 -15.30
C PHE F 165 9.30 -8.90 -14.19
N VAL F 166 9.81 -9.80 -13.37
CA VAL F 166 10.67 -9.42 -12.26
C VAL F 166 12.00 -10.13 -12.41
N PRO F 167 13.06 -9.35 -12.66
CA PRO F 167 14.46 -9.80 -12.76
C PRO F 167 14.99 -10.35 -11.45
N GLU F 168 15.57 -11.55 -11.50
CA GLU F 168 16.24 -12.15 -10.35
C GLU F 168 17.75 -12.22 -10.55
N VAL F 169 18.17 -12.27 -11.81
CA VAL F 169 19.55 -12.60 -12.15
C VAL F 169 19.98 -11.92 -13.45
N GLY F 170 21.06 -11.16 -13.38
CA GLY F 170 21.69 -10.63 -14.57
C GLY F 170 23.02 -11.29 -14.79
N THR F 171 23.35 -11.58 -16.05
CA THR F 171 24.61 -12.23 -16.35
C THR F 171 25.21 -11.52 -17.53
N LEU F 172 26.51 -11.21 -17.46
CA LEU F 172 27.19 -10.53 -18.56
C LEU F 172 28.41 -11.29 -19.06
N TRP F 173 28.46 -11.46 -20.38
CA TRP F 173 29.67 -11.91 -21.09
C TRP F 173 30.26 -10.71 -21.82
N ILE F 174 31.43 -10.25 -21.38
CA ILE F 174 32.13 -9.13 -21.99
C ILE F 174 32.49 -9.41 -23.46
N LEU F 175 32.17 -8.45 -24.32
CA LEU F 175 32.46 -8.54 -25.74
C LEU F 175 33.73 -7.76 -26.10
N PRO F 176 34.77 -8.49 -26.53
CA PRO F 176 36.10 -7.95 -26.81
C PRO F 176 36.38 -7.89 -28.31
N ASN G 17 17.16 66.61 48.36
CA ASN G 17 16.65 67.95 48.05
C ASN G 17 16.48 68.14 46.55
N ARG G 18 16.62 69.39 46.10
CA ARG G 18 16.55 69.80 44.69
C ARG G 18 17.60 70.87 44.38
N PRO G 19 18.12 70.89 43.15
CA PRO G 19 19.17 71.85 42.79
C PRO G 19 18.64 73.29 42.78
N SER G 20 19.53 74.27 42.99
CA SER G 20 19.16 75.68 42.92
C SER G 20 18.86 76.04 41.48
N PHE G 21 17.93 76.97 41.28
CA PHE G 21 17.45 77.19 39.93
C PHE G 21 18.48 77.75 38.94
N ASN G 22 19.35 78.63 39.40
CA ASN G 22 20.32 79.26 38.50
C ASN G 22 21.45 78.33 38.13
N GLU G 23 21.88 77.53 39.10
CA GLU G 23 22.81 76.43 38.86
C GLU G 23 22.29 75.49 37.76
N ALA G 24 21.05 75.03 37.92
CA ALA G 24 20.42 74.17 36.94
C ALA G 24 20.26 74.83 35.58
N TRP G 25 19.72 76.04 35.56
CA TRP G 25 19.54 76.78 34.32
C TRP G 25 20.86 76.90 33.55
N LEU G 26 21.94 77.12 34.31
CA LEU G 26 23.26 77.36 33.72
C LEU G 26 23.89 76.06 33.23
N ALA G 27 23.65 74.98 33.97
CA ALA G 27 24.09 73.67 33.50
C ALA G 27 23.37 73.35 32.18
N PHE G 28 22.08 73.63 32.12
CA PHE G 28 21.31 73.39 30.91
C PHE G 28 21.84 74.18 29.72
N ARG G 29 22.12 75.49 29.90
CA ARG G 29 22.69 76.28 28.78
C ARG G 29 23.91 75.61 28.12
N LYS G 30 24.72 74.90 28.90
CA LYS G 30 25.87 74.18 28.39
C LYS G 30 25.56 73.00 27.47
N VAL G 31 24.34 72.47 27.53
CA VAL G 31 23.94 71.36 26.66
C VAL G 31 22.70 71.68 25.83
N ASN G 32 22.37 72.94 25.69
CA ASN G 32 21.26 73.32 24.82
C ASN G 32 21.67 73.38 23.34
N HIS G 33 22.32 72.32 22.87
CA HIS G 33 22.80 72.24 21.48
C HIS G 33 22.25 70.99 20.81
N SER G 34 22.58 70.80 19.53
CA SER G 34 22.02 69.68 18.78
C SER G 34 22.42 68.36 19.43
N VAL G 35 21.66 67.31 19.11
CA VAL G 35 21.99 65.97 19.55
C VAL G 35 23.46 65.59 19.31
N ALA G 36 23.97 65.81 18.11
CA ALA G 36 25.35 65.44 17.80
C ALA G 36 26.36 66.20 18.69
N ASP G 37 26.03 67.47 18.99
CA ASP G 37 26.87 68.31 19.84
C ASP G 37 26.83 67.84 21.29
N VAL G 38 25.63 67.53 21.78
CA VAL G 38 25.48 66.87 23.08
C VAL G 38 26.25 65.54 23.09
N GLY G 39 26.37 64.91 21.93
CA GLY G 39 27.26 63.79 21.76
C GLY G 39 28.74 64.11 21.99
N SER G 40 29.24 65.20 21.39
CA SER G 40 30.64 65.57 21.62
C SER G 40 30.93 66.02 23.06
N ILE G 41 29.99 66.75 23.65
CA ILE G 41 30.18 67.36 24.98
C ILE G 41 30.36 66.31 26.09
N ILE G 42 29.35 65.47 26.27
CA ILE G 42 29.45 64.30 27.14
C ILE G 42 30.07 63.18 26.31
N GLY G 43 31.22 62.65 26.71
CA GLY G 43 31.85 61.68 25.84
C GLY G 43 31.31 60.28 26.08
N GLY G 44 32.24 59.33 26.19
CA GLY G 44 31.92 57.98 26.64
C GLY G 44 30.83 57.27 25.85
N ASN G 45 30.11 56.41 26.55
CA ASN G 45 29.07 55.60 25.92
C ASN G 45 27.87 56.41 25.45
N VAL G 46 27.62 57.54 26.09
CA VAL G 46 26.54 58.44 25.65
C VAL G 46 26.89 58.94 24.25
N GLY G 47 28.16 59.32 24.08
CA GLY G 47 28.71 59.64 22.78
C GLY G 47 28.60 58.50 21.78
N LYS G 48 29.24 57.36 22.07
CA LYS G 48 29.18 56.16 21.22
C LYS G 48 27.77 55.88 20.72
N ASN G 49 26.81 56.05 21.62
CA ASN G 49 25.42 55.80 21.26
C ASN G 49 24.80 56.86 20.40
N ILE G 50 25.20 58.12 20.62
CA ILE G 50 24.67 59.20 19.78
C ILE G 50 25.22 59.09 18.36
N THR G 51 26.52 58.84 18.23
CA THR G 51 27.09 58.80 16.89
C THR G 51 26.66 57.51 16.21
N GLY G 52 26.47 56.45 17.00
CA GLY G 52 25.95 55.20 16.47
C GLY G 52 24.57 55.34 15.83
N GLY G 53 23.80 56.35 16.25
CA GLY G 53 22.47 56.58 15.72
C GLY G 53 21.36 56.03 16.61
N TYR G 54 21.76 55.24 17.59
CA TYR G 54 20.83 54.60 18.53
C TYR G 54 19.98 55.59 19.33
N PHE G 55 20.63 56.60 19.92
CA PHE G 55 19.94 57.60 20.73
C PHE G 55 19.75 58.84 19.89
N GLN G 56 18.53 59.33 19.76
CA GLN G 56 18.43 60.58 19.05
C GLN G 56 17.46 61.62 19.61
N ASN G 57 16.92 61.33 20.78
CA ASN G 57 16.20 62.33 21.54
C ASN G 57 17.06 62.73 22.74
N ALA G 58 17.58 63.95 22.70
CA ALA G 58 18.57 64.35 23.68
C ALA G 58 17.92 64.90 24.93
N CYS G 59 16.60 65.10 24.88
CA CYS G 59 15.86 65.69 26.01
C CYS G 59 16.17 65.02 27.38
N PRO G 60 16.02 63.69 27.49
CA PRO G 60 16.34 63.10 28.79
C PRO G 60 17.84 63.13 29.07
N ILE G 61 18.66 63.16 28.04
CA ILE G 61 20.10 63.23 28.25
C ILE G 61 20.52 64.60 28.80
N ARG G 62 19.87 65.65 28.30
CA ARG G 62 20.11 67.00 28.77
C ARG G 62 19.66 67.14 30.22
N SER G 64 19.54 64.67 32.34
CA SER G 64 20.56 63.92 33.07
C SER G 64 21.78 64.80 33.36
N TYR G 65 22.24 65.54 32.35
CA TYR G 65 23.42 66.39 32.50
C TYR G 65 23.17 67.39 33.61
N VAL G 66 22.07 68.14 33.48
CA VAL G 66 21.67 69.11 34.49
C VAL G 66 21.71 68.54 35.91
N LEU G 67 21.11 67.36 36.11
CA LEU G 67 21.16 66.76 37.43
C LEU G 67 22.59 66.38 37.87
N ASN G 68 23.40 65.86 36.94
CA ASN G 68 24.75 65.41 37.25
C ASN G 68 25.72 66.54 37.53
N ALA G 69 25.35 67.76 37.16
CA ALA G 69 26.25 68.89 37.35
C ALA G 69 25.86 69.80 38.52
N THR G 70 24.80 69.45 39.24
CA THR G 70 24.27 70.35 40.25
C THR G 70 24.09 69.71 41.62
N GLY G 71 24.86 68.66 41.91
CA GLY G 71 24.90 68.08 43.24
C GLY G 71 23.90 66.98 43.48
N PHE G 72 23.19 66.60 42.42
CA PHE G 72 22.18 65.55 42.50
C PHE G 72 22.37 64.59 41.34
N PRO G 73 23.47 63.82 41.35
CA PRO G 73 23.78 62.93 40.22
C PRO G 73 22.94 61.66 40.23
N ILE G 74 22.75 61.05 39.05
CA ILE G 74 22.04 59.79 38.93
C ILE G 74 22.95 58.67 39.38
N ALA G 75 22.44 57.83 40.29
CA ALA G 75 23.23 56.76 40.87
C ALA G 75 23.42 55.54 39.94
N ARG G 76 24.59 54.92 40.02
CA ARG G 76 24.95 53.77 39.19
C ARG G 76 23.88 52.68 39.20
N ASN G 77 23.28 52.45 40.37
CA ASN G 77 22.34 51.35 40.52
C ASN G 77 20.88 51.78 40.62
N SER G 78 20.57 52.88 39.97
CA SER G 78 19.18 53.33 39.84
C SER G 78 18.40 52.38 38.92
N PRO G 79 17.13 52.11 39.26
CA PRO G 79 16.34 51.18 38.46
C PRO G 79 15.83 51.87 37.20
N TYR G 80 16.74 52.45 36.42
CA TYR G 80 16.36 53.10 35.18
C TYR G 80 17.50 52.92 34.18
N ALA G 81 17.16 52.75 32.91
CA ALA G 81 18.17 52.57 31.87
C ALA G 81 19.08 53.81 31.73
N LYS G 82 20.39 53.59 31.81
CA LYS G 82 21.32 54.70 31.78
C LYS G 82 22.62 54.26 31.14
N VAL G 83 23.50 55.21 30.87
CA VAL G 83 24.73 54.96 30.14
C VAL G 83 25.78 55.95 30.63
N SER G 84 27.05 55.56 30.70
CA SER G 84 28.05 56.49 31.24
C SER G 84 28.56 57.52 30.23
N GLY G 85 28.97 58.69 30.73
CA GLY G 85 29.63 59.70 29.93
C GLY G 85 31.13 59.65 30.16
N ALA G 86 31.89 60.54 29.53
CA ALA G 86 33.34 60.56 29.70
C ALA G 86 33.75 61.08 31.07
N ASP G 87 32.75 61.41 31.89
CA ASP G 87 32.95 61.86 33.25
C ASP G 87 32.64 60.74 34.25
N ASN G 88 32.20 59.59 33.73
CA ASN G 88 31.79 58.44 34.56
C ASN G 88 30.65 58.79 35.48
N LYS G 89 29.81 59.70 35.00
CA LYS G 89 28.54 59.95 35.63
C LYS G 89 27.57 59.23 34.74
N PHE G 90 26.31 59.15 35.14
CA PHE G 90 25.37 58.34 34.41
C PHE G 90 24.25 59.16 33.81
N TYR G 91 23.79 58.73 32.65
CA TYR G 91 22.86 59.53 31.88
C TYR G 91 21.70 58.68 31.41
N ILE G 92 20.48 59.13 31.72
CA ILE G 92 19.27 58.39 31.38
C ILE G 92 18.86 58.76 29.96
N TYR G 93 18.54 57.75 29.14
CA TYR G 93 18.27 57.99 27.73
C TYR G 93 16.82 57.89 27.30
N ARG G 94 15.97 57.31 28.13
CA ARG G 94 14.59 57.19 27.75
C ARG G 94 13.79 58.28 28.42
N VAL G 95 12.90 58.91 27.67
CA VAL G 95 12.01 59.91 28.20
C VAL G 95 11.19 59.36 29.36
N ASN G 96 10.49 58.26 29.10
CA ASN G 96 9.65 57.62 30.13
C ASN G 96 10.39 57.42 31.45
N ASP G 97 11.61 56.89 31.36
CA ASP G 97 12.48 56.76 32.52
C ASP G 97 12.81 58.09 33.21
N ILE G 99 11.09 60.86 33.28
CA ILE G 99 9.89 61.32 33.99
C ILE G 99 9.61 60.54 35.28
N ASP G 100 9.65 59.20 35.19
CA ASP G 100 9.46 58.37 36.37
C ASP G 100 10.49 58.71 37.45
N TYR G 101 11.72 58.92 37.01
CA TYR G 101 12.84 59.23 37.90
C TYR G 101 12.61 60.55 38.61
N LEU G 102 12.07 61.53 37.89
CA LEU G 102 11.76 62.80 38.51
C LEU G 102 10.73 62.62 39.60
N THR G 103 9.70 61.84 39.33
CA THR G 103 8.67 61.73 40.39
C THR G 103 9.11 60.88 41.56
N HIS G 104 10.02 59.96 41.29
CA HIS G 104 10.48 59.03 42.30
C HIS G 104 11.56 59.65 43.15
N THR G 105 12.26 60.63 42.60
CA THR G 105 13.45 61.15 43.26
C THR G 105 13.15 62.50 43.90
N GLY G 107 9.97 65.23 45.33
CA GLY G 107 8.81 64.98 46.15
C GLY G 107 7.55 64.81 45.34
N LYS G 108 6.44 65.20 45.94
CA LYS G 108 5.23 65.49 45.23
C LYS G 108 5.54 66.70 44.35
N PRO G 109 4.83 66.83 43.24
CA PRO G 109 5.02 68.00 42.39
C PRO G 109 4.41 69.23 43.04
N ASP G 110 4.92 70.40 42.69
CA ASP G 110 4.33 71.63 43.19
C ASP G 110 3.12 72.03 42.36
N LEU G 111 3.01 71.52 41.14
CA LEU G 111 1.87 71.91 40.32
C LEU G 111 1.47 70.85 39.29
N ILE G 112 0.21 70.45 39.25
CA ILE G 112 -0.26 69.66 38.11
C ILE G 112 -1.48 70.27 37.43
N VAL G 113 -1.37 70.48 36.12
CA VAL G 113 -2.38 71.21 35.35
C VAL G 113 -2.88 70.40 34.16
N ASN G 114 -4.19 70.30 33.99
CA ASN G 114 -4.74 69.44 32.93
C ASN G 114 -4.79 69.93 31.48
N ASN G 115 -4.54 71.20 31.19
CA ASN G 115 -4.33 71.57 29.78
C ASN G 115 -3.31 72.67 29.69
N PRO G 116 -2.04 72.31 29.90
CA PRO G 116 -0.95 73.22 30.29
C PRO G 116 -0.63 74.35 29.30
N LYS G 117 -1.01 75.57 29.68
CA LYS G 117 -0.61 76.77 28.94
C LYS G 117 0.54 77.45 29.66
N GLN G 118 1.22 78.39 29.02
CA GLN G 118 2.22 79.19 29.72
C GLN G 118 1.60 79.82 30.96
N SER G 119 0.32 80.16 30.84
CA SER G 119 -0.42 80.93 31.84
C SER G 119 -0.57 80.26 33.18
N ASP G 120 -0.50 78.93 33.22
CA ASP G 120 -0.67 78.17 34.46
C ASP G 120 0.61 78.19 35.29
N PHE G 121 1.75 78.44 34.64
CA PHE G 121 3.04 78.21 35.26
C PHE G 121 3.84 79.47 35.61
N ILE G 122 3.34 80.63 35.17
CA ILE G 122 3.92 81.93 35.51
C ILE G 122 3.87 82.19 37.04
N GLY G 123 4.95 82.79 37.56
CA GLY G 123 5.05 83.04 38.98
C GLY G 123 5.85 82.00 39.73
N LYS G 124 6.16 80.88 39.08
CA LYS G 124 6.98 79.83 39.68
C LYS G 124 8.10 79.37 38.73
N LYS G 125 9.16 78.79 39.29
CA LYS G 125 10.33 78.38 38.51
C LYS G 125 10.75 76.95 38.85
N GLY G 126 11.22 76.20 37.84
CA GLY G 126 11.84 74.92 38.12
C GLY G 126 11.77 73.92 36.97
N ILE G 127 11.56 72.66 37.32
CA ILE G 127 11.51 71.59 36.33
C ILE G 127 10.09 71.29 35.92
N ILE G 128 9.85 71.24 34.62
CA ILE G 128 8.52 71.06 34.10
C ILE G 128 8.45 69.84 33.15
N VAL G 129 7.47 68.98 33.38
CA VAL G 129 7.16 67.89 32.46
C VAL G 129 5.87 68.22 31.73
N VAL G 130 5.88 68.11 30.41
CA VAL G 130 4.64 68.25 29.64
C VAL G 130 4.34 66.90 28.99
N LYS G 131 3.27 66.26 29.43
CA LYS G 131 2.90 64.95 28.89
C LYS G 131 1.74 65.08 27.93
N GLY G 132 1.77 64.30 26.86
CA GLY G 132 0.70 64.31 25.89
C GLY G 132 0.87 63.27 24.80
N HIS G 133 0.01 63.32 23.80
CA HIS G 133 0.07 62.32 22.74
C HIS G 133 0.48 62.98 21.42
N GLY G 134 0.82 62.18 20.41
CA GLY G 134 1.16 62.75 19.11
C GLY G 134 2.60 62.51 18.68
N TRP G 135 3.50 62.39 19.63
CA TRP G 135 4.87 62.01 19.34
C TRP G 135 5.01 60.50 19.48
N SER G 136 5.31 59.83 18.38
CA SER G 136 5.43 58.39 18.44
C SER G 136 6.68 57.97 19.22
N ASN G 137 7.65 58.88 19.38
CA ASN G 137 8.88 58.47 20.05
C ASN G 137 9.04 59.03 21.46
N ALA G 138 7.99 59.64 21.98
CA ALA G 138 8.10 60.24 23.30
C ALA G 138 6.73 60.58 23.86
N ARG G 139 6.47 60.23 25.12
CA ARG G 139 5.20 60.59 25.72
C ARG G 139 5.16 62.03 26.27
N GLY G 140 6.29 62.73 26.20
CA GLY G 140 6.35 64.11 26.62
C GLY G 140 7.72 64.76 26.56
N HIS G 141 7.80 65.94 27.16
CA HIS G 141 9.02 66.76 27.14
C HIS G 141 9.37 67.23 28.55
N VAL G 142 10.66 67.17 28.89
CA VAL G 142 11.13 67.61 30.20
C VAL G 142 12.05 68.82 30.04
N THR G 143 11.79 69.91 30.72
CA THR G 143 12.69 71.05 30.58
C THR G 143 12.69 71.96 31.80
N LEU G 144 13.44 73.06 31.73
CA LEU G 144 13.44 74.05 32.80
C LEU G 144 12.59 75.23 32.40
N TRP G 145 11.79 75.73 33.34
CA TRP G 145 10.94 76.87 33.15
C TRP G 145 11.33 77.95 34.16
N ASN G 146 11.59 79.15 33.66
CA ASN G 146 12.09 80.24 34.51
C ASN G 146 10.99 81.18 34.98
N GLY G 147 9.75 80.84 34.67
CA GLY G 147 8.64 81.70 35.03
C GLY G 147 8.05 82.39 33.82
N SER G 148 8.80 82.40 32.72
CA SER G 148 8.34 83.06 31.49
C SER G 148 8.66 82.25 30.24
N ILE G 149 9.89 81.75 30.15
CA ILE G 149 10.29 80.90 29.03
C ILE G 149 10.86 79.57 29.51
N CYS G 150 11.07 78.65 28.58
CA CYS G 150 11.78 77.42 28.91
C CYS G 150 13.20 77.46 28.39
N SER G 151 14.07 76.66 29.00
CA SER G 151 15.47 76.70 28.62
C SER G 151 15.66 76.19 27.19
N ASP G 152 14.68 75.44 26.69
CA ASP G 152 14.62 75.14 25.28
C ASP G 152 13.26 75.53 24.66
N GLN G 153 12.31 74.62 24.69
CA GLN G 153 11.02 74.83 24.05
C GLN G 153 10.04 74.18 25.01
N CYS G 154 8.97 74.88 25.38
CA CYS G 154 8.10 74.36 26.42
C CYS G 154 7.22 73.21 25.93
N HIS G 155 6.83 73.29 24.66
CA HIS G 155 5.82 72.42 24.07
C HIS G 155 4.52 72.41 24.90
N LEU G 156 4.17 73.58 25.44
CA LEU G 156 2.91 73.72 26.13
C LEU G 156 1.82 73.88 25.09
N LEU G 157 0.58 74.07 25.54
CA LEU G 157 -0.55 74.20 24.63
C LEU G 157 -0.33 75.35 23.63
N ASN G 158 -0.58 75.04 22.35
CA ASN G 158 -0.52 76.01 21.25
C ASN G 158 0.88 76.57 20.98
N ASP G 159 1.89 75.93 21.55
CA ASP G 159 3.29 76.14 21.16
C ASP G 159 3.37 75.91 19.66
N PRO G 160 4.03 76.80 18.93
CA PRO G 160 4.15 76.65 17.47
C PRO G 160 5.04 75.47 17.04
N ASP G 161 5.90 74.97 17.93
CA ASP G 161 6.83 73.88 17.59
C ASP G 161 6.35 72.50 18.02
N ASN G 162 5.05 72.34 18.26
CA ASN G 162 4.55 71.05 18.70
C ASN G 162 4.52 69.98 17.61
N GLY G 163 4.17 70.39 16.39
CA GLY G 163 3.92 69.43 15.34
C GLY G 163 2.60 68.75 15.61
N PRO G 164 2.60 67.41 15.69
CA PRO G 164 1.38 66.66 16.00
C PRO G 164 1.15 66.49 17.51
N PHE G 165 2.14 66.88 18.29
CA PHE G 165 2.11 66.69 19.74
C PHE G 165 1.11 67.61 20.43
N VAL G 166 0.17 67.02 21.14
CA VAL G 166 -0.78 67.79 21.91
C VAL G 166 -0.60 67.45 23.38
N PRO G 167 -0.38 68.50 24.19
CA PRO G 167 -0.21 68.43 25.65
C PRO G 167 -1.52 68.17 26.37
N GLU G 168 -1.49 67.22 27.30
CA GLU G 168 -2.60 66.88 28.17
C GLU G 168 -2.31 67.26 29.62
N VAL G 169 -1.05 67.30 30.02
CA VAL G 169 -0.70 67.42 31.43
C VAL G 169 0.61 68.16 31.65
N GLY G 170 0.55 69.23 32.42
CA GLY G 170 1.76 69.95 32.79
C GLY G 170 2.06 69.77 34.27
N THR G 171 3.28 69.36 34.58
CA THR G 171 3.67 69.17 35.97
C THR G 171 4.92 69.98 36.25
N LEU G 172 4.90 70.74 37.36
CA LEU G 172 6.04 71.56 37.75
C LEU G 172 6.60 71.21 39.13
N TRP G 173 7.93 71.01 39.18
CA TRP G 173 8.67 70.99 40.43
C TRP G 173 9.44 72.29 40.61
N ILE G 174 9.13 73.01 41.69
CA ILE G 174 9.78 74.26 42.01
C ILE G 174 11.23 74.01 42.45
N LEU G 175 12.17 74.62 41.73
CA LEU G 175 13.55 74.67 42.14
C LEU G 175 13.80 75.95 42.98
N PRO G 176 14.47 75.80 44.13
CA PRO G 176 14.80 76.95 44.97
C PRO G 176 15.60 78.02 44.22
N ARG H 18 33.82 -18.30 0.79
CA ARG H 18 34.22 -19.67 0.49
C ARG H 18 35.07 -20.30 1.58
N PRO H 19 34.74 -21.54 1.95
CA PRO H 19 35.44 -22.29 3.00
C PRO H 19 36.81 -22.76 2.55
N SER H 20 37.73 -22.86 3.50
CA SER H 20 39.09 -23.25 3.17
C SER H 20 39.11 -24.71 2.71
N PHE H 21 39.96 -25.00 1.73
CA PHE H 21 39.99 -26.34 1.15
C PHE H 21 40.33 -27.46 2.11
N ASN H 22 41.38 -27.30 2.92
CA ASN H 22 41.79 -28.38 3.83
C ASN H 22 40.65 -28.82 4.73
N GLU H 23 39.89 -27.84 5.23
CA GLU H 23 38.76 -28.11 6.10
C GLU H 23 37.63 -28.77 5.35
N ALA H 24 37.38 -28.27 4.14
CA ALA H 24 36.33 -28.84 3.31
C ALA H 24 36.61 -30.32 3.16
N TRP H 25 37.84 -30.64 2.75
CA TRP H 25 38.30 -32.00 2.48
C TRP H 25 38.20 -32.94 3.67
N LEU H 26 38.74 -32.51 4.82
CA LEU H 26 38.62 -33.28 6.06
C LEU H 26 37.18 -33.51 6.50
N ALA H 27 36.35 -32.46 6.40
CA ALA H 27 34.92 -32.53 6.74
C ALA H 27 34.23 -33.55 5.84
N PHE H 28 34.57 -33.52 4.55
CA PHE H 28 34.00 -34.45 3.60
C PHE H 28 34.33 -35.87 4.00
N ARG H 29 35.55 -36.10 4.47
CA ARG H 29 35.90 -37.47 4.86
C ARG H 29 34.94 -38.04 5.91
N LYS H 30 34.41 -37.20 6.78
CA LYS H 30 33.51 -37.64 7.87
C LYS H 30 32.14 -38.16 7.38
N VAL H 31 31.72 -37.74 6.19
CA VAL H 31 30.47 -38.24 5.60
C VAL H 31 30.67 -39.11 4.34
N ASN H 32 31.92 -39.40 4.01
CA ASN H 32 32.21 -40.21 2.83
C ASN H 32 31.88 -41.68 3.05
N HIS H 33 30.62 -41.98 3.33
CA HIS H 33 30.17 -43.37 3.51
C HIS H 33 28.84 -43.63 2.79
N SER H 34 28.31 -44.83 2.92
CA SER H 34 26.97 -45.12 2.42
C SER H 34 25.92 -44.17 2.99
N VAL H 35 24.84 -43.97 2.23
CA VAL H 35 23.72 -43.13 2.64
C VAL H 35 23.21 -43.43 4.04
N ALA H 36 22.98 -44.72 4.31
CA ALA H 36 22.53 -45.20 5.62
C ALA H 36 23.40 -44.61 6.74
N ASP H 37 24.71 -44.69 6.53
CA ASP H 37 25.69 -44.16 7.45
C ASP H 37 25.53 -42.67 7.60
N VAL H 38 25.65 -41.93 6.49
CA VAL H 38 25.45 -40.46 6.48
C VAL H 38 24.21 -40.01 7.26
N GLY H 39 23.15 -40.80 7.14
CA GLY H 39 21.96 -40.62 7.96
C GLY H 39 22.17 -40.80 9.45
N SER H 40 22.75 -41.94 9.84
CA SER H 40 23.07 -42.16 11.26
C SER H 40 23.89 -40.99 11.83
N ILE H 41 24.86 -40.53 11.05
CA ILE H 41 25.77 -39.45 11.43
C ILE H 41 25.05 -38.12 11.63
N ILE H 42 24.26 -37.70 10.65
CA ILE H 42 23.63 -36.38 10.72
C ILE H 42 22.38 -36.35 11.61
N GLY H 43 21.70 -37.50 11.70
CA GLY H 43 20.48 -37.64 12.49
C GLY H 43 19.40 -36.64 12.14
N GLY H 44 18.50 -36.36 13.09
CA GLY H 44 17.46 -35.37 12.86
C GLY H 44 16.50 -35.72 11.73
N ASN H 45 15.94 -34.71 11.08
CA ASN H 45 15.03 -34.97 9.97
C ASN H 45 15.75 -35.54 8.73
N VAL H 46 17.03 -35.23 8.59
CA VAL H 46 17.85 -35.84 7.55
C VAL H 46 17.91 -37.38 7.77
N GLY H 47 18.19 -37.79 9.00
CA GLY H 47 18.21 -39.20 9.35
C GLY H 47 16.84 -39.83 9.29
N LYS H 48 15.79 -39.04 9.55
CA LYS H 48 14.45 -39.56 9.47
C LYS H 48 14.09 -39.91 8.02
N ASN H 49 14.37 -38.99 7.12
CA ASN H 49 14.15 -39.23 5.70
C ASN H 49 15.05 -40.33 5.13
N ILE H 50 16.27 -40.44 5.61
CA ILE H 50 17.13 -41.51 5.15
C ILE H 50 16.64 -42.86 5.64
N THR H 51 16.29 -42.93 6.92
CA THR H 51 15.74 -44.14 7.52
C THR H 51 14.49 -44.57 6.74
N GLY H 52 13.71 -43.57 6.30
CA GLY H 52 12.51 -43.83 5.55
C GLY H 52 12.76 -44.31 4.13
N GLY H 53 13.96 -44.09 3.61
CA GLY H 53 14.26 -44.49 2.24
C GLY H 53 13.80 -43.45 1.22
N TYR H 54 13.37 -42.29 1.71
CA TYR H 54 12.94 -41.20 0.84
C TYR H 54 14.16 -40.63 0.14
N PHE H 55 15.24 -40.42 0.89
CA PHE H 55 16.50 -39.93 0.32
C PHE H 55 17.40 -41.12 0.02
N GLN H 56 17.88 -41.22 -1.21
CA GLN H 56 18.77 -42.32 -1.56
C GLN H 56 20.10 -41.77 -2.04
N ASN H 57 20.11 -40.52 -2.49
CA ASN H 57 21.34 -39.93 -3.02
C ASN H 57 21.96 -38.99 -1.99
N ALA H 58 23.10 -39.37 -1.43
CA ALA H 58 23.70 -38.55 -0.37
C ALA H 58 24.59 -37.42 -0.90
N CYS H 59 24.82 -37.38 -2.21
CA CYS H 59 25.70 -36.35 -2.78
C CYS H 59 25.41 -34.92 -2.27
N PRO H 60 24.16 -34.42 -2.45
CA PRO H 60 23.90 -33.05 -1.99
C PRO H 60 23.88 -32.95 -0.47
N ILE H 61 23.55 -34.03 0.23
CA ILE H 61 23.57 -34.00 1.69
C ILE H 61 25.00 -33.91 2.23
N ARG H 62 25.94 -34.56 1.54
CA ARG H 62 27.34 -34.52 1.95
C ARG H 62 27.86 -33.13 1.71
N SER H 64 26.15 -30.41 1.64
CA SER H 64 25.53 -29.63 2.68
C SER H 64 26.34 -29.74 3.95
N TYR H 65 26.80 -30.95 4.24
CA TYR H 65 27.50 -31.21 5.50
C TYR H 65 28.84 -30.47 5.51
N VAL H 66 29.50 -30.48 4.37
CA VAL H 66 30.76 -29.78 4.25
C VAL H 66 30.54 -28.28 4.52
N LEU H 67 29.64 -27.69 3.73
CA LEU H 67 29.34 -26.26 3.88
C LEU H 67 29.02 -25.91 5.33
N ASN H 68 28.12 -26.67 5.93
CA ASN H 68 27.72 -26.41 7.32
C ASN H 68 28.89 -26.54 8.31
N ALA H 69 29.80 -27.47 8.07
CA ALA H 69 30.85 -27.74 9.06
C ALA H 69 32.08 -26.86 8.88
N THR H 70 32.09 -26.05 7.83
CA THR H 70 33.24 -25.17 7.64
C THR H 70 32.93 -23.67 7.67
N GLY H 71 31.88 -23.29 8.39
CA GLY H 71 31.60 -21.88 8.58
C GLY H 71 30.91 -21.16 7.41
N PHE H 72 30.33 -21.94 6.50
CA PHE H 72 29.49 -21.37 5.44
C PHE H 72 28.13 -22.08 5.31
N PRO H 73 27.38 -22.15 6.43
CA PRO H 73 26.18 -22.99 6.56
C PRO H 73 25.04 -22.50 5.68
N ILE H 74 24.22 -23.44 5.21
CA ILE H 74 23.12 -23.11 4.31
C ILE H 74 22.05 -22.33 5.07
N ALA H 75 21.75 -21.13 4.59
CA ALA H 75 20.76 -20.25 5.22
C ALA H 75 19.37 -20.86 5.23
N ARG H 76 18.69 -20.78 6.39
CA ARG H 76 17.35 -21.32 6.57
C ARG H 76 16.37 -20.92 5.47
N ASN H 77 16.56 -19.73 4.90
CA ASN H 77 15.65 -19.19 3.92
C ASN H 77 16.20 -19.14 2.49
N SER H 78 17.11 -20.06 2.19
CA SER H 78 17.47 -20.33 0.80
C SER H 78 16.22 -20.70 0.00
N PRO H 79 16.20 -20.30 -1.28
CA PRO H 79 15.13 -20.72 -2.19
C PRO H 79 15.40 -22.11 -2.76
N TYR H 80 15.85 -23.04 -1.91
CA TYR H 80 16.15 -24.42 -2.30
C TYR H 80 15.63 -25.37 -1.23
N ALA H 81 15.14 -26.53 -1.65
CA ALA H 81 14.48 -27.46 -0.75
C ALA H 81 15.46 -28.02 0.28
N LYS H 82 15.17 -27.75 1.55
CA LYS H 82 16.08 -28.14 2.61
C LYS H 82 15.39 -28.80 3.80
N VAL H 83 16.20 -29.45 4.61
CA VAL H 83 15.71 -30.18 5.77
C VAL H 83 16.79 -30.21 6.87
N SER H 84 16.40 -30.23 8.14
CA SER H 84 17.37 -30.07 9.22
C SER H 84 17.94 -31.38 9.78
N GLY H 85 19.19 -31.33 10.27
CA GLY H 85 19.78 -32.44 11.00
C GLY H 85 19.68 -32.22 12.52
N ALA H 86 20.28 -33.11 13.31
CA ALA H 86 20.35 -32.93 14.76
C ALA H 86 21.11 -31.65 15.17
N ASP H 87 22.15 -31.29 14.42
CA ASP H 87 22.81 -30.01 14.67
C ASP H 87 21.93 -28.78 14.39
N ASN H 88 20.69 -29.01 13.97
CA ASN H 88 19.77 -27.93 13.58
C ASN H 88 20.33 -27.04 12.48
N LYS H 89 21.15 -27.64 11.62
CA LYS H 89 21.63 -26.99 10.41
C LYS H 89 20.84 -27.54 9.23
N PHE H 90 20.88 -26.84 8.10
CA PHE H 90 20.04 -27.26 6.99
C PHE H 90 20.82 -27.93 5.84
N TYR H 91 20.20 -28.96 5.27
CA TYR H 91 20.82 -29.85 4.32
C TYR H 91 19.90 -29.98 3.13
N ILE H 92 20.45 -29.72 1.95
CA ILE H 92 19.72 -29.78 0.71
C ILE H 92 19.76 -31.19 0.16
N TYR H 93 18.60 -31.72 -0.20
CA TYR H 93 18.51 -33.14 -0.56
C TYR H 93 18.36 -33.39 -2.06
N ARG H 94 18.36 -32.33 -2.85
CA ARG H 94 18.27 -32.46 -4.28
C ARG H 94 19.53 -31.99 -4.97
N VAL H 95 20.11 -32.82 -5.83
CA VAL H 95 21.31 -32.43 -6.53
C VAL H 95 21.04 -31.21 -7.39
N ASN H 96 19.86 -31.15 -7.99
CA ASN H 96 19.52 -30.00 -8.84
C ASN H 96 19.60 -28.64 -8.08
N ASP H 97 18.96 -28.63 -6.91
CA ASP H 97 19.04 -27.52 -5.97
C ASP H 97 20.47 -27.22 -5.49
N ILE H 99 23.26 -27.80 -6.89
CA ILE H 99 23.95 -27.21 -8.02
C ILE H 99 23.58 -25.76 -8.20
N ASP H 100 22.28 -25.46 -8.26
CA ASP H 100 21.88 -24.06 -8.44
C ASP H 100 22.38 -23.18 -7.29
N TYR H 101 22.35 -23.75 -6.09
CA TYR H 101 22.83 -23.12 -4.88
C TYR H 101 24.28 -22.65 -5.01
N LEU H 102 25.16 -23.49 -5.57
CA LEU H 102 26.55 -23.07 -5.68
C LEU H 102 26.72 -21.77 -6.47
N THR H 103 25.98 -21.62 -7.57
CA THR H 103 26.03 -20.40 -8.37
C THR H 103 25.32 -19.24 -7.62
N HIS H 104 24.20 -19.53 -6.99
CA HIS H 104 23.47 -18.50 -6.25
C HIS H 104 24.33 -17.87 -5.17
N THR H 105 25.19 -18.68 -4.56
CA THR H 105 25.91 -18.25 -3.38
C THR H 105 27.36 -17.80 -3.61
N GLY H 107 28.54 -17.13 -6.75
CA GLY H 107 28.58 -16.37 -7.99
C GLY H 107 29.27 -17.12 -9.11
N LYS H 108 29.87 -16.37 -10.02
CA LYS H 108 30.56 -16.96 -11.15
C LYS H 108 31.62 -17.98 -10.71
N PRO H 109 31.76 -19.06 -11.49
CA PRO H 109 32.78 -20.06 -11.18
C PRO H 109 34.12 -19.65 -11.77
N ASP H 110 35.15 -20.37 -11.39
CA ASP H 110 36.49 -20.09 -11.89
C ASP H 110 36.72 -20.81 -13.20
N LEU H 111 36.12 -21.99 -13.33
CA LEU H 111 36.35 -22.80 -14.53
C LEU H 111 35.04 -23.42 -15.06
N ILE H 112 34.84 -23.32 -16.37
CA ILE H 112 33.77 -24.06 -17.03
C ILE H 112 34.30 -24.71 -18.29
N VAL H 113 34.18 -26.03 -18.38
CA VAL H 113 34.80 -26.77 -19.49
C VAL H 113 33.84 -27.79 -20.07
N ASN H 114 33.70 -27.80 -21.39
CA ASN H 114 32.85 -28.80 -22.04
C ASN H 114 33.63 -30.11 -22.22
N ASN H 115 32.95 -31.24 -22.09
CA ASN H 115 33.62 -32.55 -22.12
C ASN H 115 34.74 -32.63 -21.07
N PRO H 116 34.38 -32.46 -19.79
CA PRO H 116 35.37 -32.18 -18.76
C PRO H 116 36.28 -33.36 -18.44
N LYS H 117 37.60 -33.15 -18.58
CA LYS H 117 38.62 -34.12 -18.15
C LYS H 117 39.46 -33.52 -17.01
N GLN H 118 40.08 -34.42 -16.27
CA GLN H 118 40.96 -34.06 -15.16
C GLN H 118 42.05 -33.06 -15.53
N SER H 119 42.61 -33.22 -16.73
CA SER H 119 43.62 -32.31 -17.23
C SER H 119 43.10 -30.88 -17.29
N ASP H 120 41.79 -30.71 -17.43
CA ASP H 120 41.22 -29.36 -17.50
C ASP H 120 41.27 -28.67 -16.14
N PHE H 121 41.46 -29.46 -15.09
CA PHE H 121 41.45 -28.93 -13.72
C PHE H 121 42.75 -29.16 -12.99
N ILE H 122 43.79 -29.53 -13.74
CA ILE H 122 45.11 -29.71 -13.16
C ILE H 122 45.57 -28.41 -12.49
N GLY H 123 46.11 -28.52 -11.29
CA GLY H 123 46.68 -27.37 -10.61
C GLY H 123 45.68 -26.42 -9.98
N LYS H 124 44.45 -26.88 -9.76
CA LYS H 124 43.44 -26.07 -9.08
C LYS H 124 42.62 -26.90 -8.11
N LYS H 125 42.39 -26.40 -6.90
CA LYS H 125 41.63 -27.14 -5.91
C LYS H 125 40.29 -26.45 -5.75
N GLY H 126 39.25 -27.21 -5.39
CA GLY H 126 37.98 -26.62 -5.01
C GLY H 126 36.72 -27.48 -5.14
N ILE H 127 35.56 -26.84 -5.21
CA ILE H 127 34.31 -27.57 -5.39
C ILE H 127 34.01 -27.79 -6.86
N ILE H 128 33.84 -29.05 -7.23
CA ILE H 128 33.57 -29.42 -8.62
C ILE H 128 32.15 -29.98 -8.87
N VAL H 129 31.53 -29.45 -9.90
CA VAL H 129 30.25 -29.94 -10.36
C VAL H 129 30.42 -30.51 -11.76
N VAL H 130 29.91 -31.71 -11.98
CA VAL H 130 29.94 -32.35 -13.29
C VAL H 130 28.51 -32.68 -13.73
N LYS H 131 28.04 -31.95 -14.75
CA LYS H 131 26.71 -32.17 -15.31
C LYS H 131 26.80 -33.06 -16.54
N GLY H 132 25.83 -33.94 -16.72
CA GLY H 132 25.75 -34.72 -17.94
C GLY H 132 24.49 -35.57 -17.96
N HIS H 133 24.35 -36.42 -18.96
CA HIS H 133 23.12 -37.21 -19.06
C HIS H 133 23.40 -38.69 -18.76
N GLY H 134 22.36 -39.45 -18.43
CA GLY H 134 22.51 -40.90 -18.37
C GLY H 134 22.07 -41.51 -17.05
N TRP H 135 22.09 -40.69 -16.00
CA TRP H 135 21.60 -41.05 -14.69
C TRP H 135 20.17 -40.56 -14.61
N SER H 136 19.25 -41.41 -14.21
CA SER H 136 17.85 -40.98 -14.18
C SER H 136 17.50 -40.15 -12.93
N ASN H 137 18.28 -40.30 -11.86
CA ASN H 137 17.95 -39.64 -10.61
C ASN H 137 18.82 -38.43 -10.28
N ALA H 138 19.59 -37.95 -11.24
CA ALA H 138 20.53 -36.86 -10.97
C ALA H 138 21.08 -36.24 -12.23
N ARG H 139 21.02 -34.91 -12.34
CA ARG H 139 21.58 -34.23 -13.51
C ARG H 139 23.11 -34.11 -13.43
N GLY H 140 23.66 -34.43 -12.26
CA GLY H 140 25.10 -34.42 -12.11
C GLY H 140 25.62 -34.80 -10.75
N HIS H 141 26.91 -34.53 -10.56
CA HIS H 141 27.63 -34.89 -9.35
C HIS H 141 28.35 -33.67 -8.77
N VAL H 142 28.24 -33.48 -7.47
CA VAL H 142 28.95 -32.41 -6.78
C VAL H 142 29.93 -32.99 -5.73
N THR H 143 31.21 -32.63 -5.87
CA THR H 143 32.22 -33.16 -4.96
C THR H 143 33.45 -32.24 -4.83
N LEU H 144 34.44 -32.64 -4.04
CA LEU H 144 35.64 -31.84 -3.92
C LEU H 144 36.75 -32.37 -4.82
N TRP H 145 37.60 -31.46 -5.31
CA TRP H 145 38.70 -31.80 -6.21
C TRP H 145 40.03 -31.17 -5.71
N ASN H 146 41.07 -31.99 -5.51
CA ASN H 146 42.29 -31.50 -4.86
C ASN H 146 43.46 -31.18 -5.78
N GLY H 147 43.19 -31.11 -7.08
CA GLY H 147 44.23 -30.85 -8.04
C GLY H 147 44.62 -32.10 -8.83
N SER H 148 44.23 -33.29 -8.36
CA SER H 148 44.47 -34.51 -9.13
C SER H 148 43.46 -35.64 -8.89
N ILE H 149 42.80 -35.59 -7.73
CA ILE H 149 41.93 -36.67 -7.31
C ILE H 149 40.68 -36.05 -6.71
N CYS H 150 39.62 -36.83 -6.48
CA CYS H 150 38.43 -36.28 -5.83
C CYS H 150 38.16 -36.88 -4.47
N SER H 151 37.36 -36.17 -3.67
CA SER H 151 36.83 -36.65 -2.40
C SER H 151 36.26 -38.07 -2.44
N ASP H 152 35.32 -38.33 -3.33
CA ASP H 152 34.91 -39.69 -3.66
C ASP H 152 35.27 -39.94 -5.13
N GLN H 153 34.33 -40.42 -5.94
CA GLN H 153 34.57 -40.40 -7.37
C GLN H 153 34.35 -38.98 -7.95
N CYS H 154 35.27 -38.54 -8.80
CA CYS H 154 34.94 -37.53 -9.78
C CYS H 154 34.14 -38.35 -10.75
N HIS H 155 33.40 -37.73 -11.65
CA HIS H 155 32.86 -38.52 -12.73
C HIS H 155 33.16 -37.77 -14.01
N LEU H 156 34.45 -37.59 -14.28
CA LEU H 156 34.88 -36.89 -15.46
C LEU H 156 34.90 -37.83 -16.65
N LEU H 157 35.09 -37.29 -17.85
CA LEU H 157 35.22 -38.09 -19.05
C LEU H 157 36.39 -39.04 -18.85
N ASN H 158 36.31 -40.21 -19.46
CA ASN H 158 37.35 -41.24 -19.33
C ASN H 158 37.44 -41.94 -17.96
N ASP H 159 36.66 -41.47 -16.99
CA ASP H 159 36.53 -42.20 -15.72
C ASP H 159 35.82 -43.52 -15.93
N PRO H 160 36.26 -44.56 -15.20
CA PRO H 160 35.78 -45.91 -15.53
C PRO H 160 34.49 -46.27 -14.80
N ASP H 161 34.08 -45.47 -13.81
CA ASP H 161 32.94 -45.85 -12.99
C ASP H 161 31.67 -45.00 -13.24
N ASN H 162 31.53 -44.48 -14.46
CA ASN H 162 30.38 -43.64 -14.80
C ASN H 162 29.13 -44.47 -15.05
N GLY H 163 29.32 -45.56 -15.79
CA GLY H 163 28.21 -46.43 -16.15
C GLY H 163 27.52 -45.80 -17.32
N PRO H 164 26.23 -45.54 -17.17
CA PRO H 164 25.42 -44.83 -18.17
C PRO H 164 25.71 -43.31 -18.23
N PHE H 165 26.50 -42.81 -17.29
CA PHE H 165 26.67 -41.36 -17.17
C PHE H 165 27.70 -40.84 -18.15
N VAL H 166 27.30 -39.88 -18.98
CA VAL H 166 28.29 -39.18 -19.76
C VAL H 166 28.28 -37.68 -19.44
N PRO H 167 29.42 -37.21 -18.87
CA PRO H 167 29.68 -35.83 -18.45
C PRO H 167 29.84 -34.93 -19.67
N GLU H 168 29.17 -33.78 -19.60
CA GLU H 168 29.07 -32.86 -20.72
C GLU H 168 29.74 -31.52 -20.40
N VAL H 169 29.69 -31.14 -19.13
CA VAL H 169 30.36 -29.93 -18.70
C VAL H 169 30.77 -30.05 -17.23
N GLY H 170 31.95 -29.52 -16.93
CA GLY H 170 32.50 -29.50 -15.59
C GLY H 170 32.79 -28.08 -15.14
N THR H 171 32.38 -27.77 -13.92
CA THR H 171 32.56 -26.41 -13.42
C THR H 171 33.17 -26.37 -12.02
N LEU H 172 34.20 -25.53 -11.88
CA LEU H 172 35.02 -25.48 -10.68
C LEU H 172 34.97 -24.12 -10.05
N TRP H 173 34.64 -24.13 -8.75
CA TRP H 173 34.79 -22.98 -7.88
C TRP H 173 36.00 -23.23 -6.99
N ILE H 174 37.08 -22.49 -7.18
CA ILE H 174 38.30 -22.79 -6.42
C ILE H 174 38.13 -22.41 -4.96
N LEU H 175 38.70 -23.21 -4.08
CA LEU H 175 38.65 -22.92 -2.65
C LEU H 175 40.05 -22.54 -2.16
N PRO H 176 40.13 -21.49 -1.33
CA PRO H 176 41.42 -21.09 -0.74
C PRO H 176 42.01 -22.16 0.18
N THR I 2 -13.33 -45.93 -1.35
CA THR I 2 -12.19 -45.05 -1.08
C THR I 2 -11.04 -45.17 -2.11
N LEU I 3 -11.06 -46.19 -2.96
CA LEU I 3 -10.23 -46.19 -4.18
C LEU I 3 -11.10 -45.87 -5.42
N PRO I 4 -10.52 -45.22 -6.44
CA PRO I 4 -11.32 -44.96 -7.63
C PRO I 4 -11.55 -46.21 -8.48
N ASP I 5 -12.72 -46.28 -9.09
CA ASP I 5 -13.00 -47.32 -10.06
C ASP I 5 -12.11 -47.13 -11.27
N ILE I 6 -11.80 -48.25 -11.91
CA ILE I 6 -11.04 -48.24 -13.14
C ILE I 6 -11.67 -47.38 -14.23
N SER I 7 -12.99 -47.46 -14.35
CA SER I 7 -13.69 -46.75 -15.41
C SER I 7 -13.48 -45.22 -15.42
N THR I 8 -13.06 -44.64 -14.29
CA THR I 8 -12.86 -43.19 -14.19
C THR I 8 -11.53 -42.68 -14.71
N PHE I 9 -10.69 -43.60 -15.22
CA PHE I 9 -9.44 -43.25 -15.92
C PHE I 9 -9.77 -42.98 -17.39
N SER I 10 -8.94 -42.24 -18.12
CA SER I 10 -9.12 -42.13 -19.58
C SER I 10 -8.70 -43.41 -20.26
N GLN I 11 -9.07 -43.55 -21.52
CA GLN I 11 -8.74 -44.74 -22.30
C GLN I 11 -7.24 -44.90 -22.52
N GLN I 12 -6.58 -43.78 -22.78
CA GLN I 12 -5.14 -43.72 -22.83
C GLN I 12 -4.50 -44.17 -21.51
N GLN I 13 -5.10 -43.78 -20.39
CA GLN I 13 -4.56 -44.13 -19.09
C GLN I 13 -4.78 -45.60 -18.79
N ILE I 14 -5.92 -46.12 -19.21
CA ILE I 14 -6.24 -47.53 -19.07
C ILE I 14 -5.22 -48.36 -19.82
N PHE I 15 -4.86 -47.91 -21.02
CA PHE I 15 -3.89 -48.67 -21.82
C PHE I 15 -2.48 -48.57 -21.23
N GLU I 16 -2.08 -47.35 -20.86
CA GLU I 16 -0.81 -47.15 -20.16
C GLU I 16 -0.72 -48.04 -18.93
N ASN I 17 -1.75 -48.05 -18.08
CA ASN I 17 -1.75 -48.91 -16.89
C ASN I 17 -1.69 -50.41 -17.23
N TRP I 18 -2.37 -50.84 -18.29
CA TRP I 18 -2.18 -52.22 -18.76
C TRP I 18 -0.68 -52.49 -19.05
N VAL I 19 -0.05 -51.58 -19.79
CA VAL I 19 1.38 -51.74 -20.08
C VAL I 19 2.25 -51.76 -18.80
N GLN I 20 2.01 -50.81 -17.90
CA GLN I 20 2.81 -50.74 -16.69
C GLN I 20 2.66 -52.05 -15.86
N ASN I 21 1.42 -52.48 -15.67
CA ASN I 21 1.15 -53.69 -14.91
C ASN I 21 1.83 -54.91 -15.54
N ARG I 22 1.57 -55.15 -16.82
CA ARG I 22 2.18 -56.29 -17.48
C ARG I 22 3.71 -56.29 -17.36
N CYS I 23 4.30 -55.11 -17.53
CA CYS I 23 5.74 -54.94 -17.43
C CYS I 23 6.23 -55.39 -16.04
N ILE I 24 5.49 -54.97 -15.01
CA ILE I 24 5.82 -55.39 -13.65
C ILE I 24 5.74 -56.90 -13.51
N GLY I 25 4.78 -57.52 -14.19
CA GLY I 25 4.74 -58.97 -14.30
C GLY I 25 5.97 -59.60 -14.91
N LYS I 26 6.53 -58.98 -15.95
CA LYS I 26 7.75 -59.52 -16.53
C LYS I 26 8.99 -59.38 -15.66
N ILE I 27 9.05 -58.37 -14.79
CA ILE I 27 10.27 -58.25 -14.00
C ILE I 27 10.17 -58.86 -12.60
N ALA I 28 8.99 -59.33 -12.23
CA ALA I 28 8.81 -59.96 -10.92
C ALA I 28 9.42 -61.36 -10.92
N ASP I 29 9.93 -61.77 -9.76
CA ASP I 29 10.45 -63.12 -9.64
C ASP I 29 9.49 -64.05 -8.91
N SER I 30 8.73 -63.49 -7.98
CA SER I 30 7.66 -64.24 -7.33
C SER I 30 6.73 -64.82 -8.40
N LYS I 31 6.23 -66.02 -8.16
CA LYS I 31 5.16 -66.57 -8.98
C LYS I 31 3.95 -65.74 -8.57
N SER I 32 3.85 -65.54 -7.25
CA SER I 32 2.78 -64.76 -6.65
C SER I 32 2.62 -63.37 -7.28
N LEU I 33 3.73 -62.65 -7.42
CA LEU I 33 3.70 -61.29 -7.95
C LEU I 33 3.40 -61.27 -9.45
N LYS I 34 3.87 -62.29 -10.17
CA LYS I 34 3.57 -62.39 -11.59
C LYS I 34 2.08 -62.65 -11.84
N GLU I 35 1.49 -63.51 -11.02
CA GLU I 35 0.06 -63.76 -11.12
C GLU I 35 -0.74 -62.48 -10.78
N ASP I 36 -0.40 -61.84 -9.66
CA ASP I 36 -1.02 -60.59 -9.26
C ASP I 36 -0.96 -59.56 -10.39
N ALA I 37 0.21 -59.46 -11.01
CA ALA I 37 0.44 -58.57 -12.14
C ALA I 37 -0.44 -58.85 -13.36
N ASP I 38 -0.60 -60.12 -13.70
CA ASP I 38 -1.36 -60.44 -14.90
C ASP I 38 -2.88 -60.36 -14.70
N ALA I 39 -3.32 -60.57 -13.46
CA ALA I 39 -4.72 -60.36 -13.11
C ALA I 39 -5.05 -58.87 -13.09
N SER I 40 -4.13 -58.10 -12.49
CA SER I 40 -4.22 -56.65 -12.51
C SER I 40 -4.32 -56.13 -13.95
N ALA I 41 -3.42 -56.58 -14.83
CA ALA I 41 -3.47 -56.11 -16.21
C ALA I 41 -4.78 -56.49 -16.86
N ALA I 42 -5.26 -57.71 -16.62
CA ALA I 42 -6.52 -58.12 -17.24
C ALA I 42 -7.73 -57.25 -16.84
N ALA I 43 -7.72 -56.68 -15.64
CA ALA I 43 -8.76 -55.65 -15.32
C ALA I 43 -8.74 -54.42 -16.27
N TRP I 44 -7.53 -53.97 -16.60
CA TRP I 44 -7.36 -52.81 -17.41
C TRP I 44 -7.81 -53.16 -18.78
N LEU I 45 -7.37 -54.33 -19.26
CA LEU I 45 -7.78 -54.79 -20.57
C LEU I 45 -9.32 -54.81 -20.68
N GLU I 46 -9.99 -55.35 -19.66
CA GLU I 46 -11.46 -55.37 -19.69
C GLU I 46 -12.02 -53.97 -19.88
N ALA I 47 -11.44 -52.99 -19.19
CA ALA I 47 -12.02 -51.63 -19.28
C ALA I 47 -11.73 -50.88 -20.59
N SER I 48 -10.70 -51.30 -21.32
CA SER I 48 -10.25 -50.64 -22.53
C SER I 48 -11.17 -50.92 -23.73
N ASN I 49 -11.17 -50.02 -24.71
CA ASN I 49 -11.93 -50.26 -25.94
C ASN I 49 -11.04 -50.63 -27.14
N LEU I 50 -9.79 -50.97 -26.88
CA LEU I 50 -8.86 -51.29 -27.94
C LEU I 50 -8.95 -52.77 -28.27
N PRO I 51 -8.79 -53.14 -29.56
CA PRO I 51 -8.80 -54.58 -29.87
C PRO I 51 -7.58 -55.36 -29.31
N ALA I 52 -7.74 -56.66 -29.04
CA ALA I 52 -6.70 -57.47 -28.39
C ALA I 52 -5.31 -57.45 -29.07
N GLU I 53 -5.32 -57.31 -30.39
CA GLU I 53 -4.09 -57.18 -31.19
C GLU I 53 -3.16 -56.12 -30.60
N ASN I 54 -3.71 -54.94 -30.33
CA ASN I 54 -2.94 -53.82 -29.77
C ASN I 54 -2.18 -54.25 -28.54
N PHE I 55 -2.85 -55.00 -27.69
CA PHE I 55 -2.24 -55.47 -26.45
C PHE I 55 -1.10 -56.43 -26.75
N GLU I 56 -1.27 -57.27 -27.77
CA GLU I 56 -0.21 -58.21 -28.15
C GLU I 56 1.05 -57.47 -28.66
N LYS I 57 0.82 -56.53 -29.57
CA LYS I 57 1.89 -55.68 -30.04
C LYS I 57 2.57 -54.96 -28.88
N ALA I 58 1.76 -54.47 -27.95
CA ALA I 58 2.27 -53.72 -26.81
C ALA I 58 3.18 -54.59 -25.98
N ASP I 59 2.80 -55.86 -25.78
CA ASP I 59 3.67 -56.82 -25.07
C ASP I 59 4.99 -56.98 -25.81
N GLU I 60 4.94 -57.03 -27.14
CA GLU I 60 6.19 -57.11 -27.89
C GLU I 60 7.08 -55.91 -27.57
N VAL I 61 6.53 -54.71 -27.75
CA VAL I 61 7.26 -53.49 -27.42
C VAL I 61 7.83 -53.54 -26.00
N ILE I 62 7.05 -54.06 -25.05
CA ILE I 62 7.52 -54.12 -23.67
C ILE I 62 8.78 -54.96 -23.59
N VAL I 63 8.71 -56.16 -24.15
CA VAL I 63 9.84 -57.08 -24.19
C VAL I 63 11.08 -56.43 -24.79
N SER I 64 10.91 -55.67 -25.86
CA SER I 64 12.04 -54.97 -26.43
C SER I 64 12.60 -53.85 -25.50
N LEU I 65 11.75 -52.91 -25.08
CA LEU I 65 12.19 -51.80 -24.24
C LEU I 65 12.76 -52.22 -22.88
N LEU I 66 12.45 -53.43 -22.42
CA LEU I 66 13.03 -53.86 -21.15
C LEU I 66 14.54 -54.13 -21.23
N LYS I 67 15.06 -54.40 -22.43
CA LYS I 67 16.48 -54.70 -22.55
C LYS I 67 17.35 -53.43 -22.55
N GLN I 68 16.70 -52.28 -22.72
CA GLN I 68 17.30 -50.98 -22.46
C GLN I 68 17.83 -50.92 -21.05
N LYS I 69 19.00 -50.34 -20.84
CA LYS I 69 19.45 -50.14 -19.47
C LYS I 69 19.15 -48.70 -19.05
N VAL I 70 18.37 -48.53 -17.99
CA VAL I 70 18.27 -47.23 -17.35
C VAL I 70 18.99 -47.28 -16.01
N GLY I 71 19.87 -46.30 -15.78
CA GLY I 71 20.67 -46.31 -14.58
C GLY I 71 20.57 -45.03 -13.77
N GLY I 72 21.20 -45.05 -12.60
CA GLY I 72 21.25 -43.91 -11.73
C GLY I 72 22.56 -43.89 -10.98
N THR I 73 22.66 -42.97 -10.03
CA THR I 73 23.89 -42.73 -9.29
C THR I 73 24.13 -43.83 -8.22
N GLU I 74 23.47 -44.97 -8.41
CA GLU I 74 23.45 -46.06 -7.45
C GLU I 74 23.30 -47.41 -8.16
N PRO I 75 23.91 -48.46 -7.58
CA PRO I 75 23.85 -49.86 -7.98
C PRO I 75 22.68 -50.25 -8.87
N GLY I 76 21.59 -50.69 -8.23
CA GLY I 76 20.26 -50.86 -8.80
C GLY I 76 19.94 -51.00 -10.28
N HIS I 77 18.85 -51.70 -10.55
CA HIS I 77 18.43 -51.91 -11.93
C HIS I 77 17.37 -50.90 -12.39
N TYR I 78 16.66 -50.29 -11.44
CA TYR I 78 15.65 -49.28 -11.76
C TYR I 78 14.57 -49.83 -12.69
N GLN I 79 14.26 -51.12 -12.58
CA GLN I 79 13.27 -51.74 -13.44
C GLN I 79 11.85 -51.18 -13.25
N ILE I 80 11.51 -50.82 -12.02
CA ILE I 80 10.17 -50.32 -11.70
C ILE I 80 9.87 -48.96 -12.36
N LEU I 81 10.80 -48.02 -12.16
CA LEU I 81 10.89 -46.83 -13.00
C LEU I 81 10.84 -47.15 -14.49
N LYS I 82 11.62 -48.13 -14.93
CA LYS I 82 11.68 -48.42 -16.35
C LYS I 82 10.29 -48.79 -16.86
N CYS I 83 9.53 -49.53 -16.05
CA CYS I 83 8.19 -49.94 -16.44
C CYS I 83 7.31 -48.71 -16.61
N THR I 84 7.40 -47.79 -15.66
CA THR I 84 6.61 -46.57 -15.76
C THR I 84 6.95 -45.78 -17.05
N LEU I 85 8.24 -45.71 -17.37
CA LEU I 85 8.71 -45.08 -18.61
C LEU I 85 8.27 -45.82 -19.89
N ILE I 86 8.20 -47.14 -19.84
CA ILE I 86 7.85 -47.91 -21.03
C ILE I 86 6.40 -47.62 -21.33
N ALA I 87 5.59 -47.61 -20.26
CA ALA I 87 4.17 -47.30 -20.40
C ALA I 87 3.89 -45.97 -21.09
N ASN I 88 4.74 -44.97 -20.87
CA ASN I 88 4.54 -43.65 -21.46
C ASN I 88 5.48 -43.37 -22.64
N SER I 89 5.98 -44.43 -23.27
CA SER I 89 6.98 -44.32 -24.32
C SER I 89 6.42 -43.99 -25.70
N ASP I 90 7.28 -43.42 -26.54
CA ASP I 90 6.98 -43.10 -27.94
C ASP I 90 6.55 -44.36 -28.69
N ALA I 91 7.17 -45.49 -28.35
CA ALA I 91 6.88 -46.75 -29.01
C ALA I 91 5.47 -47.28 -28.70
N ILE I 92 4.98 -46.98 -27.51
CA ILE I 92 3.72 -47.55 -27.07
C ILE I 92 2.55 -46.71 -27.56
N ARG I 93 2.80 -45.41 -27.70
CA ARG I 93 1.78 -44.41 -28.05
C ARG I 93 0.89 -44.65 -29.31
N PRO I 94 1.48 -45.10 -30.42
CA PRO I 94 0.56 -45.45 -31.53
C PRO I 94 -0.39 -46.64 -31.25
N LEU I 95 -0.17 -47.40 -30.20
CA LEU I 95 -1.09 -48.50 -29.92
C LEU I 95 -2.32 -48.05 -29.12
N LYS I 96 -2.34 -46.80 -28.68
CA LYS I 96 -3.49 -46.27 -27.95
C LYS I 96 -4.61 -45.85 -28.90
N SER I 97 -4.40 -46.06 -30.19
CA SER I 97 -5.41 -45.69 -31.17
C SER I 97 -5.81 -46.89 -32.02
N SER I 98 -7.03 -46.87 -32.55
CA SER I 98 -7.48 -47.99 -33.37
C SER I 98 -7.58 -47.64 -34.88
N GLN J 1 -10.75 -37.33 -40.12
CA GLN J 1 -10.48 -38.03 -38.87
C GLN J 1 -11.56 -37.79 -37.79
N THR J 2 -11.96 -38.83 -37.07
CA THR J 2 -12.98 -38.67 -36.05
C THR J 2 -12.38 -38.08 -34.78
N LEU J 3 -13.25 -37.53 -33.93
CA LEU J 3 -12.85 -36.95 -32.66
C LEU J 3 -13.21 -37.93 -31.54
N PRO J 4 -12.38 -38.00 -30.50
CA PRO J 4 -12.70 -38.87 -29.38
C PRO J 4 -14.04 -38.50 -28.73
N ASP J 5 -14.83 -39.47 -28.29
CA ASP J 5 -16.01 -39.17 -27.48
C ASP J 5 -15.60 -38.52 -26.15
N ILE J 6 -16.53 -37.83 -25.52
CA ILE J 6 -16.28 -37.30 -24.18
C ILE J 6 -15.97 -38.38 -23.13
N SER J 7 -16.66 -39.53 -23.22
CA SER J 7 -16.55 -40.63 -22.26
C SER J 7 -15.15 -41.28 -22.19
N THR J 8 -14.37 -40.96 -23.21
CA THR J 8 -12.99 -41.36 -23.45
C THR J 8 -11.99 -40.72 -22.46
N PHE J 9 -12.35 -39.59 -21.85
CA PHE J 9 -11.51 -38.83 -20.92
C PHE J 9 -11.65 -39.32 -19.49
N SER J 10 -10.72 -38.98 -18.62
CA SER J 10 -10.86 -39.34 -17.22
C SER J 10 -11.89 -38.45 -16.53
N GLN J 11 -12.32 -38.83 -15.34
CA GLN J 11 -13.22 -37.96 -14.57
C GLN J 11 -12.54 -36.62 -14.17
N GLN J 12 -11.25 -36.68 -13.85
CA GLN J 12 -10.52 -35.46 -13.52
C GLN J 12 -10.46 -34.51 -14.71
N GLN J 13 -10.06 -35.05 -15.87
CA GLN J 13 -10.08 -34.35 -17.14
C GLN J 13 -11.46 -33.81 -17.54
N ILE J 14 -12.51 -34.60 -17.34
CA ILE J 14 -13.87 -34.14 -17.60
C ILE J 14 -14.17 -32.88 -16.78
N PHE J 15 -13.85 -32.91 -15.49
CA PHE J 15 -14.05 -31.70 -14.68
C PHE J 15 -13.17 -30.53 -15.13
N GLU J 16 -11.88 -30.77 -15.31
CA GLU J 16 -10.94 -29.77 -15.80
C GLU J 16 -11.44 -29.07 -17.07
N ASN J 17 -11.97 -29.87 -18.00
CA ASN J 17 -12.51 -29.37 -19.26
C ASN J 17 -13.83 -28.61 -19.09
N TRP J 18 -14.64 -29.04 -18.12
CA TRP J 18 -15.76 -28.20 -17.74
C TRP J 18 -15.24 -26.83 -17.33
N VAL J 19 -14.25 -26.80 -16.44
CA VAL J 19 -13.77 -25.56 -15.87
C VAL J 19 -13.18 -24.68 -16.94
N GLN J 20 -12.40 -25.25 -17.84
CA GLN J 20 -11.79 -24.42 -18.83
C GLN J 20 -12.81 -23.87 -19.84
N ASN J 21 -13.80 -24.68 -20.23
CA ASN J 21 -14.87 -24.20 -21.12
C ASN J 21 -15.72 -23.10 -20.49
N ARG J 22 -16.14 -23.36 -19.27
CA ARG J 22 -16.89 -22.40 -18.48
C ARG J 22 -16.09 -21.10 -18.31
N CYS J 23 -14.77 -21.21 -18.18
CA CYS J 23 -13.88 -20.06 -18.08
C CYS J 23 -13.82 -19.25 -19.40
N ILE J 24 -13.66 -19.95 -20.52
CA ILE J 24 -13.71 -19.34 -21.85
C ILE J 24 -15.01 -18.54 -22.04
N GLY J 25 -16.12 -19.03 -21.49
CA GLY J 25 -17.36 -18.26 -21.58
C GLY J 25 -17.33 -16.93 -20.84
N LYS J 26 -16.68 -16.92 -19.68
CA LYS J 26 -16.59 -15.71 -18.87
C LYS J 26 -15.64 -14.69 -19.48
N ILE J 27 -14.68 -15.14 -20.28
CA ILE J 27 -13.79 -14.13 -20.87
C ILE J 27 -14.11 -13.79 -22.33
N ALA J 28 -15.14 -14.45 -22.87
CA ALA J 28 -15.59 -14.14 -24.23
C ALA J 28 -16.39 -12.83 -24.24
N ASP J 29 -16.22 -12.11 -25.34
CA ASP J 29 -16.91 -10.84 -25.55
C ASP J 29 -18.24 -11.12 -26.23
N SER J 30 -18.20 -12.06 -27.17
CA SER J 30 -19.33 -12.44 -28.02
C SER J 30 -20.44 -13.20 -27.29
N LYS J 31 -21.68 -12.95 -27.67
CA LYS J 31 -22.83 -13.65 -27.14
C LYS J 31 -22.86 -15.09 -27.71
N SER J 32 -22.52 -15.21 -28.99
CA SER J 32 -22.52 -16.51 -29.65
C SER J 32 -21.44 -17.41 -29.05
N LEU J 33 -20.32 -16.81 -28.63
CA LEU J 33 -19.26 -17.60 -28.04
C LEU J 33 -19.51 -17.98 -26.59
N LYS J 34 -20.13 -17.11 -25.80
CA LYS J 34 -20.53 -17.46 -24.44
C LYS J 34 -21.55 -18.61 -24.52
N GLU J 35 -22.46 -18.53 -25.49
CA GLU J 35 -23.43 -19.59 -25.68
C GLU J 35 -22.72 -20.89 -26.06
N ASP J 36 -21.70 -20.77 -26.91
CA ASP J 36 -20.92 -21.92 -27.32
C ASP J 36 -20.23 -22.60 -26.11
N ALA J 37 -19.58 -21.79 -25.29
CA ALA J 37 -18.90 -22.21 -24.07
C ALA J 37 -19.85 -22.81 -23.08
N ASP J 38 -21.10 -22.36 -23.08
CA ASP J 38 -22.04 -22.93 -22.14
C ASP J 38 -22.58 -24.29 -22.59
N ALA J 39 -22.86 -24.41 -23.88
CA ALA J 39 -23.29 -25.70 -24.41
C ALA J 39 -22.15 -26.74 -24.22
N SER J 40 -20.97 -26.32 -24.67
CA SER J 40 -19.73 -27.07 -24.44
C SER J 40 -19.55 -27.50 -22.98
N ALA J 41 -19.57 -26.54 -22.06
CA ALA J 41 -19.43 -26.87 -20.65
C ALA J 41 -20.46 -27.92 -20.21
N ALA J 42 -21.71 -27.74 -20.66
CA ALA J 42 -22.77 -28.64 -20.23
C ALA J 42 -22.56 -30.07 -20.72
N ALA J 43 -21.93 -30.27 -21.89
CA ALA J 43 -21.61 -31.64 -22.31
C ALA J 43 -20.68 -32.39 -21.30
N TRP J 44 -19.64 -31.70 -20.87
CA TRP J 44 -18.79 -32.19 -19.79
C TRP J 44 -19.56 -32.40 -18.49
N LEU J 45 -20.41 -31.46 -18.10
CA LEU J 45 -21.17 -31.65 -16.86
C LEU J 45 -21.95 -32.97 -16.93
N GLU J 46 -22.55 -33.24 -18.10
CA GLU J 46 -23.38 -34.42 -18.28
C GLU J 46 -22.56 -35.70 -18.14
N ALA J 47 -21.32 -35.67 -18.65
CA ALA J 47 -20.49 -36.87 -18.55
C ALA J 47 -19.85 -37.14 -17.17
N SER J 48 -19.66 -36.11 -16.36
CA SER J 48 -19.04 -36.21 -15.05
C SER J 48 -19.92 -36.91 -14.02
N ASN J 49 -19.29 -37.50 -12.99
CA ASN J 49 -20.04 -38.05 -11.85
C ASN J 49 -20.08 -37.16 -10.59
N LEU J 50 -19.48 -35.97 -10.67
CA LEU J 50 -19.57 -35.02 -9.55
C LEU J 50 -20.97 -34.41 -9.39
N PRO J 51 -21.40 -34.25 -8.13
CA PRO J 51 -22.67 -33.57 -7.85
C PRO J 51 -22.60 -32.10 -8.26
N ALA J 52 -23.72 -31.49 -8.61
CA ALA J 52 -23.71 -30.16 -9.21
C ALA J 52 -23.08 -29.10 -8.31
N GLU J 53 -23.16 -29.33 -7.00
CA GLU J 53 -22.60 -28.40 -6.02
C GLU J 53 -21.11 -28.12 -6.28
N ASN J 54 -20.37 -29.17 -6.64
CA ASN J 54 -18.96 -29.00 -7.01
C ASN J 54 -18.76 -28.00 -8.15
N PHE J 55 -19.59 -28.06 -9.17
CA PHE J 55 -19.51 -27.11 -10.28
C PHE J 55 -19.86 -25.70 -9.79
N GLU J 56 -20.83 -25.59 -8.90
CA GLU J 56 -21.16 -24.29 -8.30
C GLU J 56 -19.94 -23.64 -7.63
N LYS J 57 -19.35 -24.39 -6.69
CA LYS J 57 -18.11 -23.97 -6.03
C LYS J 57 -16.99 -23.63 -7.02
N ALA J 58 -16.85 -24.43 -8.07
CA ALA J 58 -15.81 -24.18 -9.04
C ALA J 58 -16.08 -22.93 -9.85
N ASP J 59 -17.34 -22.54 -9.93
CA ASP J 59 -17.66 -21.31 -10.62
C ASP J 59 -17.16 -20.13 -9.79
N GLU J 60 -17.46 -20.14 -8.48
CA GLU J 60 -16.81 -19.18 -7.56
C GLU J 60 -15.27 -19.12 -7.72
N VAL J 61 -14.63 -20.29 -7.77
CA VAL J 61 -13.17 -20.29 -7.90
C VAL J 61 -12.76 -19.66 -9.21
N ILE J 62 -13.45 -20.00 -10.29
CA ILE J 62 -13.12 -19.40 -11.57
C ILE J 62 -13.19 -17.88 -11.48
N VAL J 63 -14.26 -17.34 -10.87
CA VAL J 63 -14.38 -15.88 -10.85
C VAL J 63 -13.24 -15.23 -10.06
N SER J 64 -12.93 -15.79 -8.88
CA SER J 64 -11.76 -15.35 -8.13
C SER J 64 -10.46 -15.36 -8.95
N LEU J 65 -10.11 -16.51 -9.51
CA LEU J 65 -8.83 -16.66 -10.21
C LEU J 65 -8.76 -15.91 -11.52
N LEU J 66 -9.89 -15.45 -12.04
CA LEU J 66 -9.87 -14.66 -13.26
C LEU J 66 -9.29 -13.27 -13.00
N LYS J 67 -9.37 -12.83 -11.75
CA LYS J 67 -8.79 -11.56 -11.34
C LYS J 67 -7.23 -11.56 -11.22
N GLN J 68 -6.63 -12.75 -11.30
CA GLN J 68 -5.17 -12.86 -11.30
C GLN J 68 -4.63 -12.17 -12.54
N LYS J 69 -3.38 -11.72 -12.48
CA LYS J 69 -2.75 -11.21 -13.69
C LYS J 69 -1.91 -12.31 -14.32
N VAL J 70 -2.00 -12.42 -15.63
CA VAL J 70 -1.12 -13.33 -16.34
C VAL J 70 -0.56 -12.54 -17.51
N GLY J 71 0.77 -12.47 -17.57
CA GLY J 71 1.42 -11.65 -18.57
C GLY J 71 2.52 -12.33 -19.34
N GLY J 72 3.08 -11.58 -20.28
CA GLY J 72 4.15 -12.06 -21.14
C GLY J 72 4.87 -10.89 -21.78
N THR J 73 5.50 -11.14 -22.91
CA THR J 73 6.24 -10.11 -23.59
C THR J 73 5.34 -9.22 -24.46
N GLU J 74 4.17 -9.75 -24.87
CA GLU J 74 3.15 -8.93 -25.55
C GLU J 74 2.18 -8.36 -24.52
N PRO J 75 1.46 -7.27 -24.88
CA PRO J 75 0.64 -6.58 -23.88
C PRO J 75 -0.80 -7.11 -23.73
N GLY J 76 -1.18 -8.10 -24.56
CA GLY J 76 -2.47 -8.76 -24.42
C GLY J 76 -2.74 -9.30 -23.00
N HIS J 77 -3.95 -9.81 -22.78
CA HIS J 77 -4.32 -10.22 -21.42
C HIS J 77 -4.07 -11.71 -21.12
N TYR J 78 -3.59 -12.46 -22.10
CA TYR J 78 -3.29 -13.88 -21.89
C TYR J 78 -4.41 -14.63 -21.17
N GLN J 79 -5.66 -14.40 -21.51
CA GLN J 79 -6.70 -14.98 -20.68
C GLN J 79 -7.06 -16.41 -21.08
N ILE J 80 -6.79 -16.74 -22.33
CA ILE J 80 -6.99 -18.09 -22.85
C ILE J 80 -5.98 -19.08 -22.25
N LEU J 81 -4.80 -18.58 -21.91
CA LEU J 81 -3.82 -19.35 -21.17
C LEU J 81 -4.30 -19.43 -19.73
N LYS J 82 -4.83 -18.31 -19.24
CA LYS J 82 -5.26 -18.27 -17.85
C LYS J 82 -6.36 -19.27 -17.59
N CYS J 83 -7.20 -19.54 -18.58
CA CYS J 83 -8.30 -20.48 -18.36
C CYS J 83 -7.80 -21.91 -18.21
N THR J 84 -6.87 -22.30 -19.07
CA THR J 84 -6.13 -23.54 -18.90
C THR J 84 -5.40 -23.65 -17.55
N LEU J 85 -4.73 -22.58 -17.11
CA LEU J 85 -4.04 -22.64 -15.83
C LEU J 85 -5.05 -22.74 -14.70
N ILE J 86 -6.19 -22.11 -14.88
CA ILE J 86 -7.17 -22.07 -13.81
C ILE J 86 -7.74 -23.48 -13.66
N ALA J 87 -7.88 -24.17 -14.77
CA ALA J 87 -8.46 -25.51 -14.71
C ALA J 87 -7.53 -26.58 -14.09
N ASN J 88 -6.23 -26.27 -14.01
CA ASN J 88 -5.27 -27.18 -13.42
C ASN J 88 -4.70 -26.60 -12.14
N SER J 89 -5.44 -25.70 -11.51
CA SER J 89 -4.91 -24.94 -10.37
C SER J 89 -5.10 -25.74 -9.09
N ASP J 90 -4.43 -25.30 -8.03
CA ASP J 90 -4.57 -25.91 -6.69
C ASP J 90 -5.93 -25.67 -6.08
N ALA J 91 -6.53 -24.52 -6.41
CA ALA J 91 -7.80 -24.09 -5.81
C ALA J 91 -8.98 -24.90 -6.32
N ILE J 92 -8.82 -25.43 -7.54
CA ILE J 92 -9.84 -26.21 -8.25
C ILE J 92 -9.76 -27.70 -7.93
N ARG J 93 -8.56 -28.19 -7.59
CA ARG J 93 -8.37 -29.62 -7.28
C ARG J 93 -9.24 -30.24 -6.18
N PRO J 94 -9.42 -29.56 -5.04
CA PRO J 94 -10.28 -30.19 -4.02
C PRO J 94 -11.68 -30.55 -4.53
N LEU J 95 -12.19 -29.78 -5.50
CA LEU J 95 -13.54 -29.97 -6.01
C LEU J 95 -13.66 -31.19 -6.95
N LYS J 96 -12.59 -31.93 -7.12
CA LYS J 96 -12.68 -33.09 -8.00
C LYS J 96 -13.14 -34.37 -7.28
N SER J 97 -13.43 -34.28 -5.98
CA SER J 97 -13.94 -35.43 -5.23
C SER J 97 -15.35 -35.17 -4.73
N THR K 2 -15.70 27.69 12.77
CA THR K 2 -14.52 26.80 12.71
C THR K 2 -13.31 27.28 13.52
N LEU K 3 -12.32 26.39 13.60
CA LEU K 3 -11.08 26.60 14.33
C LEU K 3 -9.89 26.55 13.37
N PRO K 4 -8.85 27.35 13.66
CA PRO K 4 -7.63 27.32 12.84
C PRO K 4 -6.90 25.99 12.94
N ASP K 5 -6.36 25.51 11.82
CA ASP K 5 -5.45 24.38 11.83
C ASP K 5 -4.20 24.75 12.60
N ILE K 6 -3.61 23.75 13.23
CA ILE K 6 -2.35 23.90 13.96
C ILE K 6 -1.23 24.43 13.07
N SER K 7 -1.21 23.97 11.82
CA SER K 7 -0.15 24.34 10.87
C SER K 7 -0.06 25.86 10.59
N THR K 8 -1.16 26.58 10.79
CA THR K 8 -1.20 28.04 10.55
C THR K 8 -0.60 28.86 11.67
N PHE K 9 -0.14 28.23 12.75
CA PHE K 9 0.60 28.92 13.81
C PHE K 9 2.06 29.04 13.37
N SER K 10 2.84 29.92 13.97
CA SER K 10 4.28 29.94 13.68
C SER K 10 4.98 28.82 14.46
N GLN K 11 6.22 28.52 14.10
CA GLN K 11 6.97 27.47 14.79
C GLN K 11 7.23 27.77 16.26
N GLN K 12 7.54 29.03 16.54
CA GLN K 12 7.68 29.50 17.90
C GLN K 12 6.36 29.37 18.68
N GLN K 13 5.24 29.61 18.01
CA GLN K 13 3.95 29.54 18.68
C GLN K 13 3.58 28.08 18.95
N ILE K 14 3.87 27.21 18.00
CA ILE K 14 3.75 25.78 18.19
C ILE K 14 4.55 25.27 19.42
N PHE K 15 5.77 25.76 19.58
CA PHE K 15 6.55 25.34 20.74
C PHE K 15 6.03 25.91 22.07
N GLU K 16 5.70 27.21 22.05
CA GLU K 16 5.06 27.86 23.19
C GLU K 16 3.82 27.10 23.59
N ASN K 17 2.96 26.76 22.62
CA ASN K 17 1.72 26.05 22.93
C ASN K 17 1.96 24.62 23.43
N TRP K 18 2.95 23.94 22.90
CA TRP K 18 3.31 22.65 23.49
C TRP K 18 3.62 22.89 24.97
N VAL K 19 4.43 23.90 25.25
CA VAL K 19 4.85 24.17 26.62
C VAL K 19 3.64 24.47 27.52
N GLN K 20 2.79 25.36 27.08
CA GLN K 20 1.64 25.72 27.90
C GLN K 20 0.71 24.52 28.14
N ASN K 21 0.44 23.75 27.09
CA ASN K 21 -0.37 22.54 27.19
C ASN K 21 0.21 21.55 28.21
N ARG K 22 1.52 21.26 28.12
CA ARG K 22 2.20 20.37 29.05
C ARG K 22 2.05 20.85 30.47
N CYS K 23 2.27 22.16 30.64
CA CYS K 23 2.25 22.77 31.96
C CYS K 23 0.86 22.59 32.56
N ILE K 24 -0.18 22.76 31.75
CA ILE K 24 -1.54 22.49 32.21
C ILE K 24 -1.67 21.03 32.63
N GLY K 25 -1.03 20.13 31.88
CA GLY K 25 -0.99 18.73 32.26
C GLY K 25 -0.44 18.47 33.66
N LYS K 26 0.56 19.24 34.06
CA LYS K 26 1.19 19.06 35.37
C LYS K 26 0.41 19.62 36.56
N ILE K 27 -0.71 20.27 36.29
CA ILE K 27 -1.38 21.05 37.30
C ILE K 27 -2.83 20.58 37.52
N ALA K 28 -3.43 20.01 36.48
CA ALA K 28 -4.71 19.34 36.63
C ALA K 28 -4.57 18.24 37.67
N ASP K 29 -5.65 17.95 38.41
CA ASP K 29 -5.64 16.82 39.33
C ASP K 29 -6.53 15.72 38.78
N SER K 30 -7.45 16.13 37.92
CA SER K 30 -8.24 15.22 37.12
C SER K 30 -7.31 14.38 36.25
N LYS K 31 -7.57 13.08 36.14
CA LYS K 31 -6.73 12.25 35.28
C LYS K 31 -7.23 12.43 33.85
N SER K 32 -8.53 12.70 33.75
CA SER K 32 -9.16 13.09 32.51
C SER K 32 -8.39 14.25 31.89
N LEU K 33 -8.12 15.27 32.70
CA LEU K 33 -7.50 16.49 32.21
C LEU K 33 -6.00 16.33 31.92
N LYS K 34 -5.31 15.51 32.71
CA LYS K 34 -3.91 15.21 32.42
C LYS K 34 -3.77 14.48 31.06
N GLU K 35 -4.65 13.53 30.81
CA GLU K 35 -4.63 12.82 29.53
C GLU K 35 -4.93 13.78 28.35
N ASP K 36 -6.02 14.53 28.46
CA ASP K 36 -6.38 15.54 27.47
C ASP K 36 -5.21 16.52 27.21
N ALA K 37 -4.53 16.95 28.28
CA ALA K 37 -3.42 17.87 28.16
C ALA K 37 -2.24 17.27 27.40
N ASP K 38 -1.92 16.01 27.71
CA ASP K 38 -0.80 15.38 27.03
C ASP K 38 -1.07 15.03 25.56
N ALA K 39 -2.34 14.75 25.23
CA ALA K 39 -2.68 14.51 23.83
C ALA K 39 -2.70 15.82 23.04
N SER K 40 -3.21 16.86 23.69
CA SER K 40 -3.13 18.20 23.13
C SER K 40 -1.69 18.61 22.85
N ALA K 41 -0.80 18.36 23.81
CA ALA K 41 0.60 18.70 23.59
C ALA K 41 1.18 17.88 22.45
N ALA K 42 0.80 16.62 22.36
CA ALA K 42 1.37 15.78 21.29
C ALA K 42 0.99 16.26 19.89
N ALA K 43 -0.18 16.86 19.74
CA ALA K 43 -0.48 17.53 18.45
C ALA K 43 0.54 18.63 18.09
N TRP K 44 0.87 19.44 19.09
CA TRP K 44 1.84 20.50 18.89
C TRP K 44 3.17 19.91 18.53
N LEU K 45 3.61 18.92 19.30
CA LEU K 45 4.90 18.29 19.05
C LEU K 45 4.96 17.78 17.61
N GLU K 46 3.88 17.14 17.16
CA GLU K 46 3.85 16.61 15.79
C GLU K 46 4.10 17.69 14.77
N ALA K 47 3.50 18.86 15.01
CA ALA K 47 3.60 19.95 14.02
C ALA K 47 4.94 20.69 14.01
N SER K 48 5.64 20.67 15.14
CA SER K 48 6.90 21.39 15.30
C SER K 48 8.06 20.79 14.49
N ASN K 49 9.07 21.60 14.18
CA ASN K 49 10.27 21.10 13.49
C ASN K 49 11.49 20.94 14.42
N LEU K 50 11.26 21.08 15.73
CA LEU K 50 12.34 21.00 16.70
C LEU K 50 12.55 19.54 17.09
N PRO K 51 13.80 19.15 17.40
CA PRO K 51 14.02 17.76 17.85
C PRO K 51 13.43 17.44 19.25
N ALA K 52 13.18 16.16 19.54
CA ALA K 52 12.50 15.76 20.77
C ALA K 52 13.25 16.19 22.04
N GLU K 53 14.57 16.22 21.91
CA GLU K 53 15.45 16.74 22.96
C GLU K 53 14.99 18.08 23.54
N ASN K 54 14.77 19.07 22.67
CA ASN K 54 14.27 20.39 23.07
C ASN K 54 13.05 20.28 23.98
N PHE K 55 12.11 19.43 23.62
CA PHE K 55 10.92 19.27 24.42
C PHE K 55 11.26 18.68 25.78
N GLU K 56 12.26 17.80 25.83
CA GLU K 56 12.67 17.21 27.12
C GLU K 56 13.26 18.28 28.07
N LYS K 57 14.19 19.07 27.51
CA LYS K 57 14.77 20.16 28.26
C LYS K 57 13.66 21.08 28.74
N ALA K 58 12.73 21.36 27.83
CA ALA K 58 11.59 22.23 28.10
C ALA K 58 10.77 21.74 29.27
N ASP K 59 10.54 20.44 29.33
CA ASP K 59 9.84 19.84 30.48
C ASP K 59 10.60 20.12 31.76
N GLU K 60 11.93 19.99 31.73
CA GLU K 60 12.69 20.30 32.94
C GLU K 60 12.51 21.78 33.36
N VAL K 61 12.53 22.68 32.37
CA VAL K 61 12.31 24.08 32.67
C VAL K 61 10.92 24.33 33.25
N ILE K 62 9.92 23.60 32.76
CA ILE K 62 8.56 23.74 33.29
C ILE K 62 8.52 23.34 34.76
N VAL K 63 9.12 22.20 35.07
CA VAL K 63 9.13 21.68 36.44
C VAL K 63 9.84 22.64 37.38
N SER K 64 10.96 23.19 36.94
CA SER K 64 11.62 24.22 37.73
C SER K 64 10.73 25.49 37.94
N LEU K 65 10.31 26.15 36.87
CA LEU K 65 9.50 27.36 36.99
C LEU K 65 8.12 27.19 37.64
N LEU K 66 7.59 25.97 37.72
CA LEU K 66 6.32 25.78 38.39
C LEU K 66 6.43 26.05 39.90
N LYS K 67 7.67 25.97 40.39
CA LYS K 67 7.99 26.17 41.80
C LYS K 67 7.92 27.65 42.20
N GLN K 68 8.04 28.53 41.22
CA GLN K 68 7.90 29.98 41.43
C GLN K 68 6.50 30.24 41.95
N LYS K 69 6.36 31.13 42.93
CA LYS K 69 5.02 31.50 43.39
C LYS K 69 4.53 32.73 42.59
N VAL K 70 3.33 32.63 42.02
CA VAL K 70 2.74 33.75 41.33
C VAL K 70 1.45 34.19 42.00
N GLY K 71 1.45 35.37 42.62
CA GLY K 71 0.31 35.78 43.41
C GLY K 71 -0.43 37.00 42.87
N GLY K 72 -1.56 37.31 43.50
CA GLY K 72 -2.37 38.46 43.17
C GLY K 72 -3.04 38.96 44.43
N THR K 73 -3.93 39.93 44.27
CA THR K 73 -4.76 40.40 45.39
C THR K 73 -5.74 39.29 45.82
N GLU K 74 -6.02 38.37 44.89
CA GLU K 74 -6.84 37.20 45.18
C GLU K 74 -6.06 36.13 45.92
N PRO K 75 -6.57 35.73 47.10
CA PRO K 75 -6.04 34.51 47.72
C PRO K 75 -6.28 33.45 46.67
N GLY K 76 -5.29 32.61 46.39
CA GLY K 76 -5.39 31.71 45.26
C GLY K 76 -4.08 31.58 44.52
N HIS K 77 -4.02 30.64 43.59
CA HIS K 77 -2.74 30.15 43.09
C HIS K 77 -2.27 30.66 41.73
N TYR K 78 -3.21 30.99 40.84
CA TYR K 78 -2.86 31.51 39.51
C TYR K 78 -1.95 30.56 38.70
N GLN K 79 -2.22 29.26 38.76
CA GLN K 79 -1.45 28.30 37.98
C GLN K 79 -1.69 28.41 36.46
N ILE K 80 -2.93 28.69 36.05
CA ILE K 80 -3.24 28.82 34.63
C ILE K 80 -2.36 29.93 34.00
N LEU K 81 -2.48 31.12 34.57
CA LEU K 81 -1.59 32.25 34.25
C LEU K 81 -0.11 31.87 34.27
N LYS K 82 0.35 31.22 35.34
CA LYS K 82 1.75 30.80 35.42
C LYS K 82 2.18 29.96 34.22
N CYS K 83 1.31 29.03 33.79
CA CYS K 83 1.59 28.21 32.63
C CYS K 83 1.81 29.09 31.43
N THR K 84 0.90 30.03 31.23
CA THR K 84 1.05 30.96 30.11
C THR K 84 2.38 31.74 30.17
N LEU K 85 2.74 32.24 31.34
CA LEU K 85 4.00 32.96 31.52
C LEU K 85 5.25 32.08 31.33
N ILE K 86 5.14 30.79 31.64
CA ILE K 86 6.27 29.88 31.52
C ILE K 86 6.51 29.66 30.03
N ALA K 87 5.42 29.42 29.31
CA ALA K 87 5.46 29.32 27.86
C ALA K 87 6.20 30.46 27.15
N ASN K 88 6.06 31.69 27.67
CA ASN K 88 6.73 32.83 27.06
C ASN K 88 7.93 33.35 27.87
N SER K 89 8.53 32.49 28.69
CA SER K 89 9.66 32.88 29.55
C SER K 89 11.03 32.92 28.86
N ASP K 90 11.94 33.70 29.46
CA ASP K 90 13.33 33.80 29.03
C ASP K 90 14.01 32.43 28.98
N ALA K 91 13.69 31.60 29.98
CA ALA K 91 14.27 30.26 30.09
C ALA K 91 13.91 29.33 28.91
N ILE K 92 12.69 29.46 28.40
CA ILE K 92 12.18 28.57 27.37
C ILE K 92 12.66 29.00 25.99
N ARG K 93 12.83 30.31 25.80
CA ARG K 93 13.21 30.91 24.51
C ARG K 93 14.40 30.29 23.75
N PRO K 94 15.55 29.99 24.42
CA PRO K 94 16.60 29.31 23.67
C PRO K 94 16.17 27.94 23.14
N LEU K 95 15.21 27.28 23.79
CA LEU K 95 14.80 25.97 23.30
C LEU K 95 13.97 26.04 22.02
N LYS K 96 13.64 27.25 21.55
CA LYS K 96 12.88 27.41 20.32
C LYS K 96 13.79 27.39 19.07
N SER K 97 15.07 27.13 19.30
CA SER K 97 16.05 27.08 18.23
C SER K 97 16.87 25.79 18.41
N SER K 98 17.42 25.26 17.31
CA SER K 98 18.43 24.20 17.47
C SER K 98 19.69 24.43 16.63
N THR L 2 12.54 35.87 36.58
CA THR L 2 12.53 34.68 35.73
C THR L 2 11.16 34.40 35.06
N LEU L 3 10.16 35.22 35.36
CA LEU L 3 8.87 35.14 34.65
C LEU L 3 8.57 36.51 34.08
N PRO L 4 7.91 36.57 32.92
CA PRO L 4 7.66 37.88 32.31
C PRO L 4 6.41 38.55 32.86
N ASP L 5 6.41 39.89 32.92
CA ASP L 5 5.21 40.59 33.36
C ASP L 5 4.12 40.53 32.30
N ILE L 6 2.88 40.56 32.75
CA ILE L 6 1.76 40.58 31.82
C ILE L 6 1.93 41.74 30.85
N SER L 7 2.38 42.88 31.39
CA SER L 7 2.53 44.11 30.61
C SER L 7 3.51 43.99 29.41
N THR L 8 4.33 42.94 29.39
CA THR L 8 5.30 42.76 28.31
C THR L 8 4.72 42.09 27.04
N PHE L 9 3.46 41.68 27.14
CA PHE L 9 2.73 41.10 26.03
C PHE L 9 2.04 42.21 25.20
N SER L 10 1.63 41.85 23.97
CA SER L 10 0.84 42.73 23.11
C SER L 10 -0.59 42.67 23.58
N GLN L 11 -1.36 43.69 23.23
CA GLN L 11 -2.73 43.84 23.68
C GLN L 11 -3.58 42.75 23.07
N GLN L 12 -3.19 42.36 21.86
CA GLN L 12 -3.79 41.20 21.22
C GLN L 12 -3.52 39.90 21.95
N GLN L 13 -2.28 39.74 22.39
CA GLN L 13 -1.87 38.56 23.15
C GLN L 13 -2.57 38.52 24.50
N ILE L 14 -2.67 39.69 25.13
CA ILE L 14 -3.37 39.84 26.40
C ILE L 14 -4.84 39.39 26.26
N PHE L 15 -5.52 39.86 25.22
CA PHE L 15 -6.88 39.40 24.97
C PHE L 15 -6.98 37.89 24.68
N GLU L 16 -6.06 37.37 23.85
CA GLU L 16 -6.05 35.94 23.51
C GLU L 16 -5.90 35.07 24.75
N ASN L 17 -5.00 35.50 25.63
CA ASN L 17 -4.70 34.78 26.84
C ASN L 17 -5.85 34.86 27.86
N TRP L 18 -6.57 35.98 27.85
CA TRP L 18 -7.81 36.04 28.62
C TRP L 18 -8.76 34.96 28.11
N VAL L 19 -8.95 34.88 26.79
CA VAL L 19 -9.86 33.87 26.23
C VAL L 19 -9.44 32.44 26.59
N GLN L 20 -8.17 32.14 26.37
CA GLN L 20 -7.63 30.83 26.65
C GLN L 20 -7.80 30.43 28.12
N ASN L 21 -7.50 31.38 29.02
CA ASN L 21 -7.52 31.11 30.47
C ASN L 21 -8.96 30.89 30.92
N ARG L 22 -9.86 31.72 30.39
CA ARG L 22 -11.31 31.57 30.60
C ARG L 22 -11.78 30.20 30.18
N CYS L 23 -11.49 29.87 28.93
CA CYS L 23 -11.89 28.62 28.31
C CYS L 23 -11.45 27.42 29.14
N ILE L 24 -10.19 27.44 29.61
CA ILE L 24 -9.72 26.38 30.51
C ILE L 24 -10.60 26.32 31.74
N GLY L 25 -10.89 27.47 32.34
CA GLY L 25 -11.87 27.52 33.40
C GLY L 25 -13.15 26.76 33.09
N LYS L 26 -13.72 27.01 31.91
CA LYS L 26 -14.96 26.34 31.51
C LYS L 26 -14.82 24.82 31.38
N ILE L 27 -13.65 24.32 31.00
CA ILE L 27 -13.52 22.87 30.80
C ILE L 27 -13.01 22.07 32.01
N ALA L 28 -12.47 22.76 33.00
CA ALA L 28 -12.01 22.15 34.24
C ALA L 28 -13.17 21.50 35.00
N ASP L 29 -12.95 20.28 35.48
CA ASP L 29 -13.97 19.58 36.26
C ASP L 29 -13.78 19.86 37.74
N SER L 30 -12.80 20.71 38.04
CA SER L 30 -12.42 21.06 39.41
C SER L 30 -12.87 22.48 39.74
N LYS L 31 -13.40 22.66 40.95
CA LYS L 31 -13.81 23.98 41.41
C LYS L 31 -12.58 24.88 41.70
N SER L 32 -11.53 24.31 42.28
CA SER L 32 -10.35 25.10 42.56
C SER L 32 -9.60 25.52 41.27
N LEU L 33 -9.63 24.66 40.25
CA LEU L 33 -9.05 25.00 38.96
C LEU L 33 -9.92 26.00 38.20
N LYS L 34 -11.24 25.89 38.35
CA LYS L 34 -12.11 26.91 37.81
C LYS L 34 -11.83 28.29 38.46
N GLU L 35 -11.59 28.30 39.77
CA GLU L 35 -11.22 29.54 40.46
C GLU L 35 -9.88 30.11 39.97
N ASP L 36 -8.87 29.25 39.89
CA ASP L 36 -7.56 29.60 39.38
C ASP L 36 -7.66 30.22 37.98
N ALA L 37 -8.38 29.54 37.11
CA ALA L 37 -8.61 30.09 35.79
C ALA L 37 -9.21 31.49 35.85
N ASP L 38 -10.21 31.68 36.70
CA ASP L 38 -10.91 32.97 36.74
C ASP L 38 -10.04 34.10 37.27
N ALA L 39 -9.18 33.78 38.25
CA ALA L 39 -8.25 34.76 38.79
C ALA L 39 -7.23 35.16 37.73
N SER L 40 -6.68 34.16 37.03
CA SER L 40 -5.76 34.39 35.92
C SER L 40 -6.36 35.27 34.81
N ALA L 41 -7.52 34.84 34.32
CA ALA L 41 -8.26 35.61 33.33
C ALA L 41 -8.43 37.05 33.79
N ALA L 42 -8.81 37.23 35.07
CA ALA L 42 -8.92 38.58 35.64
C ALA L 42 -7.61 39.38 35.50
N ALA L 43 -6.48 38.72 35.74
CA ALA L 43 -5.20 39.42 35.58
C ALA L 43 -5.00 39.94 34.16
N TRP L 44 -5.39 39.15 33.15
CA TRP L 44 -5.30 39.67 31.77
C TRP L 44 -6.28 40.78 31.50
N LEU L 45 -7.47 40.68 32.09
CA LEU L 45 -8.48 41.74 31.89
C LEU L 45 -8.02 43.12 32.41
N GLU L 46 -7.35 43.12 33.56
CA GLU L 46 -6.80 44.35 34.13
C GLU L 46 -5.84 45.09 33.17
N ALA L 47 -5.00 44.34 32.45
CA ALA L 47 -3.98 44.91 31.56
C ALA L 47 -4.50 45.33 30.19
N SER L 48 -5.59 44.72 29.76
CA SER L 48 -6.17 45.02 28.47
C SER L 48 -6.75 46.43 28.42
N ASN L 49 -6.69 47.04 27.25
CA ASN L 49 -7.26 48.37 27.08
C ASN L 49 -8.71 48.32 26.56
N LEU L 50 -9.25 47.11 26.41
CA LEU L 50 -10.56 46.91 25.82
C LEU L 50 -11.69 47.03 26.84
N PRO L 51 -12.86 47.49 26.41
CA PRO L 51 -14.08 47.59 27.22
C PRO L 51 -14.58 46.23 27.68
N ALA L 52 -15.26 46.18 28.83
CA ALA L 52 -15.74 44.93 29.43
C ALA L 52 -16.64 44.16 28.49
N GLU L 53 -17.44 44.90 27.73
CA GLU L 53 -18.45 44.30 26.87
C GLU L 53 -17.82 43.36 25.81
N ASN L 54 -16.60 43.70 25.38
CA ASN L 54 -15.85 42.81 24.50
C ASN L 54 -15.63 41.41 25.13
N PHE L 55 -15.26 41.39 26.42
CA PHE L 55 -14.99 40.15 27.12
C PHE L 55 -16.27 39.38 27.29
N GLU L 56 -17.37 40.09 27.50
CA GLU L 56 -18.69 39.44 27.53
C GLU L 56 -19.06 38.72 26.22
N LYS L 57 -18.92 39.43 25.10
CA LYS L 57 -19.18 38.80 23.80
C LYS L 57 -18.20 37.65 23.46
N ALA L 58 -16.94 37.82 23.87
CA ALA L 58 -15.93 36.78 23.67
C ALA L 58 -16.29 35.56 24.49
N ASP L 59 -16.87 35.77 25.66
CA ASP L 59 -17.33 34.66 26.46
C ASP L 59 -18.42 33.93 25.70
N GLU L 60 -19.37 34.69 25.16
CA GLU L 60 -20.42 34.05 24.36
C GLU L 60 -19.84 33.15 23.24
N VAL L 61 -18.91 33.72 22.47
CA VAL L 61 -18.22 32.95 21.42
C VAL L 61 -17.48 31.72 21.96
N ILE L 62 -16.86 31.82 23.13
CA ILE L 62 -16.22 30.65 23.70
C ILE L 62 -17.25 29.53 23.94
N VAL L 63 -18.37 29.89 24.57
CA VAL L 63 -19.43 28.90 24.83
C VAL L 63 -19.84 28.22 23.54
N SER L 64 -20.08 29.03 22.51
CA SER L 64 -20.42 28.50 21.21
C SER L 64 -19.36 27.53 20.62
N LEU L 65 -18.11 27.97 20.55
CA LEU L 65 -17.07 27.19 19.89
C LEU L 65 -16.64 25.95 20.67
N LEU L 66 -16.90 25.91 21.97
CA LEU L 66 -16.51 24.75 22.76
C LEU L 66 -17.31 23.51 22.36
N LYS L 67 -18.41 23.71 21.68
CA LYS L 67 -19.29 22.60 21.33
C LYS L 67 -18.71 21.76 20.21
N GLN L 68 -17.98 22.41 19.31
CA GLN L 68 -17.35 21.75 18.16
C GLN L 68 -16.43 20.61 18.53
N LYS L 69 -16.43 19.55 17.74
CA LYS L 69 -15.57 18.43 18.05
C LYS L 69 -14.14 18.67 17.55
N VAL L 70 -13.15 18.44 18.41
CA VAL L 70 -11.76 18.45 18.00
C VAL L 70 -11.26 17.06 18.29
N GLY L 71 -10.93 16.31 17.24
CA GLY L 71 -10.55 14.92 17.37
C GLY L 71 -9.07 14.66 17.16
N GLY L 72 -8.68 13.38 17.18
CA GLY L 72 -7.29 12.99 17.05
C GLY L 72 -7.20 11.48 16.95
N THR L 73 -5.98 10.94 17.01
CA THR L 73 -5.82 9.49 17.07
C THR L 73 -6.00 9.00 18.51
N GLU L 74 -5.84 9.91 19.46
CA GLU L 74 -6.07 9.64 20.87
C GLU L 74 -7.57 9.84 21.19
N PRO L 75 -8.08 9.15 22.23
CA PRO L 75 -9.53 9.04 22.37
C PRO L 75 -10.22 10.20 23.10
N GLY L 76 -9.47 11.11 23.71
CA GLY L 76 -10.05 12.25 24.39
C GLY L 76 -10.74 13.26 23.47
N HIS L 77 -11.24 14.36 24.06
CA HIS L 77 -11.98 15.37 23.29
C HIS L 77 -11.16 16.62 23.04
N TYR L 78 -9.86 16.55 23.39
CA TYR L 78 -8.84 17.53 23.03
C TYR L 78 -9.21 18.96 23.45
N GLN L 79 -9.69 19.11 24.66
CA GLN L 79 -10.23 20.39 25.06
C GLN L 79 -9.15 21.43 25.31
N ILE L 80 -7.99 21.03 25.83
CA ILE L 80 -6.90 21.97 26.05
C ILE L 80 -6.49 22.64 24.74
N LEU L 81 -6.24 21.79 23.74
CA LEU L 81 -5.94 22.22 22.38
C LEU L 81 -7.06 23.12 21.92
N LYS L 82 -8.29 22.67 22.16
CA LYS L 82 -9.44 23.42 21.69
C LYS L 82 -9.47 24.84 22.25
N CYS L 83 -9.02 25.01 23.49
CA CYS L 83 -8.95 26.31 24.14
C CYS L 83 -7.94 27.20 23.47
N THR L 84 -6.74 26.67 23.24
CA THR L 84 -5.76 27.43 22.44
C THR L 84 -6.31 27.82 21.05
N LEU L 85 -7.06 26.93 20.40
CA LEU L 85 -7.55 27.22 19.05
C LEU L 85 -8.63 28.29 19.06
N ILE L 86 -9.48 28.20 20.07
CA ILE L 86 -10.54 29.18 20.24
C ILE L 86 -9.93 30.58 20.44
N ALA L 87 -8.89 30.67 21.29
CA ALA L 87 -8.27 31.98 21.51
C ALA L 87 -7.72 32.65 20.24
N ASN L 88 -7.41 31.82 19.24
CA ASN L 88 -6.79 32.30 18.01
C ASN L 88 -7.74 32.19 16.81
N SER L 89 -9.03 31.99 17.09
CA SER L 89 -10.04 31.78 16.07
C SER L 89 -10.47 33.07 15.36
N ASP L 90 -11.11 32.91 14.19
CA ASP L 90 -11.62 34.03 13.39
C ASP L 90 -12.78 34.72 14.07
N ALA L 91 -13.52 33.95 14.86
CA ALA L 91 -14.75 34.43 15.49
C ALA L 91 -14.40 35.37 16.63
N ILE L 92 -13.25 35.11 17.25
CA ILE L 92 -12.76 35.91 18.37
C ILE L 92 -12.08 37.22 17.94
N ARG L 93 -11.42 37.23 16.77
CA ARG L 93 -10.65 38.39 16.29
C ARG L 93 -11.34 39.78 16.29
N PRO L 94 -12.57 39.88 15.77
CA PRO L 94 -13.21 41.21 15.78
C PRO L 94 -13.31 41.80 17.18
N LEU L 95 -13.30 40.94 18.20
CA LEU L 95 -13.40 41.42 19.57
C LEU L 95 -12.07 41.93 20.10
N LYS L 96 -11.01 41.77 19.32
CA LYS L 96 -9.70 42.27 19.71
C LYS L 96 -9.56 43.79 19.55
N SER L 97 -10.60 44.42 19.03
CA SER L 97 -10.54 45.86 18.83
C SER L 97 -11.87 46.52 19.22
N SER L 98 -11.86 47.84 19.39
CA SER L 98 -13.12 48.56 19.63
C SER L 98 -13.28 49.78 18.74
N GLN M 1 24.82 33.15 10.91
CA GLN M 1 23.77 32.16 11.08
C GLN M 1 22.68 32.21 9.98
N THR M 2 21.80 31.22 9.96
CA THR M 2 20.84 31.12 8.87
C THR M 2 19.65 32.04 9.11
N LEU M 3 18.84 32.24 8.08
CA LEU M 3 17.60 32.97 8.20
C LEU M 3 16.45 31.98 8.19
N PRO M 4 15.40 32.25 8.96
CA PRO M 4 14.26 31.33 9.00
C PRO M 4 13.51 31.33 7.67
N ASP M 5 12.94 30.20 7.25
CA ASP M 5 12.09 30.18 6.05
C ASP M 5 10.78 30.92 6.30
N ILE M 6 10.20 31.48 5.25
CA ILE M 6 8.86 32.07 5.35
C ILE M 6 7.82 31.13 5.99
N SER M 7 7.91 29.83 5.69
CA SER M 7 6.94 28.84 6.17
C SER M 7 6.88 28.68 7.71
N THR M 8 7.90 29.16 8.41
CA THR M 8 7.98 29.07 9.86
C THR M 8 7.15 30.16 10.56
N PHE M 9 6.66 31.13 9.80
CA PHE M 9 5.82 32.20 10.32
C PHE M 9 4.38 31.73 10.35
N SER M 10 3.54 32.40 11.13
CA SER M 10 2.15 32.04 11.19
C SER M 10 1.45 32.64 9.97
N GLN M 11 0.24 32.19 9.68
CA GLN M 11 -0.52 32.77 8.57
C GLN M 11 -0.82 34.28 8.76
N GLN M 12 -1.17 34.66 10.00
CA GLN M 12 -1.42 36.07 10.29
C GLN M 12 -0.17 36.91 10.04
N GLN M 13 0.95 36.48 10.62
CA GLN M 13 2.26 37.09 10.43
C GLN M 13 2.66 37.15 8.95
N ILE M 14 2.27 36.14 8.18
CA ILE M 14 2.53 36.11 6.75
C ILE M 14 1.77 37.21 6.02
N PHE M 15 0.49 37.38 6.35
CA PHE M 15 -0.27 38.46 5.73
C PHE M 15 0.21 39.83 6.19
N GLU M 16 0.44 40.00 7.49
CA GLU M 16 1.01 41.25 8.04
C GLU M 16 2.31 41.66 7.33
N ASN M 17 3.17 40.67 7.05
CA ASN M 17 4.44 40.93 6.40
C ASN M 17 4.28 41.19 4.89
N TRP M 18 3.28 40.56 4.28
CA TRP M 18 2.91 41.01 2.95
C TRP M 18 2.57 42.49 3.00
N VAL M 19 1.68 42.87 3.93
CA VAL M 19 1.15 44.22 4.02
C VAL M 19 2.25 45.24 4.22
N GLN M 20 3.14 44.96 5.16
CA GLN M 20 4.19 45.92 5.42
C GLN M 20 5.21 46.01 4.28
N ASN M 21 5.48 44.90 3.58
CA ASN M 21 6.37 44.95 2.41
C ASN M 21 5.79 45.75 1.26
N ARG M 22 4.54 45.45 0.95
CA ARG M 22 3.79 46.18 -0.04
C ARG M 22 3.80 47.67 0.31
N CYS M 23 3.56 47.97 1.58
CA CYS M 23 3.62 49.34 2.10
C CYS M 23 5.00 50.01 1.91
N ILE M 24 6.09 49.32 2.20
CA ILE M 24 7.42 49.87 1.96
C ILE M 24 7.61 50.23 0.48
N GLY M 25 7.04 49.43 -0.41
CA GLY M 25 7.16 49.73 -1.83
C GLY M 25 6.47 51.03 -2.24
N LYS M 26 5.45 51.43 -1.49
CA LYS M 26 4.65 52.60 -1.83
C LYS M 26 5.21 53.90 -1.26
N ILE M 27 6.31 53.80 -0.53
CA ILE M 27 6.88 54.98 0.12
C ILE M 27 8.36 55.11 -0.20
N ALA M 28 8.91 54.12 -0.89
CA ALA M 28 10.27 54.25 -1.40
C ALA M 28 10.21 55.05 -2.70
N ASP M 29 11.14 55.97 -2.86
CA ASP M 29 11.23 56.77 -4.09
C ASP M 29 11.92 55.98 -5.20
N SER M 30 12.90 55.17 -4.81
CA SER M 30 13.74 54.38 -5.71
C SER M 30 12.97 53.22 -6.37
N LYS M 31 13.13 53.06 -7.68
CA LYS M 31 12.46 51.95 -8.37
C LYS M 31 13.17 50.62 -8.07
N SER M 32 14.46 50.73 -7.73
CA SER M 32 15.24 49.58 -7.28
C SER M 32 14.72 49.08 -5.94
N LEU M 33 13.99 49.94 -5.25
CA LEU M 33 13.50 49.58 -3.93
C LEU M 33 12.05 49.12 -4.02
N LYS M 34 11.25 49.79 -4.84
CA LYS M 34 9.85 49.40 -5.04
C LYS M 34 9.77 48.01 -5.69
N GLU M 35 10.73 47.71 -6.55
CA GLU M 35 10.81 46.37 -7.13
C GLU M 35 11.23 45.31 -6.09
N ASP M 36 12.06 45.72 -5.15
CA ASP M 36 12.53 44.83 -4.08
C ASP M 36 11.35 44.47 -3.18
N ALA M 37 10.60 45.50 -2.82
CA ALA M 37 9.44 45.38 -1.97
C ALA M 37 8.37 44.59 -2.66
N ASP M 38 8.26 44.72 -3.98
CA ASP M 38 7.23 43.95 -4.67
C ASP M 38 7.57 42.45 -4.75
N ALA M 39 8.82 42.14 -5.09
CA ALA M 39 9.29 40.76 -5.08
C ALA M 39 9.16 40.11 -3.67
N SER M 40 9.63 40.82 -2.66
CA SER M 40 9.45 40.44 -1.27
C SER M 40 7.98 40.14 -0.92
N ALA M 41 7.14 41.12 -1.19
CA ALA M 41 5.71 40.99 -0.97
C ALA M 41 5.19 39.70 -1.60
N ALA M 42 5.60 39.45 -2.85
CA ALA M 42 5.09 38.31 -3.58
C ALA M 42 5.55 37.00 -2.93
N ALA M 43 6.75 37.00 -2.33
CA ALA M 43 7.19 35.82 -1.60
C ALA M 43 6.26 35.55 -0.40
N TRP M 44 5.76 36.60 0.24
CA TRP M 44 4.74 36.39 1.27
C TRP M 44 3.37 35.92 0.72
N LEU M 45 2.91 36.49 -0.39
CA LEU M 45 1.63 36.06 -0.96
C LEU M 45 1.64 34.56 -1.31
N GLU M 46 2.76 34.08 -1.87
CA GLU M 46 2.90 32.67 -2.21
C GLU M 46 2.68 31.72 -1.02
N ALA M 47 3.19 32.10 0.16
CA ALA M 47 3.08 31.26 1.34
C ALA M 47 1.72 31.30 2.06
N SER M 48 0.95 32.36 1.86
CA SER M 48 -0.32 32.54 2.53
C SER M 48 -1.42 31.66 1.95
N ASN M 49 -2.45 31.37 2.76
CA ASN M 49 -3.58 30.63 2.23
C ASN M 49 -4.81 31.48 1.94
N LEU M 50 -4.66 32.80 2.03
CA LEU M 50 -5.74 33.74 1.68
C LEU M 50 -5.94 33.89 0.15
N PRO M 51 -7.19 34.11 -0.28
CA PRO M 51 -7.45 34.35 -1.70
C PRO M 51 -6.93 35.74 -2.10
N ALA M 52 -6.56 35.91 -3.36
CA ALA M 52 -5.96 37.16 -3.85
C ALA M 52 -6.81 38.40 -3.55
N GLU M 53 -8.13 38.20 -3.52
CA GLU M 53 -9.09 39.24 -3.13
C GLU M 53 -8.69 40.00 -1.85
N ASN M 54 -8.31 39.26 -0.81
CA ASN M 54 -7.90 39.88 0.44
C ASN M 54 -6.70 40.82 0.30
N PHE M 55 -5.76 40.47 -0.57
CA PHE M 55 -4.62 41.32 -0.84
C PHE M 55 -5.05 42.57 -1.62
N GLU M 56 -6.01 42.40 -2.53
CA GLU M 56 -6.55 43.57 -3.23
C GLU M 56 -7.14 44.59 -2.24
N LYS M 57 -8.03 44.09 -1.39
CA LYS M 57 -8.65 44.93 -0.36
C LYS M 57 -7.64 45.56 0.61
N ALA M 58 -6.63 44.80 0.99
CA ALA M 58 -5.61 45.30 1.88
C ALA M 58 -4.80 46.35 1.18
N ASP M 59 -4.68 46.25 -0.13
CA ASP M 59 -3.95 47.25 -0.87
C ASP M 59 -4.65 48.59 -0.78
N GLU M 60 -5.97 48.59 -0.96
CA GLU M 60 -6.69 49.85 -0.78
C GLU M 60 -6.69 50.37 0.69
N VAL M 61 -6.70 49.46 1.67
CA VAL M 61 -6.56 49.90 3.06
C VAL M 61 -5.20 50.56 3.28
N ILE M 62 -4.16 49.96 2.71
CA ILE M 62 -2.82 50.56 2.82
C ILE M 62 -2.83 51.96 2.24
N VAL M 63 -3.38 52.11 1.03
CA VAL M 63 -3.34 53.42 0.37
C VAL M 63 -4.07 54.48 1.20
N SER M 64 -5.28 54.16 1.62
CA SER M 64 -6.02 54.97 2.58
C SER M 64 -5.20 55.38 3.83
N LEU M 65 -4.75 54.40 4.61
CA LEU M 65 -4.00 54.64 5.85
C LEU M 65 -2.64 55.31 5.68
N LEU M 66 -2.12 55.37 4.47
CA LEU M 66 -0.84 56.04 4.30
C LEU M 66 -1.02 57.56 4.45
N LYS M 67 -2.25 58.02 4.25
CA LYS M 67 -2.56 59.44 4.43
C LYS M 67 -2.51 59.96 5.89
N GLN M 68 -2.58 59.07 6.89
CA GLN M 68 -2.47 59.46 8.29
C GLN M 68 -1.12 60.10 8.59
N LYS M 69 -1.12 61.07 9.49
CA LYS M 69 0.14 61.68 9.90
C LYS M 69 0.69 60.85 11.01
N VAL M 70 2.00 60.64 10.99
CA VAL M 70 2.68 60.02 12.10
C VAL M 70 3.94 60.81 12.30
N GLY M 71 4.15 61.32 13.50
CA GLY M 71 5.30 62.16 13.76
C GLY M 71 5.96 61.90 15.09
N GLY M 72 6.95 62.73 15.38
CA GLY M 72 7.71 62.64 16.61
C GLY M 72 8.45 63.94 16.82
N THR M 73 9.56 63.86 17.54
CA THR M 73 10.37 65.02 17.83
C THR M 73 11.35 65.27 16.69
N GLU M 74 11.60 64.23 15.90
CA GLU M 74 12.35 64.36 14.65
C GLU M 74 11.43 65.01 13.63
N PRO M 75 12.00 65.80 12.71
CA PRO M 75 11.15 66.62 11.84
C PRO M 75 10.70 65.86 10.60
N GLY M 76 11.44 64.80 10.25
CA GLY M 76 11.15 64.04 9.05
C GLY M 76 9.80 63.35 9.11
N HIS M 77 9.54 62.46 8.16
CA HIS M 77 8.36 61.65 8.29
C HIS M 77 8.74 60.36 9.02
N TYR M 78 7.72 59.61 9.39
CA TYR M 78 7.90 58.38 10.14
C TYR M 78 7.17 57.37 9.31
N GLN M 79 7.68 57.03 8.14
CA GLN M 79 6.86 56.24 7.25
C GLN M 79 7.15 54.75 7.34
N ILE M 80 8.37 54.41 7.71
CA ILE M 80 8.79 53.04 7.99
C ILE M 80 7.98 52.50 9.18
N LEU M 81 7.96 53.28 10.26
CA LEU M 81 7.14 53.01 11.43
C LEU M 81 5.69 52.95 11.00
N LYS M 82 5.30 53.84 10.08
CA LYS M 82 3.91 53.85 9.66
C LYS M 82 3.54 52.53 8.99
N CYS M 83 4.47 51.96 8.23
CA CYS M 83 4.19 50.73 7.50
C CYS M 83 4.03 49.59 8.50
N THR M 84 4.96 49.50 9.44
CA THR M 84 4.77 48.54 10.51
C THR M 84 3.42 48.70 11.23
N LEU M 85 3.04 49.93 11.56
CA LEU M 85 1.76 50.19 12.20
C LEU M 85 0.57 49.79 11.33
N ILE M 86 0.68 50.00 10.03
CA ILE M 86 -0.46 49.73 9.15
C ILE M 86 -0.66 48.23 9.06
N ALA M 87 0.44 47.49 9.09
CA ALA M 87 0.38 46.04 9.04
C ALA M 87 -0.32 45.41 10.28
N ASN M 88 -0.39 46.17 11.37
CA ASN M 88 -1.04 45.65 12.57
C ASN M 88 -2.27 46.43 12.93
N SER M 89 -2.85 47.12 11.94
CA SER M 89 -3.93 48.05 12.23
C SER M 89 -5.25 47.34 12.35
N ASP M 90 -6.26 48.05 12.84
CA ASP M 90 -7.63 47.56 12.99
C ASP M 90 -8.28 47.29 11.64
N ALA M 91 -7.98 48.15 10.66
CA ALA M 91 -8.65 48.08 9.37
C ALA M 91 -8.14 46.91 8.53
N ILE M 92 -6.92 46.47 8.81
CA ILE M 92 -6.28 45.38 8.09
C ILE M 92 -6.66 44.03 8.69
N ARG M 93 -6.90 44.01 10.01
CA ARG M 93 -7.24 42.78 10.76
C ARG M 93 -8.38 41.93 10.18
N PRO M 94 -9.49 42.57 9.74
CA PRO M 94 -10.55 41.70 9.19
C PRO M 94 -10.12 40.92 7.95
N LEU M 95 -9.18 41.47 7.18
CA LEU M 95 -8.78 40.85 5.91
C LEU M 95 -7.90 39.61 6.09
N LYS M 96 -7.66 39.20 7.33
CA LYS M 96 -6.90 37.97 7.56
C LYS M 96 -7.75 36.69 7.64
N SER M 97 -9.01 36.77 7.21
CA SER M 97 -9.85 35.56 7.09
C SER M 97 -10.50 35.57 5.72
N THR N 2 -3.47 -18.45 -6.78
CA THR N 2 -2.19 -18.88 -7.35
C THR N 2 -2.30 -19.93 -8.47
N LEU N 3 -1.72 -19.60 -9.62
CA LEU N 3 -1.82 -20.45 -10.78
C LEU N 3 -0.53 -21.25 -11.04
N PRO N 4 -0.67 -22.45 -11.63
CA PRO N 4 0.51 -23.26 -11.99
C PRO N 4 1.32 -22.69 -13.15
N ASP N 5 2.65 -22.82 -13.11
CA ASP N 5 3.46 -22.38 -14.24
C ASP N 5 3.40 -23.41 -15.36
N ILE N 6 3.65 -22.95 -16.57
CA ILE N 6 3.56 -23.83 -17.71
C ILE N 6 4.53 -25.01 -17.55
N SER N 7 5.68 -24.75 -16.92
CA SER N 7 6.73 -25.77 -16.81
C SER N 7 6.29 -27.04 -16.06
N THR N 8 5.32 -26.91 -15.17
CA THR N 8 4.79 -28.04 -14.40
C THR N 8 3.85 -29.03 -15.15
N PHE N 9 3.56 -28.76 -16.43
CA PHE N 9 2.72 -29.65 -17.23
C PHE N 9 3.63 -30.67 -17.94
N SER N 10 3.07 -31.76 -18.43
CA SER N 10 3.85 -32.75 -19.14
C SER N 10 4.07 -32.16 -20.52
N GLN N 11 5.09 -32.62 -21.24
CA GLN N 11 5.32 -32.17 -22.60
C GLN N 11 4.12 -32.43 -23.49
N GLN N 12 3.40 -33.51 -23.19
CA GLN N 12 2.25 -33.90 -23.98
C GLN N 12 1.14 -32.91 -23.78
N GLN N 13 0.94 -32.50 -22.53
CA GLN N 13 -0.11 -31.59 -22.16
C GLN N 13 0.21 -30.21 -22.69
N ILE N 14 1.51 -29.91 -22.82
CA ILE N 14 1.97 -28.63 -23.31
C ILE N 14 1.64 -28.54 -24.78
N PHE N 15 1.86 -29.64 -25.49
CA PHE N 15 1.47 -29.65 -26.89
C PHE N 15 -0.05 -29.65 -27.08
N GLU N 16 -0.79 -30.38 -26.25
CA GLU N 16 -2.24 -30.42 -26.37
C GLU N 16 -2.81 -29.02 -26.14
N ASN N 17 -2.20 -28.31 -25.19
CA ASN N 17 -2.63 -26.96 -24.85
C ASN N 17 -2.27 -25.94 -25.93
N TRP N 18 -1.13 -26.15 -26.56
CA TRP N 18 -0.85 -25.36 -27.74
C TRP N 18 -1.97 -25.56 -28.73
N VAL N 19 -2.28 -26.81 -29.02
CA VAL N 19 -3.24 -27.11 -30.07
C VAL N 19 -4.62 -26.51 -29.79
N GLN N 20 -5.06 -26.56 -28.54
CA GLN N 20 -6.39 -26.04 -28.27
C GLN N 20 -6.49 -24.51 -28.11
N ASN N 21 -5.44 -23.84 -27.60
CA ASN N 21 -5.37 -22.38 -27.65
C ASN N 21 -5.33 -21.89 -29.11
N ARG N 22 -4.49 -22.54 -29.90
CA ARG N 22 -4.35 -22.24 -31.32
C ARG N 22 -5.68 -22.43 -32.03
N CYS N 23 -6.45 -23.41 -31.59
CA CYS N 23 -7.78 -23.67 -32.12
C CYS N 23 -8.80 -22.63 -31.62
N ILE N 24 -8.72 -22.22 -30.36
CA ILE N 24 -9.58 -21.16 -29.86
C ILE N 24 -9.40 -19.88 -30.69
N GLY N 25 -8.19 -19.70 -31.25
CA GLY N 25 -7.95 -18.57 -32.12
C GLY N 25 -8.79 -18.60 -33.38
N LYS N 26 -8.80 -19.74 -34.07
CA LYS N 26 -9.44 -19.87 -35.38
C LYS N 26 -10.96 -19.87 -35.36
N ILE N 27 -11.56 -19.72 -34.19
CA ILE N 27 -13.02 -19.81 -34.05
C ILE N 27 -13.54 -18.61 -33.30
N ALA N 28 -12.63 -17.89 -32.66
CA ALA N 28 -12.97 -16.60 -32.09
C ALA N 28 -13.45 -15.70 -33.21
N ASP N 29 -14.41 -14.84 -32.88
CA ASP N 29 -14.92 -13.85 -33.82
C ASP N 29 -14.13 -12.54 -33.68
N SER N 30 -13.81 -12.20 -32.44
CA SER N 30 -13.02 -11.02 -32.10
C SER N 30 -11.59 -11.02 -32.67
N LYS N 31 -11.05 -9.84 -32.96
CA LYS N 31 -9.64 -9.71 -33.32
C LYS N 31 -8.83 -9.81 -32.03
N SER N 32 -9.38 -9.17 -30.99
CA SER N 32 -8.82 -9.20 -29.65
C SER N 32 -8.57 -10.64 -29.18
N LEU N 33 -9.63 -11.44 -29.18
CA LEU N 33 -9.57 -12.81 -28.68
C LEU N 33 -8.59 -13.67 -29.48
N LYS N 34 -8.55 -13.50 -30.81
CA LYS N 34 -7.56 -14.22 -31.62
C LYS N 34 -6.14 -13.86 -31.17
N GLU N 35 -5.89 -12.58 -30.91
CA GLU N 35 -4.56 -12.17 -30.45
C GLU N 35 -4.24 -12.86 -29.12
N ASP N 36 -5.20 -12.83 -28.19
CA ASP N 36 -5.03 -13.50 -26.90
C ASP N 36 -4.67 -14.99 -27.07
N ALA N 37 -5.45 -15.70 -27.87
CA ALA N 37 -5.20 -17.10 -28.17
C ALA N 37 -3.81 -17.33 -28.74
N ASP N 38 -3.38 -16.46 -29.64
CA ASP N 38 -2.08 -16.63 -30.25
C ASP N 38 -0.92 -16.34 -29.27
N ALA N 39 -1.17 -15.45 -28.32
CA ALA N 39 -0.12 -15.14 -27.36
C ALA N 39 0.05 -16.34 -26.41
N SER N 40 -1.09 -16.84 -25.94
CA SER N 40 -1.13 -18.03 -25.10
C SER N 40 -0.47 -19.27 -25.79
N ALA N 41 -0.89 -19.54 -27.02
CA ALA N 41 -0.27 -20.61 -27.80
C ALA N 41 1.23 -20.42 -27.84
N ALA N 42 1.68 -19.24 -28.24
CA ALA N 42 3.11 -18.94 -28.24
C ALA N 42 3.79 -19.35 -26.93
N ALA N 43 3.15 -19.03 -25.81
CA ALA N 43 3.71 -19.43 -24.51
C ALA N 43 3.85 -20.96 -24.39
N TRP N 44 2.88 -21.71 -24.87
CA TRP N 44 3.07 -23.16 -24.83
C TRP N 44 4.20 -23.59 -25.74
N LEU N 45 4.30 -22.97 -26.93
CA LEU N 45 5.28 -23.39 -27.93
C LEU N 45 6.69 -23.23 -27.39
N GLU N 46 6.90 -22.15 -26.65
CA GLU N 46 8.18 -21.89 -26.01
C GLU N 46 8.58 -23.01 -25.01
N ALA N 47 7.60 -23.68 -24.40
CA ALA N 47 7.91 -24.65 -23.36
C ALA N 47 8.07 -26.07 -23.89
N SER N 48 7.65 -26.29 -25.12
CA SER N 48 7.79 -27.58 -25.77
C SER N 48 9.22 -27.88 -26.27
N ASN N 49 9.58 -29.16 -26.32
CA ASN N 49 10.88 -29.60 -26.84
C ASN N 49 10.73 -30.08 -28.29
N LEU N 50 9.54 -29.91 -28.84
CA LEU N 50 9.27 -30.27 -30.23
C LEU N 50 9.78 -29.21 -31.20
N PRO N 51 10.19 -29.63 -32.41
CA PRO N 51 10.61 -28.73 -33.47
C PRO N 51 9.44 -28.02 -34.12
N ALA N 52 9.68 -26.90 -34.80
CA ALA N 52 8.61 -26.08 -35.42
C ALA N 52 7.64 -26.84 -36.32
N GLU N 53 8.17 -27.67 -37.20
CA GLU N 53 7.33 -28.36 -38.20
C GLU N 53 6.19 -29.17 -37.59
N ASN N 54 6.36 -29.62 -36.35
CA ASN N 54 5.29 -30.38 -35.67
C ASN N 54 4.11 -29.47 -35.43
N PHE N 55 4.40 -28.26 -34.96
CA PHE N 55 3.35 -27.28 -34.76
C PHE N 55 2.70 -26.91 -36.09
N GLU N 56 3.49 -26.87 -37.17
CA GLU N 56 2.97 -26.55 -38.50
C GLU N 56 1.95 -27.61 -39.00
N LYS N 57 2.41 -28.85 -39.10
CA LYS N 57 1.54 -30.01 -39.37
C LYS N 57 0.30 -29.97 -38.46
N ALA N 58 0.51 -29.67 -37.18
CA ALA N 58 -0.59 -29.57 -36.26
C ALA N 58 -1.58 -28.51 -36.72
N ASP N 59 -1.08 -27.41 -37.27
CA ASP N 59 -1.99 -26.37 -37.72
C ASP N 59 -2.84 -26.86 -38.90
N GLU N 60 -2.20 -27.54 -39.85
CA GLU N 60 -2.94 -28.21 -40.91
C GLU N 60 -4.08 -29.09 -40.33
N VAL N 61 -3.73 -29.91 -39.34
CA VAL N 61 -4.72 -30.80 -38.72
C VAL N 61 -5.85 -30.01 -38.06
N ILE N 62 -5.52 -28.96 -37.34
CA ILE N 62 -6.54 -28.17 -36.66
C ILE N 62 -7.51 -27.56 -37.66
N VAL N 63 -6.97 -27.14 -38.81
CA VAL N 63 -7.84 -26.56 -39.83
C VAL N 63 -8.77 -27.62 -40.43
N SER N 64 -8.23 -28.78 -40.78
CA SER N 64 -9.07 -29.85 -41.37
C SER N 64 -10.09 -30.46 -40.41
N LEU N 65 -9.79 -30.46 -39.12
CA LEU N 65 -10.66 -31.09 -38.14
C LEU N 65 -11.72 -30.13 -37.65
N LEU N 66 -11.54 -28.85 -37.90
CA LEU N 66 -12.55 -27.88 -37.48
C LEU N 66 -13.77 -27.93 -38.40
N LYS N 67 -13.60 -28.56 -39.57
CA LYS N 67 -14.69 -28.72 -40.53
C LYS N 67 -15.74 -29.69 -40.01
N GLN N 68 -15.31 -30.62 -39.15
CA GLN N 68 -16.20 -31.59 -38.53
C GLN N 68 -17.36 -30.93 -37.81
N LYS N 69 -18.51 -31.58 -37.83
CA LYS N 69 -19.64 -31.08 -37.09
C LYS N 69 -19.68 -31.74 -35.72
N VAL N 70 -19.81 -30.92 -34.68
CA VAL N 70 -20.03 -31.47 -33.36
C VAL N 70 -21.39 -30.96 -32.92
N GLY N 71 -22.28 -31.87 -32.54
CA GLY N 71 -23.64 -31.48 -32.23
C GLY N 71 -24.08 -31.67 -30.79
N GLY N 72 -25.35 -31.37 -30.54
CA GLY N 72 -25.91 -31.54 -29.23
C GLY N 72 -27.38 -31.21 -29.31
N THR N 73 -28.12 -31.49 -28.24
CA THR N 73 -29.52 -31.11 -28.11
C THR N 73 -29.68 -29.57 -28.22
N GLU N 74 -28.58 -28.84 -27.99
CA GLU N 74 -28.58 -27.39 -28.10
C GLU N 74 -28.04 -26.89 -29.44
N PRO N 75 -28.71 -25.90 -30.03
CA PRO N 75 -28.54 -25.52 -31.43
C PRO N 75 -27.18 -24.90 -31.73
N GLY N 76 -26.37 -24.62 -30.71
CA GLY N 76 -25.04 -24.05 -30.90
C GLY N 76 -24.11 -24.81 -31.86
N HIS N 77 -22.85 -24.41 -31.91
CA HIS N 77 -21.90 -25.03 -32.84
C HIS N 77 -20.90 -25.94 -32.11
N TYR N 78 -20.88 -25.81 -30.78
CA TYR N 78 -19.99 -26.60 -29.93
C TYR N 78 -18.52 -26.45 -30.32
N GLN N 79 -18.11 -25.23 -30.60
CA GLN N 79 -16.78 -25.00 -31.14
C GLN N 79 -15.71 -25.18 -30.09
N ILE N 80 -15.98 -24.71 -28.89
CA ILE N 80 -15.04 -24.78 -27.79
C ILE N 80 -14.77 -26.24 -27.40
N LEU N 81 -15.85 -26.95 -27.12
CA LEU N 81 -15.79 -28.39 -26.96
C LEU N 81 -14.95 -29.00 -28.08
N LYS N 82 -15.28 -28.66 -29.31
CA LYS N 82 -14.57 -29.21 -30.45
C LYS N 82 -13.06 -28.97 -30.38
N CYS N 83 -12.65 -27.78 -29.90
CA CYS N 83 -11.22 -27.46 -29.86
C CYS N 83 -10.49 -28.34 -28.86
N THR N 84 -11.12 -28.52 -27.70
CA THR N 84 -10.68 -29.51 -26.73
C THR N 84 -10.58 -30.94 -27.31
N LEU N 85 -11.59 -31.38 -28.06
CA LEU N 85 -11.54 -32.73 -28.61
C LEU N 85 -10.44 -32.87 -29.68
N ILE N 86 -10.27 -31.82 -30.46
CA ILE N 86 -9.23 -31.76 -31.48
C ILE N 86 -7.86 -31.88 -30.84
N ALA N 87 -7.66 -31.17 -29.74
CA ALA N 87 -6.37 -31.26 -29.05
C ALA N 87 -6.03 -32.70 -28.65
N ASN N 88 -7.07 -33.48 -28.37
CA ASN N 88 -6.92 -34.85 -27.89
C ASN N 88 -7.16 -35.93 -28.93
N SER N 89 -7.06 -35.60 -30.20
CA SER N 89 -7.50 -36.52 -31.27
C SER N 89 -6.40 -37.43 -31.77
N ASP N 90 -6.80 -38.50 -32.46
CA ASP N 90 -5.88 -39.45 -33.07
C ASP N 90 -4.93 -38.78 -34.07
N ALA N 91 -5.40 -37.73 -34.72
CA ALA N 91 -4.63 -37.11 -35.80
C ALA N 91 -3.53 -36.25 -35.23
N ILE N 92 -3.79 -35.67 -34.06
CA ILE N 92 -2.85 -34.81 -33.37
C ILE N 92 -1.81 -35.65 -32.61
N ARG N 93 -2.18 -36.89 -32.31
CA ARG N 93 -1.35 -37.75 -31.49
C ARG N 93 0.11 -37.94 -31.95
N PRO N 94 0.35 -38.29 -33.24
CA PRO N 94 1.73 -38.56 -33.62
C PRO N 94 2.61 -37.31 -33.59
N LEU N 95 1.99 -36.14 -33.65
CA LEU N 95 2.75 -34.89 -33.69
C LEU N 95 3.41 -34.54 -32.37
N LYS N 96 3.17 -35.37 -31.35
CA LYS N 96 3.69 -35.12 -30.01
C LYS N 96 5.09 -35.68 -29.78
N SER N 97 5.59 -36.45 -30.75
CA SER N 97 6.96 -36.93 -30.71
C SER N 97 7.79 -36.48 -31.94
N SER N 98 9.11 -36.58 -31.82
CA SER N 98 10.02 -36.23 -32.92
C SER N 98 10.23 -37.39 -33.90
N THR O 2 -7.59 54.64 12.01
CA THR O 2 -6.56 54.99 13.00
C THR O 2 -5.58 53.86 13.28
N LEU O 3 -4.35 54.22 13.62
CA LEU O 3 -3.25 53.30 13.77
C LEU O 3 -2.95 52.97 15.24
N PRO O 4 -2.42 51.78 15.51
CA PRO O 4 -2.08 51.40 16.89
C PRO O 4 -0.81 52.06 17.44
N ASP O 5 -0.82 52.34 18.75
CA ASP O 5 0.36 52.88 19.43
C ASP O 5 1.46 51.84 19.54
N ILE O 6 2.69 52.31 19.64
CA ILE O 6 3.80 51.41 19.80
C ILE O 6 3.64 50.61 21.09
N SER O 7 3.06 51.25 22.12
CA SER O 7 2.91 50.64 23.45
C SER O 7 2.08 49.35 23.44
N THR O 8 1.14 49.23 22.50
CA THR O 8 0.30 48.03 22.37
C THR O 8 0.98 46.77 21.81
N PHE O 9 2.24 46.87 21.41
CA PHE O 9 3.02 45.71 20.91
C PHE O 9 3.66 44.98 22.09
N SER O 10 4.17 43.77 21.87
CA SER O 10 4.86 43.06 22.95
C SER O 10 6.30 43.54 22.98
N GLN O 11 7.00 43.29 24.08
CA GLN O 11 8.37 43.77 24.18
C GLN O 11 9.22 43.15 23.09
N GLN O 12 8.87 41.93 22.74
CA GLN O 12 9.63 41.20 21.74
C GLN O 12 9.36 41.77 20.37
N GLN O 13 8.11 42.11 20.11
CA GLN O 13 7.70 42.67 18.85
C GLN O 13 8.33 44.05 18.72
N ILE O 14 8.52 44.72 19.86
CA ILE O 14 9.14 46.02 19.87
C ILE O 14 10.61 45.91 19.46
N PHE O 15 11.34 44.95 20.05
CA PHE O 15 12.70 44.71 19.60
C PHE O 15 12.81 44.24 18.15
N GLU O 16 11.92 43.33 17.74
CA GLU O 16 11.88 42.86 16.34
C GLU O 16 11.70 44.03 15.37
N ASN O 17 10.74 44.90 15.64
CA ASN O 17 10.45 46.05 14.80
C ASN O 17 11.60 47.05 14.79
N TRP O 18 12.27 47.18 15.93
CA TRP O 18 13.49 47.94 15.95
C TRP O 18 14.44 47.38 14.90
N VAL O 19 14.73 46.09 15.00
CA VAL O 19 15.73 45.45 14.15
C VAL O 19 15.37 45.58 12.66
N GLN O 20 14.10 45.47 12.34
CA GLN O 20 13.72 45.55 10.93
C GLN O 20 13.73 46.98 10.36
N ASN O 21 13.42 47.98 11.17
CA ASN O 21 13.53 49.38 10.72
C ASN O 21 15.01 49.79 10.58
N ARG O 22 15.80 49.39 11.56
CA ARG O 22 17.24 49.60 11.58
C ARG O 22 17.88 48.89 10.41
N CYS O 23 17.21 47.85 9.93
CA CYS O 23 17.65 47.10 8.75
C CYS O 23 17.23 47.81 7.46
N ILE O 24 16.00 48.32 7.40
CA ILE O 24 15.57 49.13 6.26
C ILE O 24 16.53 50.31 6.05
N GLY O 25 17.12 50.80 7.14
CA GLY O 25 18.05 51.92 7.03
C GLY O 25 19.35 51.60 6.32
N LYS O 26 19.91 50.42 6.59
CA LYS O 26 21.17 49.99 5.98
C LYS O 26 21.06 49.51 4.52
N ILE O 27 19.88 49.59 3.93
CA ILE O 27 19.67 49.02 2.61
C ILE O 27 18.99 50.00 1.68
N ALA O 28 18.37 51.03 2.24
CA ALA O 28 17.84 52.10 1.42
C ALA O 28 18.99 52.87 0.78
N ASP O 29 18.72 53.49 -0.36
CA ASP O 29 19.73 54.32 -1.02
C ASP O 29 19.34 55.81 -1.02
N SER O 30 18.28 56.11 -0.28
CA SER O 30 17.89 57.50 -0.07
C SER O 30 18.48 57.97 1.27
N LYS O 31 18.79 59.26 1.37
CA LYS O 31 19.13 59.82 2.68
C LYS O 31 17.81 60.02 3.42
N SER O 32 16.82 60.52 2.70
CA SER O 32 15.51 60.76 3.24
C SER O 32 14.96 59.51 3.90
N LEU O 33 15.08 58.39 3.20
CA LEU O 33 14.55 57.12 3.66
C LEU O 33 15.38 56.56 4.79
N LYS O 34 16.70 56.77 4.75
CA LYS O 34 17.55 56.29 5.83
C LYS O 34 17.25 57.02 7.14
N GLU O 35 17.02 58.32 7.11
CA GLU O 35 16.68 58.98 8.35
C GLU O 35 15.22 58.73 8.78
N ASP O 36 14.33 58.50 7.82
CA ASP O 36 12.99 58.02 8.17
C ASP O 36 13.10 56.71 8.99
N ALA O 37 13.85 55.75 8.44
CA ALA O 37 14.12 54.50 9.12
C ALA O 37 14.75 54.66 10.49
N ASP O 38 15.78 55.51 10.59
CA ASP O 38 16.42 55.71 11.88
C ASP O 38 15.51 56.39 12.91
N ALA O 39 14.59 57.23 12.44
CA ALA O 39 13.70 57.90 13.35
C ALA O 39 12.72 56.88 13.93
N SER O 40 12.09 56.13 13.03
CA SER O 40 11.23 55.01 13.40
C SER O 40 11.89 54.03 14.41
N ALA O 41 13.10 53.60 14.09
CA ALA O 41 13.85 52.73 14.97
C ALA O 41 13.97 53.36 16.34
N ALA O 42 14.35 54.64 16.39
CA ALA O 42 14.48 55.34 17.66
C ALA O 42 13.21 55.29 18.49
N ALA O 43 12.07 55.40 17.82
CA ALA O 43 10.79 55.24 18.50
C ALA O 43 10.66 53.86 19.18
N TRP O 44 10.96 52.81 18.42
CA TRP O 44 10.89 51.47 19.02
C TRP O 44 11.85 51.35 20.20
N LEU O 45 13.04 51.98 20.09
CA LEU O 45 14.04 51.87 21.15
C LEU O 45 13.56 52.54 22.42
N GLU O 46 12.91 53.67 22.26
CA GLU O 46 12.32 54.36 23.39
C GLU O 46 11.31 53.47 24.11
N ALA O 47 10.45 52.76 23.36
CA ALA O 47 9.43 51.91 24.01
C ALA O 47 9.91 50.58 24.62
N SER O 48 11.14 50.20 24.33
CA SER O 48 11.70 48.95 24.82
C SER O 48 12.24 49.05 26.27
N ASN O 49 12.31 47.93 26.97
CA ASN O 49 12.88 47.90 28.33
C ASN O 49 14.29 47.27 28.38
N LEU O 50 14.88 47.03 27.21
CA LEU O 50 16.22 46.47 27.10
C LEU O 50 17.27 47.55 27.28
N PRO O 51 18.47 47.17 27.71
CA PRO O 51 19.54 48.16 27.84
C PRO O 51 20.20 48.43 26.48
N ALA O 52 20.73 49.63 26.27
CA ALA O 52 21.26 50.05 24.96
C ALA O 52 22.20 49.02 24.29
N GLU O 53 23.00 48.39 25.13
CA GLU O 53 23.98 47.38 24.71
C GLU O 53 23.40 46.31 23.76
N ASN O 54 22.15 45.93 24.00
CA ASN O 54 21.49 44.89 23.21
C ASN O 54 21.22 45.37 21.79
N PHE O 55 20.82 46.62 21.68
CA PHE O 55 20.62 47.21 20.37
C PHE O 55 21.95 47.31 19.63
N GLU O 56 23.02 47.62 20.36
CA GLU O 56 24.36 47.69 19.75
C GLU O 56 24.78 46.33 19.16
N LYS O 57 24.78 45.30 20.00
CA LYS O 57 25.04 43.94 19.52
C LYS O 57 24.11 43.55 18.36
N ALA O 58 22.84 43.92 18.46
CA ALA O 58 21.87 43.63 17.42
C ALA O 58 22.29 44.28 16.11
N ASP O 59 22.94 45.44 16.20
CA ASP O 59 23.42 46.11 15.00
C ASP O 59 24.61 45.34 14.41
N GLU O 60 25.51 44.92 15.30
CA GLU O 60 26.60 44.05 14.86
C GLU O 60 26.09 42.73 14.21
N VAL O 61 24.85 42.33 14.53
CA VAL O 61 24.25 41.14 13.92
C VAL O 61 23.54 41.45 12.61
N ILE O 62 22.81 42.56 12.58
CA ILE O 62 22.17 43.01 11.35
C ILE O 62 23.17 43.14 10.22
N VAL O 63 24.32 43.77 10.52
CA VAL O 63 25.34 43.96 9.50
C VAL O 63 25.78 42.60 8.90
N SER O 64 26.07 41.65 9.78
CA SER O 64 26.57 40.34 9.35
C SER O 64 25.55 39.49 8.56
N LEU O 65 24.29 39.49 9.01
CA LEU O 65 23.24 38.75 8.32
C LEU O 65 22.81 39.45 7.04
N LEU O 66 23.12 40.73 6.90
CA LEU O 66 22.73 41.44 5.70
C LEU O 66 23.60 41.03 4.49
N LYS O 67 24.71 40.35 4.78
CA LYS O 67 25.60 39.82 3.76
C LYS O 67 25.01 38.57 3.09
N GLN O 68 24.16 37.86 3.83
CA GLN O 68 23.50 36.65 3.33
C GLN O 68 22.78 36.93 2.03
N LYS O 69 22.76 35.93 1.15
CA LYS O 69 22.02 36.07 -0.10
C LYS O 69 20.63 35.47 0.05
N VAL O 70 19.63 36.25 -0.34
CA VAL O 70 18.26 35.77 -0.35
C VAL O 70 17.78 35.90 -1.78
N GLY O 71 17.34 34.80 -2.37
CA GLY O 71 16.96 34.81 -3.76
C GLY O 71 15.54 34.42 -4.08
N GLY O 72 15.23 34.41 -5.36
CA GLY O 72 13.91 34.07 -5.82
C GLY O 72 13.94 33.94 -7.32
N THR O 73 12.80 33.61 -7.91
CA THR O 73 12.68 33.48 -9.34
C THR O 73 12.82 34.84 -10.03
N GLU O 74 12.85 35.92 -9.25
CA GLU O 74 13.00 37.27 -9.79
C GLU O 74 14.33 37.89 -9.40
N PRO O 75 15.04 38.44 -10.40
CA PRO O 75 16.32 39.14 -10.37
C PRO O 75 16.72 39.86 -9.08
N GLY O 76 15.80 40.55 -8.42
CA GLY O 76 16.12 41.37 -7.26
C GLY O 76 16.99 40.81 -6.14
N HIS O 77 17.31 41.65 -5.16
CA HIS O 77 18.14 41.23 -4.03
C HIS O 77 17.29 40.81 -2.83
N TYR O 78 15.99 41.06 -2.93
CA TYR O 78 15.05 40.70 -1.87
C TYR O 78 15.47 41.26 -0.51
N GLN O 79 15.78 42.55 -0.45
CA GLN O 79 16.37 43.09 0.76
C GLN O 79 15.33 43.37 1.84
N ILE O 80 14.13 43.75 1.41
CA ILE O 80 13.04 44.07 2.33
C ILE O 80 12.66 42.79 3.07
N LEU O 81 12.38 41.76 2.27
CA LEU O 81 12.13 40.43 2.81
C LEU O 81 13.23 40.08 3.80
N LYS O 82 14.47 40.23 3.37
CA LYS O 82 15.61 39.87 4.19
C LYS O 82 15.61 40.59 5.55
N CYS O 83 15.16 41.85 5.59
CA CYS O 83 15.10 42.62 6.84
C CYS O 83 14.06 42.04 7.79
N THR O 84 12.89 41.72 7.24
CA THR O 84 11.93 40.98 8.03
C THR O 84 12.46 39.62 8.55
N LEU O 85 13.16 38.84 7.73
CA LEU O 85 13.67 37.57 8.21
C LEU O 85 14.79 37.76 9.27
N ILE O 86 15.54 38.84 9.14
CA ILE O 86 16.64 39.11 10.06
C ILE O 86 16.10 39.46 11.43
N ALA O 87 15.05 40.27 11.45
CA ALA O 87 14.40 40.61 12.70
C ALA O 87 13.96 39.36 13.45
N ASN O 88 13.59 38.34 12.69
CA ASN O 88 13.07 37.11 13.25
C ASN O 88 14.07 35.96 13.38
N SER O 89 15.35 36.24 13.22
CA SER O 89 16.37 35.20 13.08
C SER O 89 16.84 34.63 14.39
N ASP O 90 17.44 33.44 14.33
CA ASP O 90 18.00 32.77 15.49
C ASP O 90 19.06 33.60 16.21
N ALA O 91 19.76 34.43 15.43
CA ALA O 91 20.88 35.19 15.98
C ALA O 91 20.39 36.40 16.76
N ILE O 92 19.26 36.95 16.34
CA ILE O 92 18.65 38.11 17.00
C ILE O 92 17.91 37.70 18.29
N ARG O 93 17.47 36.44 18.33
CA ARG O 93 16.61 35.96 19.41
C ARG O 93 17.17 36.16 20.84
N PRO O 94 18.46 35.85 21.09
CA PRO O 94 18.87 36.01 22.49
C PRO O 94 19.02 37.46 22.95
N LEU O 95 19.09 38.38 22.00
CA LEU O 95 19.20 39.79 22.36
C LEU O 95 17.89 40.39 22.87
N LYS O 96 16.81 39.62 22.83
CA LYS O 96 15.51 40.10 23.29
C LYS O 96 15.32 39.98 24.81
N SER O 97 16.27 39.33 25.46
CA SER O 97 16.20 39.13 26.91
C SER O 97 17.06 40.11 27.69
N THR P 2 13.88 -45.20 -27.76
CA THR P 2 14.33 -44.65 -26.49
C THR P 2 13.20 -44.51 -25.48
N LEU P 3 13.52 -43.95 -24.31
CA LEU P 3 12.59 -43.81 -23.21
C LEU P 3 12.42 -42.33 -22.92
N PRO P 4 11.25 -41.93 -22.39
CA PRO P 4 11.07 -40.50 -22.08
C PRO P 4 11.71 -40.12 -20.76
N ASP P 5 12.23 -38.90 -20.66
CA ASP P 5 12.84 -38.44 -19.41
C ASP P 5 11.80 -38.19 -18.34
N ILE P 6 12.23 -38.28 -17.08
CA ILE P 6 11.35 -38.00 -15.97
C ILE P 6 10.79 -36.58 -16.07
N SER P 7 11.67 -35.67 -16.48
CA SER P 7 11.34 -34.25 -16.59
C SER P 7 10.23 -33.92 -17.62
N THR P 8 9.90 -34.87 -18.51
CA THR P 8 8.86 -34.62 -19.51
C THR P 8 7.45 -34.92 -19.01
N PHE P 9 7.37 -35.32 -17.75
CA PHE P 9 6.11 -35.62 -17.08
C PHE P 9 5.67 -34.35 -16.37
N SER P 10 4.43 -34.33 -15.88
CA SER P 10 3.89 -33.23 -15.09
C SER P 10 4.21 -33.48 -13.64
N GLN P 11 4.24 -32.40 -12.85
CA GLN P 11 4.54 -32.47 -11.42
C GLN P 11 3.58 -33.38 -10.70
N GLN P 12 2.31 -33.28 -11.06
CA GLN P 12 1.32 -34.24 -10.61
C GLN P 12 1.66 -35.69 -10.94
N GLN P 13 2.08 -35.92 -12.18
CA GLN P 13 2.41 -37.27 -12.63
C GLN P 13 3.65 -37.82 -11.96
N ILE P 14 4.64 -36.94 -11.79
CA ILE P 14 5.85 -37.23 -11.06
C ILE P 14 5.49 -37.68 -9.63
N PHE P 15 4.59 -36.94 -8.96
CA PHE P 15 4.14 -37.36 -7.64
C PHE P 15 3.39 -38.72 -7.63
N GLU P 16 2.48 -38.92 -8.60
CA GLU P 16 1.68 -40.16 -8.69
C GLU P 16 2.60 -41.36 -8.87
N ASN P 17 3.61 -41.15 -9.69
CA ASN P 17 4.58 -42.19 -9.98
C ASN P 17 5.51 -42.50 -8.81
N TRP P 18 5.84 -41.47 -8.02
CA TRP P 18 6.57 -41.72 -6.79
C TRP P 18 5.74 -42.64 -5.90
N VAL P 19 4.43 -42.33 -5.80
CA VAL P 19 3.54 -43.11 -4.93
C VAL P 19 3.43 -44.56 -5.40
N GLN P 20 3.15 -44.74 -6.70
CA GLN P 20 3.04 -46.06 -7.29
C GLN P 20 4.32 -46.88 -7.13
N ASN P 21 5.48 -46.24 -7.32
CA ASN P 21 6.77 -46.94 -7.27
C ASN P 21 7.03 -47.39 -5.86
N ARG P 22 6.76 -46.47 -4.93
CA ARG P 22 6.94 -46.77 -3.53
C ARG P 22 6.04 -47.90 -3.11
N CYS P 23 4.79 -47.83 -3.55
CA CYS P 23 3.78 -48.81 -3.23
C CYS P 23 4.17 -50.21 -3.72
N ILE P 24 4.68 -50.30 -4.96
CA ILE P 24 5.22 -51.58 -5.45
C ILE P 24 6.29 -52.07 -4.49
N GLY P 25 7.20 -51.16 -4.11
CA GLY P 25 8.17 -51.49 -3.08
C GLY P 25 7.57 -52.12 -1.84
N LYS P 26 6.50 -51.53 -1.30
CA LYS P 26 5.89 -52.06 -0.08
C LYS P 26 5.26 -53.42 -0.31
N ILE P 27 4.86 -53.73 -1.54
CA ILE P 27 4.15 -54.99 -1.75
C ILE P 27 5.02 -56.14 -2.25
N ALA P 28 6.23 -55.84 -2.69
CA ALA P 28 7.18 -56.85 -3.12
C ALA P 28 7.61 -57.77 -1.97
N ASP P 29 7.97 -59.01 -2.31
CA ASP P 29 8.54 -59.90 -1.32
C ASP P 29 10.01 -60.19 -1.58
N SER P 30 10.50 -59.66 -2.69
CA SER P 30 11.92 -59.69 -3.02
C SER P 30 12.59 -58.50 -2.31
N LYS P 31 13.89 -58.63 -2.03
CA LYS P 31 14.62 -57.54 -1.41
C LYS P 31 15.27 -56.67 -2.48
N SER P 32 15.63 -57.28 -3.61
CA SER P 32 16.17 -56.50 -4.70
C SER P 32 15.05 -55.73 -5.44
N LEU P 33 13.81 -56.18 -5.31
CA LEU P 33 12.68 -55.46 -5.86
C LEU P 33 12.29 -54.32 -4.95
N LYS P 34 12.38 -54.51 -3.63
CA LYS P 34 12.24 -53.35 -2.74
C LYS P 34 13.31 -52.32 -3.02
N GLU P 35 14.56 -52.77 -3.19
CA GLU P 35 15.65 -51.83 -3.47
C GLU P 35 15.42 -51.09 -4.81
N ASP P 36 14.95 -51.82 -5.81
CA ASP P 36 14.64 -51.22 -7.12
C ASP P 36 13.53 -50.18 -7.02
N ALA P 37 12.43 -50.58 -6.40
CA ALA P 37 11.34 -49.68 -6.16
C ALA P 37 11.83 -48.42 -5.51
N ASP P 38 12.71 -48.55 -4.53
CA ASP P 38 13.11 -47.38 -3.75
C ASP P 38 14.03 -46.44 -4.49
N ALA P 39 14.91 -47.01 -5.33
CA ALA P 39 15.77 -46.20 -6.17
C ALA P 39 14.94 -45.43 -7.22
N SER P 40 13.97 -46.15 -7.81
CA SER P 40 13.01 -45.56 -8.75
C SER P 40 12.23 -44.39 -8.15
N ALA P 41 11.58 -44.66 -7.03
CA ALA P 41 10.87 -43.63 -6.28
C ALA P 41 11.77 -42.43 -6.00
N ALA P 42 13.02 -42.68 -5.60
CA ALA P 42 13.98 -41.60 -5.39
C ALA P 42 14.14 -40.71 -6.63
N ALA P 43 14.22 -41.36 -7.80
CA ALA P 43 14.29 -40.60 -9.04
C ALA P 43 13.09 -39.68 -9.24
N TRP P 44 11.89 -40.15 -8.90
CA TRP P 44 10.74 -39.24 -9.00
C TRP P 44 10.83 -38.13 -7.96
N LEU P 45 11.36 -38.42 -6.76
CA LEU P 45 11.44 -37.36 -5.72
C LEU P 45 12.42 -36.21 -6.09
N GLU P 46 13.52 -36.55 -6.75
CA GLU P 46 14.46 -35.53 -7.22
C GLU P 46 13.84 -34.49 -8.19
N ALA P 47 12.96 -34.96 -9.08
CA ALA P 47 12.33 -34.11 -10.10
C ALA P 47 11.12 -33.37 -9.59
N SER P 48 10.54 -33.85 -8.50
CA SER P 48 9.37 -33.20 -7.92
C SER P 48 9.74 -31.88 -7.31
N ASN P 49 8.79 -30.96 -7.31
CA ASN P 49 9.03 -29.65 -6.72
C ASN P 49 8.45 -29.54 -5.33
N LEU P 50 7.89 -30.63 -4.82
CA LEU P 50 7.23 -30.60 -3.52
C LEU P 50 8.23 -30.78 -2.42
N PRO P 51 7.89 -30.29 -1.21
CA PRO P 51 8.62 -30.54 0.04
C PRO P 51 8.63 -32.02 0.45
N ALA P 52 9.73 -32.45 1.04
CA ALA P 52 9.89 -33.80 1.59
C ALA P 52 8.70 -34.28 2.43
N GLU P 53 8.17 -33.34 3.22
CA GLU P 53 7.11 -33.64 4.18
C GLU P 53 5.89 -34.27 3.50
N ASN P 54 5.61 -33.78 2.29
CA ASN P 54 4.53 -34.35 1.50
C ASN P 54 4.74 -35.84 1.27
N PHE P 55 5.95 -36.21 0.84
CA PHE P 55 6.26 -37.59 0.58
C PHE P 55 6.10 -38.41 1.85
N GLU P 56 6.46 -37.84 2.99
CA GLU P 56 6.20 -38.53 4.27
C GLU P 56 4.70 -38.83 4.56
N LYS P 57 3.89 -37.78 4.43
CA LYS P 57 2.43 -37.94 4.57
C LYS P 57 1.82 -38.94 3.55
N ALA P 58 2.33 -38.89 2.32
CA ALA P 58 1.88 -39.79 1.28
C ALA P 58 2.27 -41.23 1.60
N ASP P 59 3.44 -41.43 2.19
CA ASP P 59 3.79 -42.77 2.63
C ASP P 59 2.79 -43.27 3.64
N GLU P 60 2.47 -42.42 4.63
CA GLU P 60 1.38 -42.75 5.56
C GLU P 60 0.09 -43.21 4.86
N VAL P 61 -0.40 -42.41 3.92
CA VAL P 61 -1.62 -42.76 3.17
C VAL P 61 -1.47 -44.07 2.41
N ILE P 62 -0.29 -44.34 1.86
CA ILE P 62 -0.06 -45.61 1.19
C ILE P 62 -0.25 -46.77 2.16
N VAL P 63 0.35 -46.66 3.35
CA VAL P 63 0.28 -47.74 4.34
C VAL P 63 -1.17 -48.00 4.70
N SER P 64 -1.90 -46.93 4.96
CA SER P 64 -3.33 -47.04 5.24
C SER P 64 -4.16 -47.68 4.11
N LEU P 65 -4.01 -47.20 2.88
CA LEU P 65 -4.85 -47.66 1.79
C LEU P 65 -4.49 -49.07 1.35
N LEU P 66 -3.30 -49.54 1.67
CA LEU P 66 -2.92 -50.89 1.26
C LEU P 66 -3.71 -51.96 2.00
N LYS P 67 -4.28 -51.60 3.15
CA LYS P 67 -5.06 -52.55 3.95
C LYS P 67 -6.36 -52.90 3.24
N GLN P 68 -6.90 -51.91 2.52
CA GLN P 68 -8.11 -52.03 1.71
C GLN P 68 -8.07 -53.25 0.81
N LYS P 69 -9.21 -53.94 0.68
CA LYS P 69 -9.26 -55.14 -0.17
C LYS P 69 -9.71 -54.83 -1.60
N VAL P 70 -8.94 -55.29 -2.59
CA VAL P 70 -9.32 -55.15 -4.00
C VAL P 70 -9.45 -56.54 -4.62
N GLY P 71 -10.69 -56.92 -4.93
CA GLY P 71 -10.96 -58.26 -5.41
C GLY P 71 -11.25 -58.33 -6.90
N GLY P 72 -11.58 -59.53 -7.38
CA GLY P 72 -11.89 -59.76 -8.78
C GLY P 72 -12.33 -61.19 -8.92
N THR P 73 -12.41 -61.68 -10.16
CA THR P 73 -12.80 -63.06 -10.43
C THR P 73 -11.64 -64.06 -10.20
N GLU P 74 -10.39 -63.59 -10.20
CA GLU P 74 -9.26 -64.45 -9.79
C GLU P 74 -9.02 -64.36 -8.27
N PRO P 75 -8.32 -65.36 -7.70
CA PRO P 75 -8.30 -65.43 -6.24
C PRO P 75 -7.27 -64.50 -5.58
N GLY P 76 -6.39 -63.89 -6.37
CA GLY P 76 -5.33 -63.05 -5.82
C GLY P 76 -5.77 -61.74 -5.18
N HIS P 77 -4.83 -60.99 -4.62
CA HIS P 77 -5.16 -59.79 -3.85
C HIS P 77 -5.10 -58.48 -4.65
N TYR P 78 -4.67 -58.57 -5.92
CA TYR P 78 -4.66 -57.45 -6.86
C TYR P 78 -3.84 -56.25 -6.38
N GLN P 79 -2.69 -56.53 -5.78
CA GLN P 79 -1.91 -55.47 -5.16
C GLN P 79 -1.34 -54.53 -6.22
N ILE P 80 -0.93 -55.08 -7.37
CA ILE P 80 -0.37 -54.27 -8.45
C ILE P 80 -1.38 -53.24 -8.93
N LEU P 81 -2.60 -53.69 -9.21
CA LEU P 81 -3.69 -52.79 -9.56
C LEU P 81 -3.90 -51.80 -8.42
N LYS P 82 -3.93 -52.35 -7.20
CA LYS P 82 -4.20 -51.51 -6.04
C LYS P 82 -3.20 -50.34 -5.91
N CYS P 83 -1.95 -50.55 -6.28
CA CYS P 83 -0.93 -49.49 -6.23
C CYS P 83 -1.22 -48.31 -7.15
N THR P 84 -1.55 -48.62 -8.40
CA THR P 84 -2.01 -47.62 -9.38
C THR P 84 -3.26 -46.88 -8.89
N LEU P 85 -4.16 -47.58 -8.21
CA LEU P 85 -5.37 -46.94 -7.71
C LEU P 85 -5.02 -45.98 -6.60
N ILE P 86 -4.10 -46.42 -5.75
CA ILE P 86 -3.69 -45.63 -4.62
C ILE P 86 -3.03 -44.31 -5.08
N ALA P 87 -2.20 -44.40 -6.12
CA ALA P 87 -1.53 -43.23 -6.67
C ALA P 87 -2.52 -42.20 -7.23
N ASN P 88 -3.73 -42.65 -7.57
CA ASN P 88 -4.72 -41.79 -8.20
C ASN P 88 -5.91 -41.54 -7.27
N SER P 89 -5.76 -41.90 -6.00
CA SER P 89 -6.83 -41.74 -5.00
C SER P 89 -7.09 -40.32 -4.49
N ASP P 90 -8.32 -40.09 -4.04
CA ASP P 90 -8.73 -38.87 -3.35
C ASP P 90 -7.79 -38.51 -2.19
N ALA P 91 -7.40 -39.52 -1.43
CA ALA P 91 -6.62 -39.35 -0.21
C ALA P 91 -5.21 -38.81 -0.48
N ILE P 92 -4.66 -39.19 -1.63
CA ILE P 92 -3.36 -38.71 -2.09
C ILE P 92 -3.39 -37.31 -2.74
N ARG P 93 -4.47 -36.97 -3.43
CA ARG P 93 -4.54 -35.69 -4.15
C ARG P 93 -4.10 -34.40 -3.42
N PRO P 94 -4.61 -34.16 -2.19
CA PRO P 94 -4.25 -32.92 -1.48
C PRO P 94 -2.74 -32.76 -1.26
N LEU P 95 -2.01 -33.87 -1.30
CA LEU P 95 -0.56 -33.85 -1.11
C LEU P 95 0.19 -33.48 -2.39
N LYS P 96 -0.53 -33.23 -3.47
CA LYS P 96 0.13 -32.85 -4.72
C LYS P 96 0.44 -31.37 -4.73
N SER P 97 0.06 -30.67 -3.66
CA SER P 97 0.29 -29.24 -3.60
C SER P 97 0.86 -28.77 -2.26
N SER P 98 1.24 -27.50 -2.21
CA SER P 98 1.75 -26.88 -1.00
C SER P 98 1.05 -25.56 -0.67
#